data_7V62
#
_entry.id   7V62
#
_cell.length_a   111.880
_cell.length_b   111.880
_cell.length_c   367.880
_cell.angle_alpha   90.000
_cell.angle_beta   90.000
_cell.angle_gamma   90.000
#
_symmetry.space_group_name_H-M   'P 43 21 2'
#
loop_
_entity.id
_entity.type
_entity.pdbx_description
1 polymer 'Oxysterol-binding protein 1'
2 non-polymer CHOLESTEROL
3 non-polymer 2,3-DIHYDROXY-1,4-DITHIOBUTANE
4 non-polymer 'CITRIC ACID'
5 non-polymer 'DIMETHYL SULFOXIDE'
6 water water
#
_entity_poly.entity_id   1
_entity_poly.type   'polypeptide(L)'
_entity_poly.pdbx_seq_one_letter_code
;GPRTRIPYKPNYSLNLWSIMKNCIGKELSKIPMPVNFNEPLSMLQRLTEDLEYHELLDRAAKCENSLEQLCYVAAFTVSS
YSTTVFRTSKPFNPLLGETFELDRLEENGYRSLCEQVSHHPPAAAHHAESKNGWTLRQEIKITSKFRGKYLSIMPLGTIH
CIFHATGHHYTWKKVTTTVHNIIVGKLWIDQSGEIDIVNHKTGDKCNLKFVPYSYFSRDVARKVTGEVTDPSGKVHFALL
GTWDEKMECFKVQPVIGENGGDARQRGHEAEESRVMLWKRNPLPKNAENMYYFSELALTLNAWESGTAPTDSRLRPDQRL
MENGRWDEANAEKQRLEEKQRLSRKKREAEAMKATEDGTPYDPYKALWFERKKDPVTKELTHIYRGEYWECKEKQDWSSC
PDIF
;
_entity_poly.pdbx_strand_id   A,B,C,D
#
# COMPACT_ATOMS: atom_id res chain seq x y z
N GLY A 1 10.87 43.50 -6.42
CA GLY A 1 10.13 42.36 -5.93
C GLY A 1 10.39 42.04 -4.46
N PRO A 2 9.90 40.90 -4.00
CA PRO A 2 10.11 40.52 -2.59
C PRO A 2 11.50 39.97 -2.33
N ARG A 3 11.64 39.18 -1.27
CA ARG A 3 12.94 38.63 -0.91
C ARG A 3 13.14 37.30 -1.62
N THR A 4 14.25 37.18 -2.35
CA THR A 4 14.52 35.98 -3.12
C THR A 4 15.80 35.25 -2.69
N ARG A 5 16.45 35.70 -1.61
CA ARG A 5 17.67 35.02 -1.18
C ARG A 5 17.93 35.31 0.30
N ILE A 6 18.09 34.25 1.08
CA ILE A 6 18.42 34.36 2.50
C ILE A 6 19.87 33.90 2.67
N PRO A 7 20.56 34.30 3.73
CA PRO A 7 21.91 33.78 3.97
C PRO A 7 21.91 32.25 4.05
N TYR A 8 23.04 31.67 3.63
CA TYR A 8 23.13 30.22 3.49
C TYR A 8 23.12 29.51 4.85
N LYS A 9 22.87 28.21 4.79
CA LYS A 9 22.83 27.37 5.99
C LYS A 9 24.25 26.99 6.39
N PRO A 10 24.65 27.24 7.64
CA PRO A 10 26.00 26.86 8.08
C PRO A 10 26.15 25.36 8.20
N ASN A 11 27.41 24.91 8.18
CA ASN A 11 27.73 23.49 8.26
C ASN A 11 28.19 23.18 9.69
N TYR A 12 27.24 22.71 10.51
CA TYR A 12 27.50 22.31 11.89
C TYR A 12 27.19 20.81 12.04
N SER A 13 28.20 20.04 12.41
CA SER A 13 28.10 18.57 12.54
C SER A 13 27.59 18.16 13.92
N LEU A 14 26.27 17.96 14.04
CA LEU A 14 25.65 17.48 15.26
C LEU A 14 24.82 16.23 14.97
N ASN A 15 25.17 15.11 15.61
CA ASN A 15 24.46 13.85 15.40
C ASN A 15 23.06 13.92 16.01
N LEU A 16 22.04 13.81 15.16
CA LEU A 16 20.64 13.90 15.61
C LEU A 16 20.24 12.67 16.43
N TRP A 17 20.69 11.48 16.01
CA TRP A 17 20.34 10.26 16.72
C TRP A 17 20.86 10.28 18.15
N SER A 18 21.94 11.02 18.41
CA SER A 18 22.46 11.10 19.76
C SER A 18 21.46 11.77 20.70
N ILE A 19 20.67 12.70 20.19
CA ILE A 19 19.65 13.36 21.01
C ILE A 19 18.35 12.56 21.01
N MET A 20 17.96 11.97 19.88
CA MET A 20 16.73 11.19 19.90
C MET A 20 16.97 9.71 20.23
N LYS A 21 18.16 9.37 20.71
CA LYS A 21 18.43 7.98 21.10
C LYS A 21 17.51 7.53 22.23
N ASN A 22 17.50 8.27 23.34
CA ASN A 22 16.78 7.87 24.54
C ASN A 22 15.34 8.35 24.59
N CYS A 23 14.96 9.29 23.72
CA CYS A 23 13.64 9.93 23.74
C CYS A 23 12.64 9.20 22.85
N ILE A 24 12.48 7.90 23.07
CA ILE A 24 11.54 7.09 22.31
C ILE A 24 10.17 7.20 22.97
N GLY A 25 9.15 7.50 22.16
CA GLY A 25 7.79 7.62 22.65
C GLY A 25 7.38 8.99 23.13
N LYS A 26 8.29 9.97 23.11
CA LYS A 26 7.98 11.31 23.56
C LYS A 26 7.52 12.18 22.40
N GLU A 27 6.87 13.30 22.73
CA GLU A 27 6.44 14.23 21.70
C GLU A 27 7.59 15.13 21.26
N LEU A 28 7.53 15.56 20.00
CA LEU A 28 8.55 16.44 19.45
C LEU A 28 8.59 17.77 20.19
N SER A 29 7.48 18.19 20.77
CA SER A 29 7.47 19.44 21.53
C SER A 29 8.23 19.32 22.85
N LYS A 30 8.23 18.15 23.47
CA LYS A 30 8.90 17.93 24.75
C LYS A 30 10.29 17.30 24.61
N ILE A 31 10.85 17.26 23.41
CA ILE A 31 12.17 16.65 23.19
C ILE A 31 13.19 17.80 23.05
N PRO A 32 14.13 17.94 24.00
CA PRO A 32 15.09 19.06 23.96
C PRO A 32 16.18 18.87 22.90
N MET A 33 16.19 19.75 21.91
CA MET A 33 17.17 19.73 20.84
C MET A 33 17.63 21.16 20.55
N PRO A 34 18.85 21.33 20.04
CA PRO A 34 19.31 22.68 19.66
C PRO A 34 18.67 23.19 18.37
N VAL A 35 19.19 24.30 17.85
CA VAL A 35 18.64 24.94 16.66
C VAL A 35 19.25 24.37 15.37
N ASN A 36 20.15 23.39 15.48
CA ASN A 36 20.83 22.88 14.29
C ASN A 36 19.87 22.20 13.33
N PHE A 37 18.77 21.65 13.83
CA PHE A 37 17.82 20.91 13.00
C PHE A 37 16.57 21.72 12.71
N ASN A 38 16.65 23.04 12.78
CA ASN A 38 15.51 23.92 12.53
C ASN A 38 15.70 24.65 11.21
N GLU A 39 14.64 25.33 10.79
CA GLU A 39 14.66 26.23 9.65
C GLU A 39 14.24 27.63 10.08
N PRO A 40 14.76 28.69 9.44
CA PRO A 40 14.47 30.05 9.93
C PRO A 40 13.03 30.48 9.71
N LEU A 41 12.08 29.59 9.99
CA LEU A 41 10.66 29.86 9.85
C LEU A 41 9.91 29.31 11.04
N SER A 42 8.81 29.95 11.40
CA SER A 42 7.96 29.48 12.48
C SER A 42 6.90 28.53 11.95
N MET A 43 6.25 27.82 12.88
CA MET A 43 5.13 26.96 12.50
C MET A 43 4.00 27.77 11.89
N LEU A 44 3.86 29.03 12.30
CA LEU A 44 2.83 29.88 11.71
C LEU A 44 3.14 30.18 10.26
N GLN A 45 4.41 30.47 9.95
CA GLN A 45 4.83 30.72 8.58
C GLN A 45 4.76 29.44 7.74
N ARG A 46 5.19 28.32 8.33
CA ARG A 46 5.13 27.04 7.63
C ARG A 46 3.69 26.67 7.30
N LEU A 47 2.77 26.96 8.22
CA LEU A 47 1.36 26.70 7.97
C LEU A 47 0.79 27.68 6.95
N THR A 48 1.27 28.93 6.96
CA THR A 48 0.83 29.90 5.97
C THR A 48 1.27 29.50 4.58
N GLU A 49 2.28 28.63 4.48
CA GLU A 49 2.70 28.17 3.16
C GLU A 49 1.64 27.34 2.44
N ASP A 50 0.50 27.03 3.08
CA ASP A 50 -0.58 26.34 2.36
C ASP A 50 -1.12 27.17 1.20
N LEU A 51 -1.04 28.50 1.31
CA LEU A 51 -1.50 29.42 0.27
C LEU A 51 -0.51 29.58 -0.87
N GLU A 52 0.48 28.68 -0.99
CA GLU A 52 1.48 28.81 -2.04
C GLU A 52 0.87 28.70 -3.43
N TYR A 53 -0.03 27.73 -3.62
CA TYR A 53 -0.67 27.58 -4.92
C TYR A 53 -2.11 28.08 -4.87
N HIS A 54 -2.28 29.33 -4.44
CA HIS A 54 -3.61 29.94 -4.36
C HIS A 54 -4.23 30.16 -5.72
N GLU A 55 -3.47 30.04 -6.81
CA GLU A 55 -4.06 30.17 -8.14
C GLU A 55 -5.11 29.10 -8.38
N LEU A 56 -4.98 27.95 -7.73
CA LEU A 56 -5.98 26.90 -7.88
C LEU A 56 -7.31 27.34 -7.28
N LEU A 57 -7.29 27.94 -6.09
CA LEU A 57 -8.53 28.45 -5.50
C LEU A 57 -9.05 29.67 -6.26
N ASP A 58 -8.15 30.49 -6.79
CA ASP A 58 -8.58 31.64 -7.60
C ASP A 58 -9.34 31.18 -8.83
N ARG A 59 -8.86 30.13 -9.48
CA ARG A 59 -9.55 29.59 -10.64
C ARG A 59 -10.78 28.78 -10.22
N ALA A 60 -10.77 28.20 -9.02
CA ALA A 60 -11.93 27.45 -8.54
C ALA A 60 -13.10 28.36 -8.27
N ALA A 61 -12.84 29.60 -7.85
CA ALA A 61 -13.92 30.54 -7.63
C ALA A 61 -14.66 30.88 -8.92
N LYS A 62 -14.04 30.67 -10.08
CA LYS A 62 -14.63 30.95 -11.38
C LYS A 62 -15.18 29.69 -12.06
N CYS A 63 -15.63 28.71 -11.30
CA CYS A 63 -16.17 27.47 -11.85
C CYS A 63 -17.67 27.43 -11.61
N GLU A 64 -18.45 27.41 -12.69
CA GLU A 64 -19.90 27.32 -12.55
C GLU A 64 -20.32 25.94 -12.07
N ASN A 65 -19.69 24.90 -12.60
CA ASN A 65 -19.97 23.53 -12.17
C ASN A 65 -19.38 23.30 -10.79
N SER A 66 -20.22 22.85 -9.85
CA SER A 66 -19.73 22.60 -8.50
C SER A 66 -18.76 21.43 -8.47
N LEU A 67 -19.03 20.39 -9.25
CA LEU A 67 -18.16 19.23 -9.27
C LEU A 67 -16.81 19.59 -9.87
N GLU A 68 -16.80 20.41 -10.93
CA GLU A 68 -15.55 20.86 -11.52
C GLU A 68 -14.74 21.73 -10.56
N GLN A 69 -15.43 22.50 -9.71
CA GLN A 69 -14.75 23.28 -8.67
C GLN A 69 -14.12 22.38 -7.63
N LEU A 70 -14.78 21.26 -7.31
CA LEU A 70 -14.22 20.35 -6.32
C LEU A 70 -12.90 19.76 -6.78
N CYS A 71 -12.68 19.62 -8.10
CA CYS A 71 -11.38 19.13 -8.56
C CYS A 71 -10.26 20.13 -8.28
N TYR A 72 -10.53 21.42 -8.45
CA TYR A 72 -9.53 22.42 -8.14
C TYR A 72 -9.25 22.44 -6.65
N VAL A 73 -10.29 22.33 -5.82
CA VAL A 73 -10.09 22.30 -4.37
C VAL A 73 -9.29 21.08 -3.97
N ALA A 74 -9.58 19.93 -4.58
CA ALA A 74 -8.85 18.70 -4.27
C ALA A 74 -7.40 18.81 -4.64
N ALA A 75 -7.10 19.45 -5.78
CA ALA A 75 -5.70 19.67 -6.13
C ALA A 75 -5.05 20.63 -5.15
N PHE A 76 -5.81 21.58 -4.61
CA PHE A 76 -5.25 22.49 -3.62
C PHE A 76 -4.88 21.77 -2.34
N THR A 77 -5.67 20.75 -1.96
CA THR A 77 -5.36 20.01 -0.73
C THR A 77 -4.02 19.28 -0.83
N VAL A 78 -3.73 18.70 -2.00
CA VAL A 78 -2.48 17.97 -2.17
C VAL A 78 -1.31 18.90 -2.48
N SER A 79 -1.57 20.08 -3.06
CA SER A 79 -0.50 20.96 -3.50
C SER A 79 0.40 21.39 -2.34
N SER A 80 -0.13 21.42 -1.11
CA SER A 80 0.66 21.88 0.02
C SER A 80 1.83 20.94 0.32
N TYR A 81 1.73 19.67 -0.05
CA TYR A 81 2.76 18.69 0.23
C TYR A 81 3.85 18.64 -0.84
N SER A 82 3.83 19.56 -1.80
CA SER A 82 4.89 19.60 -2.80
C SER A 82 6.21 20.08 -2.21
N THR A 83 6.17 20.82 -1.11
CA THR A 83 7.37 21.34 -0.46
C THR A 83 8.03 20.35 0.48
N THR A 84 7.30 19.31 0.91
CA THR A 84 7.82 18.37 1.91
C THR A 84 8.81 17.37 1.35
N VAL A 85 8.96 17.28 0.02
CA VAL A 85 9.81 16.24 -0.56
C VAL A 85 11.27 16.45 -0.17
N PHE A 86 11.73 17.70 -0.17
CA PHE A 86 13.11 18.00 0.16
C PHE A 86 13.29 18.75 1.48
N ARG A 87 12.36 19.62 1.86
CA ARG A 87 12.51 20.41 3.08
C ARG A 87 12.19 19.50 4.26
N THR A 88 13.23 19.05 4.95
CA THR A 88 13.07 18.17 6.10
C THR A 88 13.63 18.79 7.37
N SER A 89 13.24 20.02 7.66
CA SER A 89 13.71 20.75 8.82
C SER A 89 12.54 21.13 9.72
N LYS A 90 12.83 21.24 11.01
CA LYS A 90 11.80 21.51 12.00
C LYS A 90 11.58 23.01 12.17
N PRO A 91 10.39 23.53 11.88
CA PRO A 91 10.14 24.95 12.15
C PRO A 91 10.11 25.21 13.64
N PHE A 92 10.42 26.46 14.00
CA PHE A 92 10.49 26.85 15.41
C PHE A 92 9.15 26.65 16.09
N ASN A 93 9.18 26.02 17.26
CA ASN A 93 7.99 25.90 18.08
C ASN A 93 7.59 27.28 18.56
N PRO A 94 6.50 27.85 18.03
CA PRO A 94 6.19 29.26 18.31
C PRO A 94 5.76 29.50 19.74
N LEU A 95 5.97 30.74 20.20
CA LEU A 95 5.58 31.11 21.54
C LEU A 95 4.06 31.17 21.64
N LEU A 96 3.57 31.31 22.87
CA LEU A 96 2.14 31.19 23.11
C LEU A 96 1.37 32.30 22.41
N GLY A 97 1.86 33.53 22.49
CA GLY A 97 1.17 34.64 21.86
C GLY A 97 1.65 35.01 20.47
N GLU A 98 2.56 34.21 19.90
CA GLU A 98 3.17 34.56 18.62
C GLU A 98 2.14 34.53 17.50
N THR A 99 2.25 35.48 16.58
CA THR A 99 1.38 35.59 15.42
C THR A 99 2.23 35.69 14.16
N PHE A 100 1.56 35.73 13.02
CA PHE A 100 2.24 35.94 11.73
C PHE A 100 1.22 36.40 10.70
N GLU A 101 1.48 37.53 10.06
CA GLU A 101 0.60 38.08 9.06
C GLU A 101 1.23 37.97 7.68
N LEU A 102 0.37 38.06 6.67
CA LEU A 102 0.78 38.07 5.26
C LEU A 102 -0.28 38.89 4.52
N ASP A 103 -0.05 40.20 4.47
CA ASP A 103 -0.96 41.16 3.85
C ASP A 103 -0.52 41.37 2.39
N ARG A 104 -0.90 40.43 1.53
CA ARG A 104 -0.50 40.49 0.12
C ARG A 104 -1.76 40.56 -0.74
N LEU A 105 -2.36 41.74 -0.79
CA LEU A 105 -3.59 41.95 -1.56
C LEU A 105 -3.31 42.25 -3.03
N GLU A 106 -2.37 43.16 -3.30
CA GLU A 106 -2.09 43.51 -4.69
C GLU A 106 -1.23 42.47 -5.38
N GLU A 107 -0.28 41.87 -4.66
CA GLU A 107 0.65 40.94 -5.27
C GLU A 107 0.11 39.52 -5.33
N ASN A 108 -0.62 39.09 -4.29
CA ASN A 108 -1.13 37.72 -4.26
C ASN A 108 -2.65 37.70 -4.28
N GLY A 109 -3.29 38.54 -3.49
CA GLY A 109 -4.72 38.65 -3.47
C GLY A 109 -5.39 38.19 -2.19
N TYR A 110 -4.69 38.20 -1.06
CA TYR A 110 -5.28 37.74 0.18
C TYR A 110 -4.60 38.39 1.38
N ARG A 111 -5.26 38.22 2.52
CA ARG A 111 -4.76 38.65 3.83
C ARG A 111 -4.81 37.41 4.72
N SER A 112 -3.64 36.89 5.07
CA SER A 112 -3.50 35.75 5.95
C SER A 112 -3.03 36.21 7.32
N LEU A 113 -3.50 35.53 8.37
CA LEU A 113 -3.10 35.85 9.74
C LEU A 113 -3.20 34.58 10.58
N CYS A 114 -2.12 34.28 11.32
CA CYS A 114 -2.07 33.12 12.21
C CYS A 114 -1.70 33.56 13.61
N GLU A 115 -2.20 32.80 14.59
CA GLU A 115 -1.90 33.05 16.00
C GLU A 115 -1.93 31.72 16.76
N GLN A 116 -0.93 31.51 17.60
CA GLN A 116 -0.90 30.37 18.51
C GLN A 116 -1.96 30.56 19.59
N VAL A 117 -3.03 29.77 19.56
CA VAL A 117 -4.11 29.99 20.51
C VAL A 117 -3.81 29.33 21.86
N SER A 118 -3.06 28.23 21.87
CA SER A 118 -2.74 27.51 23.10
C SER A 118 -1.43 26.78 22.89
N HIS A 119 -0.79 26.43 24.01
CA HIS A 119 0.44 25.64 23.97
C HIS A 119 0.31 24.30 24.68
N HIS A 120 -0.76 24.10 25.44
CA HIS A 120 -1.01 22.84 26.16
C HIS A 120 -2.47 22.46 25.97
N PRO A 121 -2.79 21.76 24.88
CA PRO A 121 -1.91 21.27 23.81
C PRO A 121 -1.58 22.34 22.76
N PRO A 122 -0.53 22.13 21.98
CA PRO A 122 -0.17 23.12 20.95
C PRO A 122 -1.27 23.24 19.90
N ALA A 123 -1.70 24.48 19.66
CA ALA A 123 -2.73 24.73 18.65
C ALA A 123 -2.51 26.10 18.03
N ALA A 124 -2.75 26.20 16.72
CA ALA A 124 -2.52 27.42 15.98
C ALA A 124 -3.69 27.67 15.05
N ALA A 125 -4.29 28.86 15.15
CA ALA A 125 -5.40 29.24 14.29
C ALA A 125 -4.90 30.11 13.15
N HIS A 126 -5.39 29.83 11.95
CA HIS A 126 -5.00 30.51 10.73
C HIS A 126 -6.26 30.92 9.98
N HIS A 127 -6.27 32.14 9.46
CA HIS A 127 -7.42 32.64 8.70
C HIS A 127 -6.91 33.57 7.61
N ALA A 128 -7.38 33.36 6.39
CA ALA A 128 -6.93 34.14 5.23
C ALA A 128 -8.11 34.38 4.31
N GLU A 129 -8.42 35.65 4.08
CA GLU A 129 -9.51 36.02 3.17
C GLU A 129 -8.95 36.59 1.88
N SER A 130 -9.56 36.23 0.76
CA SER A 130 -9.08 36.66 -0.55
C SER A 130 -10.16 37.48 -1.25
N LYS A 131 -9.70 38.39 -2.12
CA LYS A 131 -10.60 39.22 -2.90
C LYS A 131 -11.07 38.54 -4.18
N ASN A 132 -10.62 37.32 -4.44
CA ASN A 132 -11.02 36.58 -5.63
C ASN A 132 -12.26 35.73 -5.39
N GLY A 133 -12.86 35.81 -4.21
CA GLY A 133 -14.10 35.13 -3.92
C GLY A 133 -14.03 33.92 -3.01
N TRP A 134 -12.98 33.80 -2.19
CA TRP A 134 -12.87 32.66 -1.29
C TRP A 134 -12.20 33.07 0.02
N THR A 135 -12.33 32.18 1.00
CA THR A 135 -11.73 32.36 2.31
C THR A 135 -11.31 31.00 2.84
N LEU A 136 -10.11 30.94 3.40
CA LEU A 136 -9.55 29.70 3.95
C LEU A 136 -9.28 29.89 5.43
N ARG A 137 -9.75 28.95 6.24
CA ARG A 137 -9.51 29.04 7.68
C ARG A 137 -9.25 27.66 8.23
N GLN A 138 -8.56 27.62 9.37
CA GLN A 138 -8.20 26.35 9.96
C GLN A 138 -7.69 26.57 11.38
N GLU A 139 -7.77 25.52 12.18
CA GLU A 139 -7.10 25.46 13.48
C GLU A 139 -6.38 24.13 13.52
N ILE A 140 -5.05 24.17 13.56
CA ILE A 140 -4.23 22.97 13.49
C ILE A 140 -3.60 22.75 14.86
N LYS A 141 -3.91 21.63 15.47
CA LYS A 141 -3.25 21.17 16.68
C LYS A 141 -2.30 20.07 16.24
N ILE A 142 -1.00 20.36 16.29
CA ILE A 142 0.00 19.40 15.84
C ILE A 142 0.32 18.45 16.97
N THR A 143 0.10 17.15 16.74
CA THR A 143 0.52 16.13 17.68
C THR A 143 1.58 15.27 17.00
N SER A 144 2.52 14.76 17.78
CA SER A 144 3.62 14.00 17.21
C SER A 144 4.02 12.88 18.15
N LYS A 145 4.82 11.96 17.61
CA LYS A 145 5.29 10.81 18.38
C LYS A 145 6.50 10.20 17.69
N PHE A 146 7.56 9.97 18.44
CA PHE A 146 8.78 9.37 17.91
C PHE A 146 8.78 7.88 18.25
N ARG A 147 8.67 7.04 17.23
CA ARG A 147 8.58 5.60 17.39
C ARG A 147 9.89 4.87 17.10
N GLY A 148 10.97 5.61 16.83
CA GLY A 148 12.25 4.99 16.54
C GLY A 148 12.65 5.07 15.08
N LYS A 149 12.04 4.24 14.23
CA LYS A 149 12.36 4.32 12.80
C LYS A 149 11.89 5.64 12.20
N TYR A 150 10.76 6.15 12.66
CA TYR A 150 10.18 7.36 12.07
C TYR A 150 9.66 8.26 13.17
N LEU A 151 9.47 9.52 12.80
CA LEU A 151 8.85 10.53 13.65
C LEU A 151 7.53 10.86 12.99
N SER A 152 6.43 10.50 13.66
CA SER A 152 5.09 10.69 13.13
C SER A 152 4.57 12.05 13.54
N ILE A 153 3.99 12.76 12.56
CA ILE A 153 3.43 14.09 12.73
C ILE A 153 2.01 14.04 12.21
N MET A 154 1.06 14.37 13.08
CA MET A 154 -0.37 14.40 12.76
C MET A 154 -0.87 15.81 13.03
N PRO A 155 -0.96 16.64 12.00
CA PRO A 155 -1.57 17.96 12.18
C PRO A 155 -3.08 17.84 12.30
N LEU A 156 -3.57 17.52 13.49
CA LEU A 156 -5.01 17.34 13.68
C LEU A 156 -5.74 18.66 13.49
N GLY A 157 -7.00 18.56 13.11
CA GLY A 157 -7.81 19.75 12.91
C GLY A 157 -8.59 19.68 11.62
N THR A 158 -9.54 20.59 11.45
CA THR A 158 -10.39 20.65 10.27
C THR A 158 -10.18 21.98 9.59
N ILE A 159 -9.89 21.97 8.28
CA ILE A 159 -9.67 23.20 7.53
C ILE A 159 -10.83 23.41 6.57
N HIS A 160 -11.27 24.67 6.49
CA HIS A 160 -12.44 25.11 5.74
C HIS A 160 -12.03 26.04 4.61
N CYS A 161 -12.81 25.99 3.54
CA CYS A 161 -12.65 26.89 2.39
C CYS A 161 -14.03 27.26 1.91
N ILE A 162 -14.41 28.51 2.10
CA ILE A 162 -15.75 29.00 1.76
C ILE A 162 -15.64 29.86 0.51
N PHE A 163 -16.67 29.79 -0.33
CA PHE A 163 -16.77 30.63 -1.53
C PHE A 163 -17.98 31.53 -1.36
N HIS A 164 -17.71 32.83 -1.18
CA HIS A 164 -18.77 33.77 -0.85
C HIS A 164 -19.77 33.94 -2.00
N ALA A 165 -19.31 33.80 -3.25
CA ALA A 165 -20.18 34.04 -4.39
C ALA A 165 -21.32 33.02 -4.46
N THR A 166 -21.00 31.74 -4.25
CA THR A 166 -21.99 30.68 -4.36
C THR A 166 -22.40 30.08 -3.02
N GLY A 167 -21.67 30.35 -1.94
CA GLY A 167 -21.96 29.77 -0.66
C GLY A 167 -21.39 28.38 -0.44
N HIS A 168 -20.56 27.88 -1.35
CA HIS A 168 -19.96 26.56 -1.18
C HIS A 168 -18.97 26.56 -0.02
N HIS A 169 -19.15 25.61 0.90
CA HIS A 169 -18.30 25.49 2.08
C HIS A 169 -17.65 24.11 2.05
N TYR A 170 -16.39 24.05 1.62
CA TYR A 170 -15.64 22.82 1.59
C TYR A 170 -14.91 22.63 2.92
N THR A 171 -14.86 21.38 3.38
CA THR A 171 -14.22 21.04 4.64
C THR A 171 -13.38 19.79 4.45
N TRP A 172 -12.17 19.79 5.03
CA TRP A 172 -11.34 18.60 4.93
C TRP A 172 -10.25 18.62 6.00
N LYS A 173 -9.80 17.41 6.34
CA LYS A 173 -8.72 17.20 7.29
C LYS A 173 -7.41 16.95 6.55
N LYS A 174 -6.30 17.02 7.29
CA LYS A 174 -4.98 16.81 6.72
C LYS A 174 -4.62 15.32 6.74
N VAL A 175 -3.45 14.99 6.21
CA VAL A 175 -2.99 13.62 6.06
C VAL A 175 -1.77 13.39 6.95
N THR A 176 -1.50 12.13 7.28
CA THR A 176 -0.42 11.86 8.22
C THR A 176 0.93 12.02 7.54
N THR A 177 1.87 12.68 8.23
CA THR A 177 3.20 12.97 7.70
C THR A 177 4.21 12.26 8.59
N THR A 178 5.17 11.58 7.98
CA THR A 178 6.20 10.91 8.76
C THR A 178 7.57 11.24 8.20
N VAL A 179 8.53 11.47 9.08
CA VAL A 179 9.91 11.72 8.66
C VAL A 179 10.74 10.52 9.13
N HIS A 180 11.40 9.87 8.18
CA HIS A 180 12.11 8.62 8.38
C HIS A 180 13.61 8.83 8.25
N ASN A 181 14.35 7.78 8.60
CA ASN A 181 15.80 7.70 8.45
C ASN A 181 16.50 8.77 9.30
N ILE A 182 16.23 8.68 10.60
CA ILE A 182 16.79 9.64 11.56
C ILE A 182 18.11 9.13 12.16
N ILE A 183 18.28 7.82 12.28
CA ILE A 183 19.43 7.25 12.99
C ILE A 183 20.74 7.59 12.28
N VAL A 184 20.72 7.68 10.95
CA VAL A 184 21.98 7.92 10.23
C VAL A 184 22.17 9.40 9.91
N GLY A 185 21.12 10.13 9.62
CA GLY A 185 21.29 11.53 9.29
C GLY A 185 20.49 11.95 8.08
N LYS A 186 20.70 11.29 6.95
CA LYS A 186 19.97 11.65 5.74
C LYS A 186 18.51 11.24 5.89
N LEU A 187 17.71 12.15 6.44
CA LEU A 187 16.31 11.92 6.73
C LEU A 187 15.44 12.35 5.55
N TRP A 188 14.30 11.69 5.40
CA TRP A 188 13.38 11.97 4.30
C TRP A 188 11.93 11.85 4.76
N ILE A 189 11.04 12.56 4.08
CA ILE A 189 9.65 12.67 4.53
C ILE A 189 8.73 11.95 3.56
N ASP A 190 7.61 11.48 4.09
CA ASP A 190 6.60 10.79 3.30
C ASP A 190 5.24 10.99 3.96
N GLN A 191 4.23 11.28 3.14
CA GLN A 191 2.85 11.39 3.61
C GLN A 191 2.07 10.12 3.25
N SER A 192 1.08 9.83 4.09
CA SER A 192 0.26 8.64 3.92
C SER A 192 -1.09 8.86 4.57
N GLY A 193 -2.14 8.31 3.95
CA GLY A 193 -3.45 8.40 4.56
C GLY A 193 -4.51 8.73 3.54
N GLU A 194 -5.61 9.31 4.01
CA GLU A 194 -6.72 9.66 3.13
C GLU A 194 -7.28 11.02 3.52
N ILE A 195 -7.59 11.82 2.51
CA ILE A 195 -8.23 13.12 2.67
C ILE A 195 -9.67 13.00 2.18
N ASP A 196 -10.62 13.40 3.01
CA ASP A 196 -12.04 13.30 2.69
C ASP A 196 -12.62 14.72 2.71
N ILE A 197 -12.83 15.28 1.53
CA ILE A 197 -13.40 16.60 1.37
C ILE A 197 -14.90 16.46 1.26
N VAL A 198 -15.63 17.38 1.90
CA VAL A 198 -17.08 17.37 1.89
C VAL A 198 -17.57 18.78 1.61
N ASN A 199 -18.48 18.92 0.66
CA ASN A 199 -19.14 20.19 0.36
C ASN A 199 -20.47 20.19 1.09
N HIS A 200 -20.61 21.06 2.08
CA HIS A 200 -21.80 21.09 2.91
C HIS A 200 -22.95 21.85 2.27
N LYS A 201 -22.67 22.66 1.24
CA LYS A 201 -23.71 23.43 0.56
C LYS A 201 -24.46 22.58 -0.47
N THR A 202 -23.73 21.73 -1.20
CA THR A 202 -24.33 20.90 -2.25
C THR A 202 -24.40 19.42 -1.90
N GLY A 203 -23.51 18.93 -1.03
CA GLY A 203 -23.44 17.52 -0.75
C GLY A 203 -22.44 16.73 -1.59
N ASP A 204 -21.64 17.40 -2.42
CA ASP A 204 -20.60 16.70 -3.17
C ASP A 204 -19.47 16.28 -2.22
N LYS A 205 -18.83 15.17 -2.55
CA LYS A 205 -17.75 14.67 -1.73
C LYS A 205 -16.55 14.34 -2.60
N CYS A 206 -15.39 14.21 -1.97
CA CYS A 206 -14.16 13.87 -2.69
C CYS A 206 -13.28 13.04 -1.78
N ASN A 207 -12.68 11.99 -2.35
CA ASN A 207 -11.80 11.11 -1.58
C ASN A 207 -10.46 11.01 -2.28
N LEU A 208 -9.40 11.40 -1.58
CA LEU A 208 -8.03 11.27 -2.05
C LEU A 208 -7.32 10.25 -1.17
N LYS A 209 -6.58 9.36 -1.80
CA LYS A 209 -5.84 8.29 -1.14
C LYS A 209 -4.36 8.52 -1.41
N PHE A 210 -3.60 8.78 -0.34
CA PHE A 210 -2.15 8.89 -0.38
C PHE A 210 -1.58 7.54 -0.01
N VAL A 211 -0.92 6.91 -0.98
CA VAL A 211 -0.34 5.58 -0.81
C VAL A 211 1.03 5.74 -0.14
N PRO A 212 1.30 5.00 0.94
CA PRO A 212 2.59 5.15 1.59
C PRO A 212 3.72 4.60 0.75
N TYR A 213 4.91 5.15 0.94
CA TYR A 213 6.09 4.65 0.26
C TYR A 213 6.50 3.36 0.96
N SER A 214 6.69 2.30 0.18
CA SER A 214 7.00 0.98 0.72
C SER A 214 8.34 0.49 0.21
N TYR A 215 8.89 -0.50 0.93
CA TYR A 215 10.21 -1.01 0.60
C TYR A 215 10.26 -1.54 -0.83
N PHE A 216 9.25 -2.29 -1.24
CA PHE A 216 9.14 -2.74 -2.62
C PHE A 216 7.72 -2.52 -3.13
N SER A 217 7.60 -1.85 -4.27
CA SER A 217 6.30 -1.59 -4.88
C SER A 217 6.52 -1.27 -6.35
N ARG A 218 5.65 -1.80 -7.21
CA ARG A 218 5.76 -1.60 -8.65
C ARG A 218 4.84 -0.51 -9.18
N ASP A 219 4.29 0.33 -8.31
CA ASP A 219 3.52 1.49 -8.72
C ASP A 219 4.35 2.74 -8.53
N VAL A 220 3.81 3.88 -8.97
CA VAL A 220 4.55 5.13 -8.87
C VAL A 220 4.74 5.50 -7.40
N ALA A 221 5.89 6.12 -7.12
CA ALA A 221 6.19 6.55 -5.76
C ALA A 221 5.38 7.78 -5.41
N ARG A 222 4.89 7.82 -4.17
CA ARG A 222 4.15 8.97 -3.64
C ARG A 222 2.89 9.22 -4.45
N LYS A 223 2.24 8.15 -4.88
CA LYS A 223 1.07 8.29 -5.72
C LYS A 223 -0.17 8.60 -4.90
N VAL A 224 -1.06 9.41 -5.48
CA VAL A 224 -2.30 9.84 -4.87
C VAL A 224 -3.41 9.67 -5.90
N THR A 225 -4.45 8.94 -5.53
CA THR A 225 -5.63 8.75 -6.38
C THR A 225 -6.83 9.43 -5.75
N GLY A 226 -7.80 9.83 -6.58
CA GLY A 226 -8.96 10.52 -6.04
C GLY A 226 -10.17 10.42 -6.93
N GLU A 227 -11.33 10.58 -6.29
CA GLU A 227 -12.63 10.52 -6.95
C GLU A 227 -13.54 11.59 -6.38
N VAL A 228 -14.32 12.24 -7.25
CA VAL A 228 -15.30 13.23 -6.80
C VAL A 228 -16.70 12.72 -7.11
N THR A 229 -17.55 12.69 -6.09
CA THR A 229 -18.88 12.12 -6.19
C THR A 229 -19.94 13.18 -5.92
N ASP A 230 -21.07 13.00 -6.59
CA ASP A 230 -22.26 13.84 -6.42
C ASP A 230 -23.05 13.33 -5.22
N PRO A 231 -24.06 14.07 -4.76
CA PRO A 231 -24.81 13.61 -3.58
C PRO A 231 -25.48 12.25 -3.75
N SER A 232 -25.61 11.74 -4.98
CA SER A 232 -26.21 10.43 -5.19
C SER A 232 -25.18 9.30 -5.08
N GLY A 233 -23.94 9.54 -5.47
CA GLY A 233 -22.91 8.53 -5.37
C GLY A 233 -22.28 8.19 -6.70
N LYS A 234 -22.50 9.03 -7.70
CA LYS A 234 -21.97 8.75 -9.04
C LYS A 234 -20.68 9.54 -9.20
N VAL A 235 -19.66 8.88 -9.74
CA VAL A 235 -18.33 9.49 -9.83
C VAL A 235 -18.26 10.28 -11.13
N HIS A 236 -18.31 11.60 -11.00
CA HIS A 236 -18.19 12.49 -12.16
C HIS A 236 -16.74 12.62 -12.62
N PHE A 237 -15.89 13.20 -11.78
CA PHE A 237 -14.49 13.40 -12.15
C PHE A 237 -13.58 12.47 -11.37
N ALA A 238 -12.45 12.14 -12.00
CA ALA A 238 -11.44 11.30 -11.36
C ALA A 238 -10.08 11.96 -11.54
N LEU A 239 -9.27 11.92 -10.50
CA LEU A 239 -7.99 12.61 -10.51
C LEU A 239 -6.89 11.69 -9.99
N LEU A 240 -5.68 11.87 -10.51
CA LEU A 240 -4.54 11.11 -10.03
C LEU A 240 -3.28 11.93 -10.22
N GLY A 241 -2.25 11.56 -9.48
CA GLY A 241 -0.97 12.24 -9.61
C GLY A 241 -0.07 11.87 -8.45
N THR A 242 0.95 12.69 -8.24
CA THR A 242 1.88 12.52 -7.13
C THR A 242 2.16 13.87 -6.49
N TRP A 243 2.10 13.90 -5.15
CA TRP A 243 2.40 15.08 -4.37
C TRP A 243 3.88 15.44 -4.42
N ASP A 244 4.66 14.70 -5.19
CA ASP A 244 6.05 15.03 -5.44
C ASP A 244 6.17 16.00 -6.60
N GLU A 245 5.21 15.97 -7.52
CA GLU A 245 5.28 16.80 -8.71
C GLU A 245 3.91 17.34 -9.13
N LYS A 246 3.06 16.48 -9.68
CA LYS A 246 1.88 16.94 -10.40
C LYS A 246 0.59 16.31 -9.88
N MET A 247 -0.53 16.87 -10.31
CA MET A 247 -1.83 16.32 -9.94
C MET A 247 -2.84 16.73 -11.02
N GLU A 248 -3.48 15.76 -11.66
CA GLU A 248 -4.39 16.03 -12.76
C GLU A 248 -5.77 15.46 -12.49
N CYS A 249 -6.77 16.19 -12.94
CA CYS A 249 -8.18 15.81 -12.79
C CYS A 249 -8.79 15.72 -14.18
N PHE A 250 -9.14 14.50 -14.58
CA PHE A 250 -9.80 14.21 -15.83
C PHE A 250 -11.28 13.93 -15.58
N LYS A 251 -12.00 13.74 -16.68
CA LYS A 251 -13.43 13.46 -16.66
C LYS A 251 -13.64 12.05 -17.19
N VAL A 252 -14.59 11.35 -16.57
CA VAL A 252 -14.90 9.96 -16.87
C VAL A 252 -16.34 9.92 -17.39
N GLN A 253 -16.67 8.82 -18.05
CA GLN A 253 -18.00 8.62 -18.64
C GLN A 253 -18.49 7.25 -18.19
N PRO A 254 -19.07 7.17 -16.98
CA PRO A 254 -19.59 5.96 -16.36
C PRO A 254 -21.00 5.61 -16.84
N GLU A 269 -9.22 7.15 -25.85
CA GLU A 269 -8.33 7.65 -26.89
C GLU A 269 -7.00 8.10 -26.30
N ALA A 270 -6.95 9.35 -25.84
CA ALA A 270 -5.72 9.90 -25.29
C ALA A 270 -6.00 10.79 -24.09
N GLU A 271 -5.13 11.78 -23.87
CA GLU A 271 -5.28 12.72 -22.75
C GLU A 271 -6.08 13.96 -23.17
N GLU A 272 -7.24 13.72 -23.77
CA GLU A 272 -8.11 14.80 -24.24
C GLU A 272 -9.22 15.14 -23.25
N SER A 273 -9.42 14.32 -22.23
CA SER A 273 -10.43 14.54 -21.20
C SER A 273 -9.89 15.31 -20.00
N ARG A 274 -8.68 15.85 -20.12
CA ARG A 274 -8.05 16.56 -19.02
C ARG A 274 -8.75 17.90 -18.75
N VAL A 275 -9.16 18.09 -17.51
CA VAL A 275 -9.85 19.31 -17.11
C VAL A 275 -8.96 20.22 -16.28
N MET A 276 -8.18 19.66 -15.36
CA MET A 276 -7.37 20.50 -14.48
C MET A 276 -6.01 19.88 -14.18
N LEU A 277 -4.93 20.55 -14.56
CA LEU A 277 -3.61 20.07 -14.20
C LEU A 277 -2.93 21.05 -13.24
N TRP A 278 -2.24 20.50 -12.23
CA TRP A 278 -1.49 21.27 -11.24
C TRP A 278 -0.04 20.81 -11.27
N LYS A 279 0.88 21.74 -11.49
CA LYS A 279 2.30 21.48 -11.45
C LYS A 279 2.94 22.34 -10.36
N ARG A 280 3.81 21.72 -9.56
CA ARG A 280 4.46 22.42 -8.46
C ARG A 280 5.48 23.42 -9.00
N ASN A 281 5.56 24.57 -8.36
CA ASN A 281 6.54 25.57 -8.75
C ASN A 281 7.94 25.09 -8.35
N PRO A 282 8.91 25.15 -9.26
CA PRO A 282 10.24 24.63 -8.93
C PRO A 282 10.93 25.50 -7.88
N LEU A 283 11.90 24.90 -7.21
CA LEU A 283 12.66 25.60 -6.21
C LEU A 283 13.56 26.65 -6.88
N PRO A 284 13.81 27.78 -6.21
CA PRO A 284 14.65 28.82 -6.82
C PRO A 284 16.09 28.38 -6.97
N LYS A 285 16.91 29.22 -7.59
CA LYS A 285 18.29 28.88 -7.84
C LYS A 285 19.07 28.78 -6.53
N ASN A 286 20.00 27.84 -6.48
CA ASN A 286 20.86 27.62 -5.31
C ASN A 286 20.04 27.37 -4.04
N ALA A 287 18.85 26.80 -4.20
CA ALA A 287 18.02 26.43 -3.05
C ALA A 287 18.58 25.22 -2.30
N GLU A 288 19.65 24.62 -2.82
CA GLU A 288 20.23 23.44 -2.18
C GLU A 288 20.74 23.76 -0.79
N ASN A 289 21.25 24.98 -0.59
CA ASN A 289 21.82 25.42 0.67
C ASN A 289 20.91 26.36 1.44
N MET A 290 19.70 26.62 0.94
CA MET A 290 18.75 27.51 1.60
C MET A 290 17.59 26.75 2.22
N TYR A 291 17.89 25.66 2.92
CA TYR A 291 16.91 24.83 3.61
C TYR A 291 15.84 24.30 2.66
N TYR A 292 16.14 24.25 1.37
CA TYR A 292 15.20 23.81 0.33
C TYR A 292 13.91 24.61 0.38
N PHE A 293 14.02 25.89 0.72
CA PHE A 293 12.86 26.76 0.78
C PHE A 293 12.29 27.01 -0.62
N SER A 294 10.97 27.06 -0.70
CA SER A 294 10.32 27.42 -1.95
C SER A 294 10.52 28.90 -2.25
N GLU A 295 10.08 29.32 -3.43
CA GLU A 295 10.18 30.73 -3.80
C GLU A 295 9.33 31.60 -2.88
N LEU A 296 8.22 31.04 -2.36
CA LEU A 296 7.39 31.77 -1.40
C LEU A 296 7.94 31.67 0.01
N ALA A 297 8.57 30.55 0.37
CA ALA A 297 9.08 30.37 1.72
C ALA A 297 10.20 31.34 2.07
N LEU A 298 10.92 31.85 1.06
CA LEU A 298 12.02 32.78 1.35
C LEU A 298 11.50 34.12 1.84
N THR A 299 10.45 34.64 1.21
CA THR A 299 9.94 35.97 1.55
C THR A 299 9.09 35.99 2.80
N LEU A 300 8.94 34.85 3.49
CA LEU A 300 8.05 34.80 4.64
C LEU A 300 8.66 35.51 5.84
N ASN A 301 9.94 35.25 6.13
CA ASN A 301 10.61 35.85 7.26
C ASN A 301 11.38 37.12 6.88
N ALA A 302 10.97 37.77 5.81
CA ALA A 302 11.54 39.06 5.43
C ALA A 302 10.85 40.17 6.22
N TRP A 303 11.63 41.17 6.62
CA TRP A 303 11.10 42.24 7.46
C TRP A 303 9.91 42.92 6.81
N GLU A 304 8.88 43.18 7.63
CA GLU A 304 7.64 43.79 7.19
C GLU A 304 7.27 44.90 8.15
N SER A 305 6.70 45.98 7.62
CA SER A 305 6.28 47.11 8.43
C SER A 305 4.81 47.00 8.79
N GLY A 306 4.47 47.50 9.97
CA GLY A 306 3.08 47.55 10.40
C GLY A 306 2.52 46.27 10.97
N THR A 307 3.37 45.31 11.32
CA THR A 307 2.87 44.06 11.90
C THR A 307 2.74 44.19 13.41
N ALA A 308 2.04 43.22 13.99
CA ALA A 308 1.90 43.19 15.44
C ALA A 308 3.25 42.90 16.09
N PRO A 309 3.45 43.36 17.33
CA PRO A 309 4.73 43.07 18.02
C PRO A 309 4.96 41.60 18.29
N THR A 310 3.95 40.75 18.10
CA THR A 310 4.06 39.31 18.30
C THR A 310 4.27 38.56 17.00
N ASP A 311 4.63 39.25 15.92
CA ASP A 311 4.83 38.60 14.64
C ASP A 311 6.09 37.75 14.64
N SER A 312 6.07 36.69 13.83
CA SER A 312 7.20 35.77 13.76
C SER A 312 8.45 36.42 13.18
N ARG A 313 8.30 37.48 12.39
CA ARG A 313 9.46 38.18 11.86
C ARG A 313 10.25 38.90 12.93
N LEU A 314 9.64 39.14 14.10
CA LEU A 314 10.31 39.82 15.19
C LEU A 314 10.85 38.86 16.25
N ARG A 315 10.67 37.55 16.04
CA ARG A 315 11.21 36.56 16.97
C ARG A 315 12.73 36.55 16.91
N PRO A 316 13.42 36.69 18.04
CA PRO A 316 14.88 36.76 17.99
C PRO A 316 15.55 35.47 17.53
N ASP A 317 15.03 34.29 17.91
CA ASP A 317 15.71 33.04 17.58
C ASP A 317 15.81 32.83 16.06
N GLN A 318 14.73 33.11 15.33
CA GLN A 318 14.75 32.89 13.89
C GLN A 318 15.74 33.81 13.19
N ARG A 319 15.72 35.09 13.54
CA ARG A 319 16.62 36.03 12.88
C ARG A 319 18.07 35.79 13.30
N LEU A 320 18.29 35.39 14.56
CA LEU A 320 19.64 35.09 15.02
C LEU A 320 20.21 33.84 14.37
N MET A 321 19.35 32.86 14.05
CA MET A 321 19.80 31.64 13.38
C MET A 321 19.88 31.80 11.87
N GLU A 322 19.03 32.66 11.31
CA GLU A 322 19.00 32.89 9.87
C GLU A 322 20.32 33.46 9.38
N ASN A 323 20.92 34.35 10.16
CA ASN A 323 22.18 35.00 9.82
C ASN A 323 23.39 34.15 10.18
N GLY A 324 23.15 32.91 10.60
CA GLY A 324 24.20 31.95 10.87
C GLY A 324 24.77 31.93 12.27
N ARG A 325 24.26 32.75 13.19
CA ARG A 325 24.74 32.74 14.56
C ARG A 325 23.91 31.77 15.40
N TRP A 326 24.15 30.47 15.16
CA TRP A 326 23.38 29.43 15.81
C TRP A 326 23.72 29.32 17.29
N ASP A 327 24.99 29.55 17.64
CA ASP A 327 25.44 29.39 19.01
C ASP A 327 24.69 30.33 19.95
N GLU A 328 24.48 31.58 19.53
CA GLU A 328 23.69 32.51 20.31
C GLU A 328 22.20 32.27 20.15
N ALA A 329 21.77 31.72 19.02
CA ALA A 329 20.36 31.43 18.83
C ALA A 329 19.88 30.37 19.82
N ASN A 330 20.75 29.42 20.18
CA ASN A 330 20.39 28.45 21.21
C ASN A 330 20.13 29.13 22.55
N ALA A 331 21.01 30.06 22.93
CA ALA A 331 20.83 30.75 24.21
C ALA A 331 19.58 31.61 24.20
N GLU A 332 19.29 32.26 23.06
CA GLU A 332 18.08 33.06 23.01
C GLU A 332 16.83 32.19 23.03
N LYS A 333 16.90 31.00 22.44
CA LYS A 333 15.78 30.06 22.53
C LYS A 333 15.56 29.61 23.97
N GLN A 334 16.65 29.40 24.70
CA GLN A 334 16.53 29.04 26.11
C GLN A 334 15.89 30.17 26.90
N ARG A 335 16.27 31.42 26.60
CA ARG A 335 15.71 32.56 27.30
C ARG A 335 14.22 32.68 27.03
N LEU A 336 13.81 32.56 25.77
CA LEU A 336 12.39 32.68 25.44
C LEU A 336 11.57 31.54 26.05
N GLU A 337 12.09 30.30 26.03
CA GLU A 337 11.30 29.22 26.60
C GLU A 337 11.18 29.36 28.11
N GLU A 338 12.25 29.80 28.79
CA GLU A 338 12.15 29.98 30.24
C GLU A 338 11.24 31.16 30.59
N LYS A 339 11.25 32.20 29.77
CA LYS A 339 10.33 33.32 29.94
C LYS A 339 8.88 32.85 29.82
N GLN A 340 8.59 32.06 28.78
CA GLN A 340 7.23 31.56 28.59
C GLN A 340 6.82 30.64 29.74
N ARG A 341 7.74 29.82 30.21
CA ARG A 341 7.42 28.91 31.31
C ARG A 341 7.16 29.69 32.60
N LEU A 342 7.95 30.73 32.86
CA LEU A 342 7.73 31.55 34.05
C LEU A 342 6.39 32.30 33.95
N SER A 343 6.03 32.75 32.75
CA SER A 343 4.73 33.40 32.59
C SER A 343 3.58 32.41 32.85
N ARG A 344 3.75 31.17 32.41
CA ARG A 344 2.70 30.18 32.68
C ARG A 344 2.64 29.86 34.17
N LYS A 345 3.80 29.81 34.84
CA LYS A 345 3.78 29.63 36.29
C LYS A 345 3.10 30.80 36.98
N LYS A 346 3.25 32.01 36.44
CA LYS A 346 2.55 33.16 37.00
C LYS A 346 1.05 33.02 36.84
N ARG A 347 0.60 32.54 35.68
CA ARG A 347 -0.83 32.31 35.50
C ARG A 347 -1.35 31.23 36.46
N GLU A 348 -0.57 30.18 36.67
CA GLU A 348 -0.99 29.13 37.60
C GLU A 348 -1.04 29.66 39.03
N ALA A 349 -0.09 30.52 39.40
CA ALA A 349 -0.10 31.09 40.74
C ALA A 349 -1.28 32.04 40.93
N GLU A 350 -1.60 32.82 39.88
CA GLU A 350 -2.78 33.68 39.95
C GLU A 350 -4.04 32.86 40.09
N ALA A 351 -4.14 31.73 39.39
CA ALA A 351 -5.33 30.89 39.53
C ALA A 351 -5.41 30.29 40.93
N MET A 352 -4.27 29.92 41.51
CA MET A 352 -4.28 29.35 42.86
C MET A 352 -4.65 30.39 43.90
N LYS A 353 -4.12 31.61 43.76
CA LYS A 353 -4.45 32.66 44.70
C LYS A 353 -5.92 33.08 44.55
N ALA A 354 -6.42 33.17 43.32
CA ALA A 354 -7.80 33.57 43.11
C ALA A 354 -8.77 32.49 43.60
N THR A 355 -8.40 31.22 43.50
CA THR A 355 -9.25 30.15 44.00
C THR A 355 -9.20 30.04 45.52
N GLU A 356 -8.09 30.43 46.15
CA GLU A 356 -8.05 30.38 47.61
C GLU A 356 -8.71 31.62 48.22
N ASP A 357 -8.54 32.78 47.59
CA ASP A 357 -9.15 34.02 48.05
C ASP A 357 -10.61 34.16 47.65
N GLY A 358 -11.11 33.31 46.75
CA GLY A 358 -12.46 33.44 46.26
C GLY A 358 -12.64 34.50 45.18
N THR A 359 -11.59 35.22 44.81
CA THR A 359 -11.71 36.25 43.79
C THR A 359 -11.90 35.60 42.42
N PRO A 360 -12.60 36.26 41.51
CA PRO A 360 -12.73 35.72 40.15
C PRO A 360 -11.38 35.67 39.45
N TYR A 361 -11.27 34.75 38.49
CA TYR A 361 -10.06 34.58 37.72
C TYR A 361 -10.41 34.64 36.25
N ASP A 362 -9.68 35.45 35.50
CA ASP A 362 -9.88 35.58 34.06
C ASP A 362 -8.80 34.78 33.37
N PRO A 363 -9.12 33.64 32.76
CA PRO A 363 -8.06 32.80 32.16
C PRO A 363 -7.49 33.39 30.89
N TYR A 364 -6.51 32.71 30.30
CA TYR A 364 -5.92 33.21 29.07
C TYR A 364 -6.88 33.02 27.90
N LYS A 365 -7.01 34.06 27.08
CA LYS A 365 -7.82 33.99 25.87
C LYS A 365 -7.02 34.56 24.70
N ALA A 366 -7.27 34.01 23.52
CA ALA A 366 -6.59 34.46 22.32
C ALA A 366 -6.98 35.90 21.96
N LEU A 367 -6.06 36.59 21.29
CA LEU A 367 -6.27 38.01 20.97
C LEU A 367 -7.08 38.18 19.67
N TRP A 368 -6.59 37.60 18.59
CA TRP A 368 -7.19 37.79 17.27
C TRP A 368 -8.10 36.65 16.85
N PHE A 369 -8.31 35.66 17.71
CA PHE A 369 -9.20 34.55 17.43
C PHE A 369 -10.12 34.33 18.62
N GLU A 370 -11.34 33.91 18.33
CA GLU A 370 -12.38 33.63 19.31
C GLU A 370 -12.73 32.15 19.24
N ARG A 371 -12.79 31.48 20.39
CA ARG A 371 -13.07 30.05 20.42
C ARG A 371 -14.58 29.86 20.45
N LYS A 372 -15.16 29.63 19.28
CA LYS A 372 -16.60 29.42 19.17
C LYS A 372 -16.90 28.08 18.51
N LYS A 373 -18.15 27.66 18.63
CA LYS A 373 -18.60 26.42 17.99
C LYS A 373 -18.83 26.67 16.51
N ASP A 374 -18.14 25.90 15.66
CA ASP A 374 -18.31 26.07 14.23
C ASP A 374 -19.70 25.59 13.82
N PRO A 375 -20.47 26.41 13.07
CA PRO A 375 -21.85 26.03 12.76
C PRO A 375 -21.95 24.87 11.79
N VAL A 376 -20.89 24.54 11.06
CA VAL A 376 -20.94 23.48 10.05
C VAL A 376 -20.34 22.18 10.56
N THR A 377 -19.20 22.25 11.25
CA THR A 377 -18.55 21.06 11.78
C THR A 377 -18.91 20.76 13.23
N LYS A 378 -19.63 21.67 13.90
CA LYS A 378 -20.11 21.47 15.27
C LYS A 378 -18.97 21.17 16.24
N GLU A 379 -17.84 21.86 16.07
CA GLU A 379 -16.67 21.66 16.90
C GLU A 379 -16.16 23.01 17.40
N LEU A 380 -15.61 23.00 18.60
CA LEU A 380 -15.05 24.22 19.22
C LEU A 380 -13.76 24.59 18.49
N THR A 381 -13.87 25.54 17.56
CA THR A 381 -12.74 25.98 16.75
C THR A 381 -12.48 27.46 17.00
N HIS A 382 -11.24 27.88 16.76
CA HIS A 382 -10.86 29.27 16.88
C HIS A 382 -11.13 29.95 15.54
N ILE A 383 -12.05 30.90 15.54
CA ILE A 383 -12.49 31.61 14.35
C ILE A 383 -11.91 33.01 14.42
N TYR A 384 -11.58 33.58 13.27
CA TYR A 384 -11.00 34.91 13.25
C TYR A 384 -12.01 35.92 13.77
N ARG A 385 -11.59 36.72 14.75
CA ARG A 385 -12.49 37.67 15.38
C ARG A 385 -12.86 38.82 14.44
N GLY A 386 -11.93 39.25 13.60
CA GLY A 386 -12.22 40.30 12.66
C GLY A 386 -11.75 41.65 13.16
N GLU A 387 -10.58 41.66 13.78
CA GLU A 387 -10.08 42.90 14.36
C GLU A 387 -8.59 43.12 14.13
N TYR A 388 -7.90 42.23 13.42
CA TYR A 388 -6.46 42.40 13.24
C TYR A 388 -6.12 43.44 12.17
N TRP A 389 -6.68 43.32 10.98
CA TRP A 389 -6.35 44.27 9.91
C TRP A 389 -6.86 45.67 10.23
N GLU A 390 -8.04 45.77 10.85
CA GLU A 390 -8.57 47.07 11.25
C GLU A 390 -7.63 47.73 12.26
N CYS A 391 -7.15 46.97 13.24
CA CYS A 391 -6.20 47.52 14.21
C CYS A 391 -4.84 47.80 13.59
N LYS A 392 -4.49 47.05 12.53
CA LYS A 392 -3.24 47.29 11.82
C LYS A 392 -3.27 48.60 11.07
N GLU A 393 -4.45 48.98 10.57
CA GLU A 393 -4.56 50.24 9.84
C GLU A 393 -4.26 51.43 10.75
N LYS A 394 -4.72 51.39 12.00
CA LYS A 394 -4.44 52.47 12.94
C LYS A 394 -3.20 52.25 13.80
N GLN A 395 -2.61 51.05 13.78
CA GLN A 395 -1.36 50.78 14.51
C GLN A 395 -1.52 51.03 16.01
N ASP A 396 -2.56 50.42 16.59
CA ASP A 396 -2.80 50.54 18.02
C ASP A 396 -2.65 49.20 18.73
N TRP A 397 -1.49 48.57 18.62
CA TRP A 397 -1.26 47.27 19.22
C TRP A 397 -1.38 47.35 20.75
N SER A 398 -1.65 46.20 21.37
CA SER A 398 -1.87 46.15 22.81
C SER A 398 -0.58 46.18 23.63
N SER A 399 0.57 45.87 23.02
CA SER A 399 1.88 45.92 23.68
C SER A 399 1.90 45.19 25.04
N CYS A 400 0.89 44.39 25.34
CA CYS A 400 0.80 43.68 26.61
C CYS A 400 1.43 42.28 26.61
N PRO A 401 1.41 41.51 25.49
CA PRO A 401 2.01 40.17 25.53
C PRO A 401 3.50 40.17 25.88
N ASP A 402 4.34 40.78 25.04
CA ASP A 402 5.77 40.91 25.35
C ASP A 402 6.45 39.54 25.47
N ILE A 403 6.29 38.73 24.43
CA ILE A 403 6.81 37.36 24.45
C ILE A 403 8.25 37.26 23.97
N PHE A 404 8.76 38.25 23.24
CA PHE A 404 10.11 38.16 22.67
C PHE A 404 11.15 38.85 23.54
N PRO B 2 7.26 9.55 -49.80
CA PRO B 2 7.77 8.26 -49.31
C PRO B 2 9.18 7.99 -49.82
N ARG B 3 9.96 7.19 -49.10
CA ARG B 3 11.35 6.93 -49.46
C ARG B 3 11.57 5.47 -49.78
N THR B 4 12.10 5.20 -50.97
CA THR B 4 12.45 3.85 -51.39
C THR B 4 13.93 3.80 -51.71
N ARG B 5 14.35 2.76 -52.44
CA ARG B 5 15.72 2.55 -52.89
C ARG B 5 16.79 3.09 -51.94
N ILE B 6 17.21 2.24 -51.01
CA ILE B 6 18.25 2.62 -50.05
C ILE B 6 19.54 1.96 -50.57
N PRO B 7 20.73 2.48 -50.24
CA PRO B 7 21.96 1.84 -50.73
C PRO B 7 22.04 0.37 -50.35
N TYR B 8 22.65 -0.40 -51.26
CA TYR B 8 22.74 -1.84 -51.18
C TYR B 8 23.74 -2.29 -50.12
N LYS B 9 23.68 -3.58 -49.80
CA LYS B 9 24.59 -4.17 -48.84
C LYS B 9 25.95 -4.44 -49.48
N PRO B 10 27.03 -3.91 -48.94
CA PRO B 10 28.36 -4.22 -49.48
C PRO B 10 28.82 -5.62 -49.12
N ASN B 11 29.80 -6.10 -49.89
CA ASN B 11 30.38 -7.42 -49.73
C ASN B 11 31.71 -7.26 -49.01
N TYR B 12 31.72 -7.59 -47.72
CA TYR B 12 32.93 -7.51 -46.91
C TYR B 12 33.52 -8.87 -46.58
N SER B 13 32.89 -9.96 -47.03
CA SER B 13 33.30 -11.32 -46.73
C SER B 13 33.77 -11.45 -45.29
N LEU B 14 32.82 -11.58 -44.36
CA LEU B 14 33.11 -11.82 -42.95
C LEU B 14 32.38 -13.10 -42.60
N ASN B 15 33.12 -14.13 -42.24
CA ASN B 15 32.52 -15.42 -41.97
C ASN B 15 31.74 -15.38 -40.66
N LEU B 16 30.44 -15.68 -40.74
CA LEU B 16 29.59 -15.67 -39.55
C LEU B 16 30.03 -16.72 -38.53
N TRP B 17 30.41 -17.91 -39.02
CA TRP B 17 30.82 -18.96 -38.11
C TRP B 17 32.07 -18.60 -37.32
N SER B 18 32.91 -17.69 -37.84
CA SER B 18 34.14 -17.32 -37.16
C SER B 18 33.87 -16.65 -35.82
N ILE B 19 32.80 -15.87 -35.71
CA ILE B 19 32.49 -15.20 -34.45
C ILE B 19 31.65 -16.08 -33.53
N MET B 20 30.71 -16.84 -34.10
CA MET B 20 29.82 -17.70 -33.33
C MET B 20 30.36 -19.11 -33.16
N LYS B 21 31.63 -19.34 -33.45
CA LYS B 21 32.20 -20.68 -33.31
C LYS B 21 32.14 -21.15 -31.87
N ASN B 22 32.71 -20.39 -30.95
CA ASN B 22 32.80 -20.77 -29.55
C ASN B 22 31.62 -20.32 -28.71
N CYS B 23 30.73 -19.49 -29.26
CA CYS B 23 29.61 -18.94 -28.51
C CYS B 23 28.37 -19.84 -28.58
N ILE B 24 28.55 -21.14 -28.32
CA ILE B 24 27.46 -22.10 -28.35
C ILE B 24 26.82 -22.19 -26.97
N GLY B 25 25.49 -22.11 -26.93
CA GLY B 25 24.74 -22.16 -25.69
C GLY B 25 24.51 -20.82 -25.04
N LYS B 26 25.03 -19.74 -25.61
CA LYS B 26 24.88 -18.40 -25.09
C LYS B 26 23.69 -17.69 -25.74
N GLU B 27 23.26 -16.60 -25.11
CA GLU B 27 22.20 -15.78 -25.65
C GLU B 27 22.74 -14.86 -26.75
N LEU B 28 21.88 -14.56 -27.73
CA LEU B 28 22.30 -13.69 -28.82
C LEU B 28 22.67 -12.30 -28.35
N SER B 29 22.04 -11.84 -27.26
CA SER B 29 22.37 -10.52 -26.73
C SER B 29 23.76 -10.49 -26.11
N LYS B 30 24.23 -11.63 -25.58
CA LYS B 30 25.54 -11.71 -24.95
C LYS B 30 26.61 -12.22 -25.92
N ILE B 31 26.31 -12.25 -27.20
CA ILE B 31 27.25 -12.69 -28.24
C ILE B 31 27.79 -11.45 -28.92
N PRO B 32 29.10 -11.16 -28.82
CA PRO B 32 29.65 -9.95 -29.43
C PRO B 32 29.69 -10.09 -30.94
N MET B 33 28.96 -9.23 -31.63
CA MET B 33 28.86 -9.30 -33.08
C MET B 33 29.08 -7.93 -33.70
N PRO B 34 29.67 -7.88 -34.88
CA PRO B 34 29.78 -6.59 -35.59
C PRO B 34 28.48 -6.20 -36.26
N VAL B 35 28.51 -5.15 -37.07
CA VAL B 35 27.32 -4.68 -37.75
C VAL B 35 27.16 -5.30 -39.14
N ASN B 36 28.10 -6.16 -39.55
CA ASN B 36 28.08 -6.71 -40.91
C ASN B 36 26.86 -7.59 -41.16
N PHE B 37 26.33 -8.23 -40.12
CA PHE B 37 25.22 -9.16 -40.26
C PHE B 37 23.89 -8.56 -39.81
N ASN B 38 23.77 -7.24 -39.82
CA ASN B 38 22.57 -6.53 -39.40
C ASN B 38 21.85 -5.95 -40.61
N GLU B 39 20.67 -5.40 -40.34
CA GLU B 39 19.91 -4.63 -41.31
C GLU B 39 19.71 -3.22 -40.78
N PRO B 40 19.63 -2.21 -41.66
CA PRO B 40 19.55 -0.82 -41.19
C PRO B 40 18.24 -0.48 -40.48
N LEU B 41 17.78 -1.36 -39.60
CA LEU B 41 16.57 -1.17 -38.82
C LEU B 41 16.83 -1.62 -37.39
N SER B 42 16.15 -0.98 -36.45
CA SER B 42 16.23 -1.36 -35.05
C SER B 42 15.16 -2.41 -34.73
N MET B 43 15.30 -3.04 -33.56
CA MET B 43 14.28 -3.99 -33.13
C MET B 43 12.92 -3.32 -32.99
N LEU B 44 12.90 -2.04 -32.64
CA LEU B 44 11.64 -1.32 -32.58
C LEU B 44 11.05 -1.13 -33.97
N GLN B 45 11.90 -0.80 -34.95
CA GLN B 45 11.44 -0.67 -36.33
C GLN B 45 11.06 -2.04 -36.88
N ARG B 46 11.79 -3.08 -36.50
CA ARG B 46 11.43 -4.44 -36.91
C ARG B 46 10.08 -4.86 -36.33
N LEU B 47 9.83 -4.49 -35.07
CA LEU B 47 8.58 -4.86 -34.40
C LEU B 47 7.39 -4.09 -34.93
N THR B 48 7.57 -2.81 -35.28
CA THR B 48 6.45 -2.03 -35.80
C THR B 48 5.96 -2.55 -37.14
N GLU B 49 6.75 -3.38 -37.82
CA GLU B 49 6.34 -3.93 -39.11
C GLU B 49 5.16 -4.89 -39.01
N ASP B 50 4.66 -5.20 -37.82
CA ASP B 50 3.45 -6.01 -37.72
C ASP B 50 2.28 -5.32 -38.39
N LEU B 51 2.28 -3.99 -38.43
CA LEU B 51 1.23 -3.20 -39.06
C LEU B 51 1.38 -3.12 -40.57
N GLU B 52 2.21 -3.97 -41.19
CA GLU B 52 2.37 -3.93 -42.63
C GLU B 52 1.05 -4.24 -43.34
N TYR B 53 0.32 -5.24 -42.85
CA TYR B 53 -0.97 -5.59 -43.40
C TYR B 53 -2.07 -5.12 -42.46
N HIS B 54 -2.05 -3.84 -42.13
CA HIS B 54 -3.03 -3.26 -41.20
C HIS B 54 -4.44 -3.23 -41.78
N GLU B 55 -4.60 -3.42 -43.08
CA GLU B 55 -5.94 -3.46 -43.66
C GLU B 55 -6.76 -4.63 -43.12
N LEU B 56 -6.11 -5.68 -42.62
CA LEU B 56 -6.84 -6.79 -42.04
C LEU B 56 -7.61 -6.36 -40.79
N LEU B 57 -6.96 -5.59 -39.91
CA LEU B 57 -7.67 -5.08 -38.74
C LEU B 57 -8.69 -4.01 -39.12
N ASP B 58 -8.39 -3.21 -40.14
CA ASP B 58 -9.34 -2.20 -40.61
C ASP B 58 -10.62 -2.85 -41.11
N ARG B 59 -10.51 -3.95 -41.86
CA ARG B 59 -11.68 -4.66 -42.31
C ARG B 59 -12.32 -5.48 -41.20
N ALA B 60 -11.52 -5.91 -40.22
CA ALA B 60 -12.06 -6.67 -39.09
C ALA B 60 -12.95 -5.79 -38.21
N ALA B 61 -12.65 -4.50 -38.14
CA ALA B 61 -13.47 -3.60 -37.35
C ALA B 61 -14.89 -3.46 -37.91
N LYS B 62 -15.10 -3.78 -39.18
CA LYS B 62 -16.41 -3.70 -39.81
C LYS B 62 -17.10 -5.05 -39.94
N CYS B 63 -16.83 -5.98 -39.02
CA CYS B 63 -17.44 -7.31 -39.05
C CYS B 63 -18.43 -7.46 -37.90
N GLU B 64 -19.70 -7.69 -38.23
CA GLU B 64 -20.70 -7.92 -37.19
C GLU B 64 -20.53 -9.28 -36.53
N ASN B 65 -20.24 -10.31 -37.33
CA ASN B 65 -20.06 -11.65 -36.77
C ASN B 65 -18.73 -11.73 -36.03
N SER B 66 -18.80 -12.18 -34.77
CA SER B 66 -17.59 -12.25 -33.94
C SER B 66 -16.61 -13.31 -34.44
N LEU B 67 -17.13 -14.45 -34.90
CA LEU B 67 -16.26 -15.53 -35.37
C LEU B 67 -15.53 -15.14 -36.65
N GLU B 68 -16.23 -14.50 -37.59
CA GLU B 68 -15.59 -14.04 -38.81
C GLU B 68 -14.56 -12.97 -38.53
N GLN B 69 -14.82 -12.13 -37.52
CA GLN B 69 -13.84 -11.13 -37.11
C GLN B 69 -12.61 -11.81 -36.52
N LEU B 70 -12.80 -12.88 -35.76
CA LEU B 70 -11.64 -13.61 -35.27
C LEU B 70 -10.89 -14.29 -36.41
N CYS B 71 -11.58 -14.67 -37.49
CA CYS B 71 -10.85 -15.21 -38.64
C CYS B 71 -9.94 -14.14 -39.23
N TYR B 72 -10.44 -12.89 -39.28
CA TYR B 72 -9.59 -11.79 -39.75
C TYR B 72 -8.42 -11.55 -38.80
N VAL B 73 -8.67 -11.60 -37.49
CA VAL B 73 -7.60 -11.35 -36.52
C VAL B 73 -6.52 -12.43 -36.62
N ALA B 74 -6.92 -13.68 -36.78
CA ALA B 74 -5.93 -14.75 -36.91
C ALA B 74 -5.12 -14.60 -38.18
N ALA B 75 -5.76 -14.17 -39.27
CA ALA B 75 -4.97 -13.91 -40.48
C ALA B 75 -3.98 -12.78 -40.24
N PHE B 76 -4.35 -11.80 -39.40
CA PHE B 76 -3.38 -10.76 -39.07
C PHE B 76 -2.23 -11.31 -38.26
N THR B 77 -2.50 -12.27 -37.38
CA THR B 77 -1.42 -12.85 -36.58
C THR B 77 -0.44 -13.61 -37.46
N VAL B 78 -0.95 -14.30 -38.48
CA VAL B 78 -0.02 -15.06 -39.33
C VAL B 78 0.67 -14.14 -40.34
N SER B 79 0.04 -13.02 -40.70
CA SER B 79 0.60 -12.14 -41.73
C SER B 79 1.95 -11.55 -41.33
N SER B 80 2.22 -11.43 -40.02
CA SER B 80 3.45 -10.79 -39.57
C SER B 80 4.71 -11.54 -39.99
N TYR B 81 4.61 -12.84 -40.23
CA TYR B 81 5.76 -13.66 -40.59
C TYR B 81 6.04 -13.68 -42.09
N SER B 82 5.37 -12.83 -42.88
CA SER B 82 5.62 -12.79 -44.30
C SER B 82 6.98 -12.18 -44.62
N THR B 83 7.51 -11.35 -43.72
CA THR B 83 8.83 -10.75 -43.92
C THR B 83 9.94 -11.71 -43.52
N THR B 84 9.62 -12.77 -42.80
CA THR B 84 10.60 -13.70 -42.29
C THR B 84 11.13 -14.62 -43.38
N VAL B 85 10.44 -14.70 -44.51
CA VAL B 85 10.84 -15.63 -45.57
C VAL B 85 12.15 -15.18 -46.20
N PHE B 86 12.32 -13.88 -46.39
CA PHE B 86 13.49 -13.34 -47.07
C PHE B 86 14.44 -12.58 -46.14
N ARG B 87 13.91 -11.88 -45.15
CA ARG B 87 14.72 -11.04 -44.27
C ARG B 87 15.40 -11.93 -43.23
N THR B 88 16.70 -12.18 -43.42
CA THR B 88 17.46 -13.00 -42.50
C THR B 88 18.60 -12.21 -41.87
N SER B 89 18.29 -11.01 -41.38
CA SER B 89 19.29 -10.13 -40.77
C SER B 89 18.87 -9.79 -39.35
N LYS B 90 19.87 -9.53 -38.51
CA LYS B 90 19.61 -9.18 -37.12
C LYS B 90 19.41 -7.68 -37.02
N PRO B 91 18.23 -7.19 -36.65
CA PRO B 91 18.07 -5.75 -36.44
C PRO B 91 18.88 -5.30 -35.23
N PHE B 92 19.22 -4.01 -35.23
CA PHE B 92 20.07 -3.46 -34.19
C PHE B 92 19.43 -3.66 -32.82
N ASN B 93 20.21 -4.14 -31.87
CA ASN B 93 19.74 -4.23 -30.50
C ASN B 93 19.51 -2.81 -30.00
N PRO B 94 18.27 -2.37 -29.83
CA PRO B 94 18.02 -0.95 -29.54
C PRO B 94 18.48 -0.59 -28.14
N LEU B 95 18.87 0.67 -27.97
CA LEU B 95 19.38 1.16 -26.70
C LEU B 95 18.26 1.29 -25.68
N LEU B 96 18.67 1.59 -24.44
CA LEU B 96 17.76 1.54 -23.30
C LEU B 96 16.62 2.54 -23.45
N GLY B 97 16.93 3.78 -23.82
CA GLY B 97 15.93 4.81 -23.99
C GLY B 97 15.42 5.00 -25.40
N GLU B 98 15.84 4.17 -26.34
CA GLU B 98 15.48 4.37 -27.74
C GLU B 98 14.00 4.17 -27.96
N THR B 99 13.43 5.00 -28.83
CA THR B 99 12.03 4.91 -29.22
C THR B 99 11.95 4.91 -30.74
N PHE B 100 10.74 4.76 -31.26
CA PHE B 100 10.49 4.87 -32.69
C PHE B 100 9.00 5.14 -32.89
N GLU B 101 8.69 6.22 -33.59
CA GLU B 101 7.31 6.61 -33.86
C GLU B 101 7.00 6.40 -35.34
N LEU B 102 5.70 6.33 -35.62
CA LEU B 102 5.17 6.19 -36.99
C LEU B 102 3.80 6.86 -36.97
N ASP B 103 3.79 8.17 -37.21
CA ASP B 103 2.57 8.97 -37.21
C ASP B 103 2.02 9.00 -38.62
N ARG B 104 1.37 7.90 -39.01
CA ARG B 104 0.83 7.79 -40.35
C ARG B 104 -0.68 7.61 -40.23
N LEU B 105 -1.36 8.69 -39.87
CA LEU B 105 -2.80 8.70 -39.69
C LEU B 105 -3.54 9.04 -40.98
N GLU B 106 -3.08 10.04 -41.72
CA GLU B 106 -3.76 10.42 -42.94
C GLU B 106 -3.51 9.45 -44.09
N GLU B 107 -2.30 8.87 -44.17
CA GLU B 107 -1.95 7.99 -45.28
C GLU B 107 -2.36 6.54 -45.03
N ASN B 108 -2.23 6.07 -43.79
CA ASN B 108 -2.55 4.69 -43.44
C ASN B 108 -3.70 4.56 -42.47
N GLY B 109 -3.74 5.41 -41.46
CA GLY B 109 -4.80 5.42 -40.49
C GLY B 109 -4.40 5.05 -39.08
N TYR B 110 -3.14 5.23 -38.71
CA TYR B 110 -2.74 4.87 -37.36
C TYR B 110 -1.54 5.68 -36.91
N ARG B 111 -1.32 5.63 -35.60
CA ARG B 111 -0.17 6.22 -34.96
C ARG B 111 0.48 5.12 -34.13
N SER B 112 1.65 4.67 -34.57
CA SER B 112 2.41 3.63 -33.88
C SER B 112 3.54 4.27 -33.10
N LEU B 113 3.85 3.68 -31.94
CA LEU B 113 4.94 4.15 -31.11
C LEU B 113 5.47 2.99 -30.30
N CYS B 114 6.77 2.73 -30.40
CA CYS B 114 7.39 1.70 -29.58
C CYS B 114 8.61 2.29 -28.88
N GLU B 115 8.93 1.74 -27.72
CA GLU B 115 10.10 2.17 -26.97
C GLU B 115 10.65 0.98 -26.18
N GLN B 116 11.97 0.90 -26.14
CA GLN B 116 12.66 -0.10 -25.33
C GLN B 116 12.42 0.15 -23.86
N VAL B 117 11.66 -0.74 -23.22
CA VAL B 117 11.35 -0.56 -21.82
C VAL B 117 12.53 -1.00 -20.96
N SER B 118 13.31 -1.96 -21.45
CA SER B 118 14.43 -2.51 -20.70
C SER B 118 15.48 -3.04 -21.64
N HIS B 119 16.70 -3.18 -21.12
CA HIS B 119 17.83 -3.78 -21.81
C HIS B 119 18.35 -5.04 -21.12
N HIS B 120 18.22 -5.11 -19.79
CA HIS B 120 18.62 -6.28 -19.00
C HIS B 120 17.42 -6.70 -18.17
N PRO B 121 16.53 -7.56 -18.72
CA PRO B 121 16.58 -8.14 -20.06
C PRO B 121 15.99 -7.25 -21.15
N PRO B 122 16.31 -7.50 -22.42
CA PRO B 122 15.75 -6.69 -23.50
C PRO B 122 14.25 -6.88 -23.61
N ALA B 123 13.52 -5.77 -23.61
CA ALA B 123 12.07 -5.79 -23.76
C ALA B 123 11.65 -4.50 -24.46
N ALA B 124 10.63 -4.59 -25.30
CA ALA B 124 10.18 -3.45 -26.09
C ALA B 124 8.66 -3.39 -26.08
N ALA B 125 8.12 -2.23 -25.69
CA ALA B 125 6.68 -2.01 -25.67
C ALA B 125 6.26 -1.23 -26.91
N HIS B 126 5.19 -1.69 -27.55
CA HIS B 126 4.70 -1.09 -28.78
C HIS B 126 3.19 -0.87 -28.65
N HIS B 127 2.72 0.29 -29.11
CA HIS B 127 1.31 0.64 -29.05
C HIS B 127 0.95 1.46 -30.29
N ALA B 128 -0.18 1.11 -30.89
CA ALA B 128 -0.61 1.73 -32.14
C ALA B 128 -2.11 1.95 -32.08
N GLU B 129 -2.53 3.20 -32.29
CA GLU B 129 -3.93 3.60 -32.26
C GLU B 129 -4.43 3.83 -33.67
N SER B 130 -5.66 3.38 -33.97
CA SER B 130 -6.21 3.49 -35.31
C SER B 130 -7.48 4.33 -35.30
N LYS B 131 -7.74 4.99 -36.43
CA LYS B 131 -8.95 5.77 -36.60
C LYS B 131 -10.13 4.95 -37.10
N ASN B 132 -9.92 3.66 -37.39
CA ASN B 132 -10.99 2.79 -37.86
C ASN B 132 -11.66 2.02 -36.73
N GLY B 133 -11.27 2.24 -35.49
CA GLY B 133 -11.92 1.64 -34.35
C GLY B 133 -11.16 0.54 -33.63
N TRP B 134 -9.83 0.49 -33.74
CA TRP B 134 -9.06 -0.54 -33.07
C TRP B 134 -7.73 0.01 -32.55
N THR B 135 -7.12 -0.76 -31.67
CA THR B 135 -5.83 -0.45 -31.08
C THR B 135 -5.05 -1.74 -30.87
N LEU B 136 -3.77 -1.71 -31.21
CA LEU B 136 -2.90 -2.87 -31.09
C LEU B 136 -1.76 -2.52 -30.13
N ARG B 137 -1.53 -3.37 -29.14
CA ARG B 137 -0.44 -3.12 -28.20
C ARG B 137 0.22 -4.44 -27.83
N GLN B 138 1.46 -4.36 -27.40
CA GLN B 138 2.22 -5.56 -27.05
C GLN B 138 3.47 -5.14 -26.31
N GLU B 139 4.00 -6.09 -25.53
CA GLU B 139 5.33 -5.97 -24.93
C GLU B 139 6.08 -7.25 -25.24
N ILE B 140 7.15 -7.14 -26.01
CA ILE B 140 7.89 -8.31 -26.48
C ILE B 140 9.25 -8.32 -25.79
N LYS B 141 9.50 -9.37 -25.01
CA LYS B 141 10.82 -9.66 -24.44
C LYS B 141 11.43 -10.81 -25.23
N ILE B 142 12.47 -10.52 -25.99
CA ILE B 142 13.09 -11.51 -26.86
C ILE B 142 14.11 -12.32 -26.07
N THR B 143 13.92 -13.65 -26.04
CA THR B 143 14.92 -14.56 -25.48
C THR B 143 15.43 -15.46 -26.61
N SER B 144 16.68 -15.86 -26.52
CA SER B 144 17.28 -16.64 -27.61
C SER B 144 18.30 -17.61 -27.04
N LYS B 145 18.74 -18.53 -27.90
CA LYS B 145 19.74 -19.53 -27.55
C LYS B 145 20.37 -20.08 -28.82
N PHE B 146 21.70 -20.11 -28.85
CA PHE B 146 22.46 -20.60 -30.01
C PHE B 146 22.90 -22.03 -29.72
N ARG B 147 22.37 -22.98 -30.50
CA ARG B 147 22.64 -24.39 -30.31
C ARG B 147 23.67 -24.94 -31.27
N GLY B 148 24.23 -24.10 -32.14
CA GLY B 148 25.23 -24.55 -33.10
C GLY B 148 24.63 -24.73 -34.47
N LYS B 149 23.86 -25.80 -34.66
CA LYS B 149 23.21 -26.05 -35.93
C LYS B 149 22.13 -25.01 -36.21
N TYR B 150 21.43 -24.58 -35.17
CA TYR B 150 20.33 -23.64 -35.33
C TYR B 150 20.39 -22.59 -34.23
N LEU B 151 19.74 -21.45 -34.49
CA LEU B 151 19.62 -20.36 -33.54
C LEU B 151 18.15 -20.19 -33.20
N SER B 152 17.78 -20.53 -31.96
CA SER B 152 16.39 -20.47 -31.52
C SER B 152 16.09 -19.10 -30.91
N ILE B 153 14.96 -18.52 -31.30
CA ILE B 153 14.49 -17.23 -30.81
C ILE B 153 13.04 -17.40 -30.37
N MET B 154 12.77 -17.03 -29.12
CA MET B 154 11.44 -17.08 -28.54
C MET B 154 11.08 -15.65 -28.16
N PRO B 155 10.33 -14.95 -29.00
CA PRO B 155 9.85 -13.61 -28.62
C PRO B 155 8.72 -13.68 -27.61
N LEU B 156 9.06 -13.80 -26.33
CA LEU B 156 8.06 -13.91 -25.29
C LEU B 156 7.23 -12.62 -25.22
N GLY B 157 6.01 -12.74 -24.74
CA GLY B 157 5.13 -11.59 -24.62
C GLY B 157 3.72 -11.86 -25.08
N THR B 158 2.81 -10.95 -24.75
CA THR B 158 1.40 -11.09 -25.06
C THR B 158 0.94 -9.90 -25.89
N ILE B 159 0.20 -10.14 -26.97
CA ILE B 159 -0.30 -9.09 -27.84
C ILE B 159 -1.79 -8.90 -27.62
N HIS B 160 -2.21 -7.64 -27.53
CA HIS B 160 -3.60 -7.25 -27.34
C HIS B 160 -4.08 -6.47 -28.56
N CYS B 161 -5.36 -6.65 -28.87
CA CYS B 161 -6.02 -5.96 -29.98
C CYS B 161 -7.44 -5.64 -29.54
N ILE B 162 -7.74 -4.35 -29.34
CA ILE B 162 -9.04 -3.92 -28.84
C ILE B 162 -9.83 -3.30 -29.98
N PHE B 163 -11.14 -3.56 -29.99
CA PHE B 163 -12.10 -2.99 -30.92
C PHE B 163 -13.07 -2.11 -30.13
N HIS B 164 -12.97 -0.80 -30.31
CA HIS B 164 -13.75 0.12 -29.50
C HIS B 164 -15.24 0.01 -29.76
N ALA B 165 -15.65 -0.33 -30.98
CA ALA B 165 -17.07 -0.35 -31.31
C ALA B 165 -17.82 -1.42 -30.53
N THR B 166 -17.25 -2.63 -30.44
CA THR B 166 -17.91 -3.75 -29.77
C THR B 166 -17.29 -4.11 -28.42
N GLY B 167 -16.10 -3.62 -28.12
CA GLY B 167 -15.43 -4.01 -26.90
C GLY B 167 -14.69 -5.32 -26.97
N HIS B 168 -14.56 -5.91 -28.16
CA HIS B 168 -13.87 -7.18 -28.31
C HIS B 168 -12.38 -6.99 -28.04
N HIS B 169 -11.83 -7.82 -27.15
CA HIS B 169 -10.42 -7.74 -26.76
C HIS B 169 -9.75 -9.07 -27.08
N TYR B 170 -9.05 -9.12 -28.21
CA TYR B 170 -8.32 -10.31 -28.61
C TYR B 170 -6.90 -10.26 -28.07
N THR B 171 -6.40 -11.40 -27.60
CA THR B 171 -5.03 -11.48 -27.11
C THR B 171 -4.42 -12.79 -27.55
N TRP B 172 -3.13 -12.76 -27.87
CA TRP B 172 -2.45 -13.98 -28.29
C TRP B 172 -0.95 -13.86 -28.08
N LYS B 173 -0.30 -15.00 -27.95
CA LYS B 173 1.14 -15.03 -27.77
C LYS B 173 1.84 -15.32 -29.10
N LYS B 174 3.15 -15.15 -29.08
CA LYS B 174 4.00 -15.34 -30.25
C LYS B 174 4.33 -16.82 -30.44
N VAL B 175 5.00 -17.12 -31.54
CA VAL B 175 5.41 -18.48 -31.88
C VAL B 175 6.93 -18.51 -31.93
N THR B 176 7.50 -19.69 -31.72
CA THR B 176 8.96 -19.83 -31.70
C THR B 176 9.52 -19.82 -33.11
N THR B 177 10.63 -19.10 -33.29
CA THR B 177 11.27 -18.88 -34.58
C THR B 177 12.68 -19.44 -34.52
N THR B 178 13.07 -20.23 -35.51
CA THR B 178 14.41 -20.82 -35.54
C THR B 178 15.09 -20.51 -36.87
N VAL B 179 16.38 -20.19 -36.79
CA VAL B 179 17.18 -19.81 -37.95
C VAL B 179 18.21 -20.91 -38.21
N HIS B 180 18.26 -21.40 -39.45
CA HIS B 180 19.12 -22.53 -39.79
C HIS B 180 20.29 -22.08 -40.65
N ASN B 181 21.23 -23.01 -40.84
CA ASN B 181 22.34 -22.87 -41.78
C ASN B 181 23.26 -21.71 -41.39
N ILE B 182 23.87 -21.83 -40.22
CA ILE B 182 24.77 -20.77 -39.77
C ILE B 182 26.19 -21.01 -40.25
N ILE B 183 26.63 -22.27 -40.34
CA ILE B 183 28.01 -22.58 -40.68
C ILE B 183 28.27 -22.32 -42.16
N VAL B 184 27.40 -22.86 -43.03
CA VAL B 184 27.57 -22.75 -44.48
C VAL B 184 26.19 -22.78 -45.13
N GLY B 185 26.14 -22.36 -46.39
CA GLY B 185 24.91 -22.29 -47.12
C GLY B 185 24.09 -21.05 -46.80
N LYS B 186 23.02 -20.87 -47.57
CA LYS B 186 22.17 -19.71 -47.41
C LYS B 186 21.37 -19.79 -46.12
N LEU B 187 21.02 -18.64 -45.55
CA LEU B 187 20.30 -18.62 -44.30
C LEU B 187 18.80 -18.64 -44.57
N TRP B 188 18.06 -19.34 -43.73
CA TRP B 188 16.61 -19.37 -43.85
C TRP B 188 16.01 -19.54 -42.46
N ILE B 189 14.79 -19.03 -42.32
CA ILE B 189 14.10 -18.98 -41.04
C ILE B 189 12.86 -19.86 -41.13
N ASP B 190 12.41 -20.35 -39.97
CA ASP B 190 11.23 -21.19 -39.92
C ASP B 190 10.57 -21.02 -38.56
N GLN B 191 9.25 -20.85 -38.55
CA GLN B 191 8.49 -20.79 -37.32
C GLN B 191 7.81 -22.13 -37.05
N SER B 192 7.62 -22.43 -35.77
CA SER B 192 7.02 -23.69 -35.38
C SER B 192 6.36 -23.54 -34.03
N GLY B 193 5.20 -24.13 -33.86
CA GLY B 193 4.52 -24.05 -32.58
C GLY B 193 3.05 -23.78 -32.77
N GLU B 194 2.41 -23.22 -31.75
CA GLU B 194 0.99 -22.95 -31.80
C GLU B 194 0.68 -21.59 -31.21
N ILE B 195 -0.20 -20.85 -31.89
CA ILE B 195 -0.71 -19.56 -31.42
C ILE B 195 -2.16 -19.73 -31.00
N ASP B 196 -2.49 -19.31 -29.79
CA ASP B 196 -3.84 -19.47 -29.23
C ASP B 196 -4.42 -18.10 -28.91
N ILE B 197 -5.33 -17.63 -29.76
CA ILE B 197 -6.01 -16.35 -29.63
C ILE B 197 -7.27 -16.56 -28.81
N VAL B 198 -7.59 -15.61 -27.93
CA VAL B 198 -8.78 -15.69 -27.09
C VAL B 198 -9.47 -14.34 -27.07
N ASN B 199 -10.78 -14.33 -27.29
CA ASN B 199 -11.61 -13.13 -27.17
C ASN B 199 -12.25 -13.13 -25.80
N HIS B 200 -11.88 -12.15 -24.97
CA HIS B 200 -12.42 -12.09 -23.61
C HIS B 200 -13.80 -11.48 -23.55
N LYS B 201 -14.24 -10.80 -24.62
CA LYS B 201 -15.57 -10.20 -24.62
C LYS B 201 -16.65 -11.22 -24.98
N THR B 202 -16.37 -12.12 -25.92
CA THR B 202 -17.33 -13.13 -26.32
C THR B 202 -16.99 -14.55 -25.88
N GLY B 203 -15.72 -14.83 -25.58
CA GLY B 203 -15.33 -16.20 -25.26
C GLY B 203 -14.85 -17.02 -26.43
N ASP B 204 -14.73 -16.41 -27.60
CA ASP B 204 -14.26 -17.14 -28.77
C ASP B 204 -12.77 -17.40 -28.66
N LYS B 205 -12.32 -18.51 -29.24
CA LYS B 205 -10.91 -18.87 -29.24
C LYS B 205 -10.51 -19.25 -30.65
N CYS B 206 -9.20 -19.29 -30.89
CA CYS B 206 -8.65 -19.70 -32.17
C CYS B 206 -7.30 -20.35 -31.93
N ASN B 207 -7.04 -21.44 -32.64
CA ASN B 207 -5.79 -22.19 -32.51
C ASN B 207 -5.15 -22.31 -33.88
N LEU B 208 -3.94 -21.79 -34.01
CA LEU B 208 -3.14 -21.89 -35.23
C LEU B 208 -1.92 -22.76 -34.95
N LYS B 209 -1.62 -23.66 -35.89
CA LYS B 209 -0.51 -24.60 -35.79
C LYS B 209 0.46 -24.30 -36.92
N PHE B 210 1.68 -23.90 -36.55
CA PHE B 210 2.80 -23.69 -37.47
C PHE B 210 3.63 -24.97 -37.47
N VAL B 211 3.65 -25.65 -38.61
CA VAL B 211 4.36 -26.92 -38.80
C VAL B 211 5.81 -26.68 -39.18
N PRO B 212 6.75 -27.35 -38.52
CA PRO B 212 8.16 -27.22 -38.90
C PRO B 212 8.41 -27.90 -40.23
N TYR B 213 9.45 -27.45 -40.92
CA TYR B 213 9.82 -28.06 -42.19
C TYR B 213 10.48 -29.43 -41.99
N SER B 214 9.90 -30.45 -42.62
CA SER B 214 10.50 -31.76 -42.73
C SER B 214 10.47 -32.16 -44.20
N TYR B 215 11.52 -32.84 -44.67
CA TYR B 215 11.57 -33.23 -46.07
C TYR B 215 10.58 -34.34 -46.39
N PHE B 216 10.48 -35.34 -45.52
CA PHE B 216 9.56 -36.47 -45.72
C PHE B 216 8.34 -36.35 -44.83
N SER B 217 7.71 -35.18 -44.81
CA SER B 217 6.53 -34.96 -43.98
C SER B 217 5.25 -34.90 -44.80
N ARG B 218 5.35 -34.74 -46.11
CA ARG B 218 4.22 -34.54 -47.02
C ARG B 218 3.63 -33.16 -46.77
N ASP B 219 3.46 -32.80 -45.50
CA ASP B 219 3.12 -31.43 -45.12
C ASP B 219 4.00 -30.46 -45.89
N VAL B 220 3.37 -29.50 -46.57
CA VAL B 220 4.12 -28.53 -47.34
C VAL B 220 4.93 -27.66 -46.39
N ALA B 221 6.03 -27.12 -46.88
CA ALA B 221 6.90 -26.30 -46.04
C ALA B 221 6.21 -25.01 -45.66
N ARG B 222 6.40 -24.61 -44.40
CA ARG B 222 5.82 -23.37 -43.86
C ARG B 222 4.29 -23.40 -43.88
N LYS B 223 3.72 -24.57 -43.62
CA LYS B 223 2.27 -24.72 -43.62
C LYS B 223 1.72 -24.27 -42.28
N VAL B 224 0.53 -23.66 -42.32
CA VAL B 224 -0.16 -23.19 -41.12
C VAL B 224 -1.61 -23.63 -41.23
N THR B 225 -2.08 -24.38 -40.24
CA THR B 225 -3.48 -24.81 -40.17
C THR B 225 -4.13 -24.18 -38.95
N GLY B 226 -5.45 -24.00 -39.00
CA GLY B 226 -6.08 -23.33 -37.87
C GLY B 226 -7.56 -23.63 -37.74
N GLU B 227 -8.07 -23.40 -36.53
CA GLU B 227 -9.48 -23.56 -36.23
C GLU B 227 -9.91 -22.47 -35.27
N VAL B 228 -11.07 -21.87 -35.52
CA VAL B 228 -11.64 -20.86 -34.62
C VAL B 228 -12.91 -21.43 -34.03
N THR B 229 -12.98 -21.47 -32.70
CA THR B 229 -14.03 -22.14 -31.96
C THR B 229 -14.83 -21.13 -31.15
N ASP B 230 -16.11 -21.43 -30.98
CA ASP B 230 -17.01 -20.67 -30.13
C ASP B 230 -16.89 -21.15 -28.70
N PRO B 231 -17.44 -20.41 -27.73
CA PRO B 231 -17.34 -20.87 -26.32
C PRO B 231 -17.97 -22.21 -26.05
N SER B 232 -18.82 -22.73 -26.94
CA SER B 232 -19.41 -24.04 -26.70
C SER B 232 -18.46 -25.16 -27.12
N GLY B 233 -18.19 -25.27 -28.42
CA GLY B 233 -17.26 -26.28 -28.91
C GLY B 233 -17.21 -26.37 -30.41
N LYS B 234 -18.18 -25.74 -31.08
CA LYS B 234 -18.28 -25.87 -32.53
C LYS B 234 -17.05 -25.31 -33.24
N VAL B 235 -16.69 -25.94 -34.35
CA VAL B 235 -15.47 -25.57 -35.06
C VAL B 235 -15.72 -24.44 -36.06
N HIS B 236 -16.92 -24.38 -36.65
CA HIS B 236 -17.32 -23.27 -37.50
C HIS B 236 -16.36 -23.00 -38.66
N PHE B 237 -15.49 -22.01 -38.48
CA PHE B 237 -14.55 -21.62 -39.52
C PHE B 237 -13.23 -22.36 -39.33
N ALA B 238 -12.50 -22.50 -40.44
CA ALA B 238 -11.22 -23.17 -40.53
C ALA B 238 -10.25 -22.28 -41.27
N LEU B 239 -8.96 -22.42 -40.98
CA LEU B 239 -7.93 -21.60 -41.59
C LEU B 239 -6.88 -22.51 -42.21
N LEU B 240 -6.37 -22.12 -43.36
CA LEU B 240 -5.30 -22.91 -43.98
C LEU B 240 -4.44 -22.00 -44.83
N GLY B 241 -3.17 -22.34 -44.93
CA GLY B 241 -2.29 -21.56 -45.79
C GLY B 241 -0.83 -21.79 -45.44
N THR B 242 -0.01 -20.85 -45.90
CA THR B 242 1.42 -20.84 -45.61
C THR B 242 1.81 -19.40 -45.27
N TRP B 243 2.58 -19.23 -44.20
CA TRP B 243 3.00 -17.88 -43.82
C TRP B 243 4.03 -17.28 -44.77
N ASP B 244 4.42 -17.99 -45.83
CA ASP B 244 5.29 -17.44 -46.87
C ASP B 244 4.53 -16.77 -48.00
N GLU B 245 3.25 -17.10 -48.20
CA GLU B 245 2.48 -16.61 -49.33
C GLU B 245 1.06 -16.17 -48.99
N LYS B 246 0.15 -17.13 -48.81
CA LYS B 246 -1.27 -16.81 -48.71
C LYS B 246 -1.85 -17.43 -47.45
N MET B 247 -3.06 -17.01 -47.11
CA MET B 247 -3.79 -17.54 -45.96
C MET B 247 -5.27 -17.35 -46.21
N GLU B 248 -6.04 -18.45 -46.17
CA GLU B 248 -7.46 -18.43 -46.47
C GLU B 248 -8.27 -18.99 -45.31
N CYS B 249 -9.50 -18.48 -45.19
CA CYS B 249 -10.43 -18.79 -44.10
C CYS B 249 -11.68 -19.42 -44.72
N PHE B 250 -11.91 -20.70 -44.45
CA PHE B 250 -13.06 -21.44 -44.93
C PHE B 250 -14.11 -21.61 -43.82
N LYS B 251 -15.28 -22.14 -44.20
CA LYS B 251 -16.35 -22.40 -43.26
C LYS B 251 -16.72 -23.87 -43.27
N VAL B 252 -17.03 -24.42 -42.09
CA VAL B 252 -17.46 -25.80 -41.93
C VAL B 252 -18.86 -25.82 -41.34
N GLN B 253 -19.59 -26.88 -41.62
CA GLN B 253 -20.94 -27.06 -41.08
C GLN B 253 -21.20 -28.52 -40.71
N SER B 273 -18.31 -19.03 -48.17
CA SER B 273 -18.10 -20.47 -48.31
C SER B 273 -16.63 -20.79 -48.62
N ARG B 274 -15.76 -19.78 -48.51
CA ARG B 274 -14.33 -19.91 -48.78
C ARG B 274 -13.63 -18.58 -48.55
N VAL B 275 -14.41 -17.54 -48.25
CA VAL B 275 -14.08 -16.12 -48.07
C VAL B 275 -12.68 -15.66 -48.50
N MET B 276 -11.62 -16.43 -48.20
CA MET B 276 -10.24 -16.03 -48.48
C MET B 276 -9.81 -14.72 -47.80
N LEU B 277 -8.62 -14.71 -47.18
CA LEU B 277 -8.17 -13.50 -46.49
C LEU B 277 -6.94 -12.77 -47.04
N TRP B 278 -5.74 -13.26 -46.75
CA TRP B 278 -4.50 -12.48 -46.83
C TRP B 278 -3.50 -13.06 -47.82
N LYS B 279 -3.08 -12.22 -48.76
CA LYS B 279 -1.97 -12.51 -49.67
C LYS B 279 -0.91 -11.43 -49.45
N ARG B 280 0.35 -11.83 -49.31
CA ARG B 280 1.39 -10.87 -49.05
C ARG B 280 1.67 -10.01 -50.28
N ASN B 281 1.93 -8.72 -50.05
CA ASN B 281 2.30 -7.85 -51.15
C ASN B 281 3.72 -8.17 -51.59
N PRO B 282 3.97 -8.24 -52.90
CA PRO B 282 5.29 -8.68 -53.38
C PRO B 282 6.38 -7.69 -53.01
N LEU B 283 7.61 -8.20 -53.04
CA LEU B 283 8.78 -7.39 -52.70
C LEU B 283 9.02 -6.34 -53.78
N PRO B 284 9.56 -5.17 -53.39
CA PRO B 284 9.80 -4.11 -54.37
C PRO B 284 10.88 -4.46 -55.38
N LYS B 285 11.09 -3.58 -56.36
CA LYS B 285 12.05 -3.88 -57.43
C LYS B 285 13.47 -3.91 -56.89
N ASN B 286 14.25 -4.86 -57.42
CA ASN B 286 15.69 -5.03 -57.12
C ASN B 286 15.94 -5.06 -55.61
N ALA B 287 14.98 -5.57 -54.85
CA ALA B 287 15.11 -5.70 -53.41
C ALA B 287 16.07 -6.80 -52.97
N GLU B 288 16.60 -7.59 -53.91
CA GLU B 288 17.53 -8.67 -53.52
C GLU B 288 18.80 -8.13 -52.88
N ASN B 289 19.24 -6.93 -53.25
CA ASN B 289 20.45 -6.37 -52.68
C ASN B 289 20.17 -5.29 -51.63
N MET B 290 18.90 -5.03 -51.31
CA MET B 290 18.56 -4.04 -50.28
C MET B 290 18.02 -4.74 -49.04
N TYR B 291 18.72 -5.77 -48.58
CA TYR B 291 18.39 -6.54 -47.38
C TYR B 291 17.01 -7.19 -47.47
N TYR B 292 16.50 -7.38 -48.69
CA TYR B 292 15.17 -7.96 -48.93
C TYR B 292 14.09 -7.20 -48.16
N PHE B 293 14.25 -5.88 -48.06
CA PHE B 293 13.27 -5.06 -47.37
C PHE B 293 11.95 -5.03 -48.15
N SER B 294 10.85 -5.06 -47.42
CA SER B 294 9.54 -4.88 -48.03
C SER B 294 9.35 -3.42 -48.44
N GLU B 295 8.25 -3.15 -49.14
CA GLU B 295 7.95 -1.78 -49.53
C GLU B 295 7.69 -0.90 -48.31
N LEU B 296 7.18 -1.48 -47.23
CA LEU B 296 6.98 -0.73 -45.99
C LEU B 296 8.28 -0.61 -45.20
N ALA B 297 9.13 -1.63 -45.26
CA ALA B 297 10.38 -1.61 -44.50
C ALA B 297 11.32 -0.52 -44.99
N LEU B 298 11.17 -0.07 -46.25
CA LEU B 298 12.04 0.97 -46.78
C LEU B 298 11.74 2.32 -46.12
N THR B 299 10.47 2.64 -45.93
CA THR B 299 10.05 3.93 -45.40
C THR B 299 10.19 4.03 -43.89
N LEU B 300 10.68 2.99 -43.22
CA LEU B 300 10.72 3.01 -41.76
C LEU B 300 11.85 3.89 -41.23
N ASN B 301 13.05 3.76 -41.80
CA ASN B 301 14.22 4.50 -41.36
C ASN B 301 14.45 5.77 -42.17
N ALA B 302 13.39 6.32 -42.75
CA ALA B 302 13.49 7.61 -43.43
C ALA B 302 13.43 8.74 -42.42
N TRP B 303 14.27 9.75 -42.62
CA TRP B 303 14.35 10.86 -41.67
C TRP B 303 13.01 11.58 -41.60
N GLU B 304 12.57 11.88 -40.38
CA GLU B 304 11.28 12.54 -40.16
C GLU B 304 11.44 13.67 -39.16
N SER B 305 10.63 14.71 -39.35
CA SER B 305 10.63 15.87 -38.48
C SER B 305 9.59 15.71 -37.38
N GLY B 306 9.90 16.28 -36.22
CA GLY B 306 8.97 16.27 -35.10
C GLY B 306 8.99 15.02 -34.24
N THR B 307 10.00 14.17 -34.38
CA THR B 307 10.12 12.97 -33.58
C THR B 307 10.89 13.27 -32.30
N ALA B 308 10.85 12.34 -31.35
CA ALA B 308 11.61 12.49 -30.13
C ALA B 308 13.10 12.37 -30.44
N PRO B 309 13.96 13.02 -29.63
CA PRO B 309 15.41 12.92 -29.88
C PRO B 309 15.98 11.53 -29.70
N THR B 310 15.22 10.60 -29.11
CA THR B 310 15.66 9.23 -28.92
C THR B 310 15.04 8.28 -29.95
N ASP B 311 14.48 8.82 -31.03
CA ASP B 311 13.87 7.99 -32.05
C ASP B 311 14.94 7.23 -32.82
N SER B 312 14.56 6.06 -33.34
CA SER B 312 15.51 5.20 -34.04
C SER B 312 16.04 5.84 -35.31
N ARG B 313 15.33 6.82 -35.87
CA ARG B 313 15.79 7.48 -37.09
C ARG B 313 17.05 8.30 -36.85
N LEU B 314 17.34 8.66 -35.60
CA LEU B 314 18.50 9.47 -35.24
C LEU B 314 19.66 8.67 -34.68
N ARG B 315 19.55 7.35 -34.61
CA ARG B 315 20.65 6.52 -34.11
C ARG B 315 21.85 6.63 -35.05
N PRO B 316 23.05 7.02 -34.57
CA PRO B 316 24.16 7.27 -35.49
C PRO B 316 24.74 6.05 -36.18
N ASP B 317 24.99 4.96 -35.44
CA ASP B 317 25.57 3.77 -36.06
C ASP B 317 24.60 3.16 -37.07
N GLN B 318 23.29 3.22 -36.80
CA GLN B 318 22.32 2.69 -37.74
C GLN B 318 22.36 3.44 -39.07
N ARG B 319 22.41 4.78 -39.00
CA ARG B 319 22.52 5.56 -40.23
C ARG B 319 23.88 5.35 -40.90
N LEU B 320 24.93 5.16 -40.11
CA LEU B 320 26.26 4.92 -40.64
C LEU B 320 26.33 3.58 -41.38
N MET B 321 25.51 2.63 -40.96
CA MET B 321 25.42 1.33 -41.63
C MET B 321 24.48 1.39 -42.82
N GLU B 322 23.44 2.22 -42.74
CA GLU B 322 22.48 2.30 -43.84
C GLU B 322 23.13 2.85 -45.11
N ASN B 323 24.02 3.82 -44.96
CA ASN B 323 24.70 4.42 -46.10
C ASN B 323 25.96 3.66 -46.51
N GLY B 324 26.23 2.52 -45.89
CA GLY B 324 27.36 1.71 -46.29
C GLY B 324 28.67 2.04 -45.63
N ARG B 325 28.68 2.97 -44.66
CA ARG B 325 29.91 3.38 -44.00
C ARG B 325 30.19 2.46 -42.81
N TRP B 326 30.57 1.24 -43.14
CA TRP B 326 30.86 0.22 -42.14
C TRP B 326 32.21 0.55 -41.50
N ASP B 327 32.76 -0.40 -40.74
CA ASP B 327 33.98 -0.20 -39.97
C ASP B 327 33.86 0.96 -39.00
N GLU B 328 33.31 2.09 -39.47
CA GLU B 328 33.02 3.20 -38.59
C GLU B 328 31.74 2.96 -37.82
N ALA B 329 30.82 2.17 -38.40
CA ALA B 329 29.61 1.77 -37.70
C ALA B 329 29.94 0.87 -36.52
N ASN B 330 30.99 0.05 -36.66
CA ASN B 330 31.45 -0.76 -35.53
C ASN B 330 31.94 0.12 -34.39
N ALA B 331 32.71 1.16 -34.72
CA ALA B 331 33.22 2.06 -33.70
C ALA B 331 32.09 2.87 -33.06
N GLU B 332 31.09 3.27 -33.87
CA GLU B 332 29.98 4.03 -33.31
C GLU B 332 29.12 3.15 -32.40
N LYS B 333 28.95 1.88 -32.77
CA LYS B 333 28.25 0.94 -31.90
C LYS B 333 29.02 0.69 -30.62
N GLN B 334 30.34 0.62 -30.71
CA GLN B 334 31.17 0.42 -29.53
C GLN B 334 31.05 1.61 -28.58
N ARG B 335 31.05 2.83 -29.13
CA ARG B 335 30.90 4.02 -28.30
C ARG B 335 29.52 4.08 -27.67
N LEU B 336 28.48 3.79 -28.45
CA LEU B 336 27.12 3.85 -27.90
C LEU B 336 26.93 2.82 -26.79
N GLU B 337 27.48 1.62 -26.99
CA GLU B 337 27.35 0.59 -25.96
C GLU B 337 28.15 0.98 -24.71
N GLU B 338 29.31 1.62 -24.90
CA GLU B 338 30.08 2.06 -23.74
C GLU B 338 29.36 3.18 -23.00
N LYS B 339 28.66 4.05 -23.72
CA LYS B 339 27.86 5.09 -23.10
C LYS B 339 26.75 4.49 -22.25
N GLN B 340 26.03 3.52 -22.80
CA GLN B 340 24.96 2.89 -22.06
C GLN B 340 25.49 2.14 -20.85
N ARG B 341 26.67 1.52 -20.98
CA ARG B 341 27.27 0.82 -19.85
C ARG B 341 27.68 1.78 -18.74
N LEU B 342 28.27 2.92 -19.09
CA LEU B 342 28.62 3.90 -18.06
C LEU B 342 27.37 4.47 -17.40
N SER B 343 26.30 4.68 -18.16
CA SER B 343 25.06 5.15 -17.54
C SER B 343 24.51 4.13 -16.56
N ARG B 344 24.61 2.83 -16.92
CA ARG B 344 24.14 1.80 -16.01
C ARG B 344 25.01 1.71 -14.77
N LYS B 345 26.33 1.87 -14.93
CA LYS B 345 27.22 1.87 -13.78
C LYS B 345 26.92 3.04 -12.85
N LYS B 346 26.59 4.20 -13.41
CA LYS B 346 26.23 5.34 -12.56
C LYS B 346 24.92 5.12 -11.83
N ARG B 347 23.94 4.52 -12.52
CA ARG B 347 22.67 4.21 -11.85
C ARG B 347 22.86 3.20 -10.72
N GLU B 348 23.73 2.21 -10.94
CA GLU B 348 24.01 1.24 -9.89
C GLU B 348 24.75 1.91 -8.72
N ALA B 349 25.63 2.86 -9.02
CA ALA B 349 26.33 3.57 -7.95
C ALA B 349 25.37 4.42 -7.14
N GLU B 350 24.40 5.06 -7.81
CA GLU B 350 23.39 5.80 -7.07
C GLU B 350 22.57 4.87 -6.18
N ALA B 351 22.25 3.67 -6.66
CA ALA B 351 21.52 2.73 -5.82
C ALA B 351 22.37 2.28 -4.63
N MET B 352 23.68 2.12 -4.84
CA MET B 352 24.55 1.70 -3.76
C MET B 352 24.70 2.81 -2.72
N LYS B 353 24.74 4.06 -3.16
CA LYS B 353 24.77 5.17 -2.21
C LYS B 353 23.46 5.26 -1.44
N ALA B 354 22.33 5.07 -2.13
CA ALA B 354 21.04 5.17 -1.47
C ALA B 354 20.82 4.05 -0.46
N THR B 355 21.37 2.86 -0.71
CA THR B 355 21.16 1.78 0.25
C THR B 355 21.99 1.94 1.51
N GLU B 356 23.16 2.59 1.42
CA GLU B 356 23.97 2.81 2.61
C GLU B 356 23.56 4.09 3.37
N ASP B 357 23.12 5.13 2.66
CA ASP B 357 22.67 6.34 3.34
C ASP B 357 21.29 6.19 3.97
N GLY B 358 20.57 5.11 3.67
CA GLY B 358 19.23 4.91 4.15
C GLY B 358 18.16 5.68 3.40
N THR B 359 18.54 6.49 2.41
CA THR B 359 17.57 7.24 1.65
C THR B 359 16.84 6.31 0.68
N PRO B 360 15.58 6.61 0.35
CA PRO B 360 14.87 5.80 -0.65
C PRO B 360 15.52 5.93 -2.02
N TYR B 361 15.34 4.89 -2.84
CA TYR B 361 15.90 4.88 -4.19
C TYR B 361 14.81 4.54 -5.19
N ASP B 362 14.68 5.37 -6.22
CA ASP B 362 13.72 5.15 -7.29
C ASP B 362 14.44 4.67 -8.55
N PRO B 363 14.26 3.41 -8.97
CA PRO B 363 15.01 2.90 -10.13
C PRO B 363 14.52 3.47 -11.45
N TYR B 364 15.12 3.02 -12.55
CA TYR B 364 14.72 3.49 -13.87
C TYR B 364 13.33 3.00 -14.23
N LYS B 365 12.53 3.90 -14.80
CA LYS B 365 11.20 3.59 -15.30
C LYS B 365 11.07 4.11 -16.72
N ALA B 366 10.25 3.43 -17.52
CA ALA B 366 10.06 3.82 -18.90
C ALA B 366 9.40 5.19 -18.99
N LEU B 367 9.65 5.89 -20.09
CA LEU B 367 9.19 7.26 -20.24
C LEU B 367 7.74 7.33 -20.69
N TRP B 368 7.41 6.69 -21.82
CA TRP B 368 6.08 6.79 -22.40
C TRP B 368 5.21 5.57 -22.09
N PHE B 369 5.72 4.62 -21.32
CA PHE B 369 4.97 3.43 -20.93
C PHE B 369 5.10 3.23 -19.43
N GLU B 370 4.03 2.72 -18.82
CA GLU B 370 4.02 2.43 -17.39
C GLU B 370 3.77 0.94 -17.17
N ARG B 371 4.50 0.36 -16.23
CA ARG B 371 4.41 -1.07 -15.92
C ARG B 371 3.25 -1.29 -14.97
N LYS B 372 2.09 -1.65 -15.49
CA LYS B 372 0.96 -1.95 -14.63
C LYS B 372 0.45 -3.36 -14.91
N LYS B 373 -0.40 -3.84 -14.01
CA LYS B 373 -1.01 -5.15 -14.17
C LYS B 373 -2.14 -5.03 -15.19
N ASP B 374 -2.05 -5.83 -16.25
CA ASP B 374 -3.09 -5.80 -17.29
C ASP B 374 -4.38 -6.36 -16.73
N PRO B 375 -5.51 -5.67 -16.88
CA PRO B 375 -6.75 -6.11 -16.22
C PRO B 375 -7.35 -7.40 -16.79
N VAL B 376 -7.00 -7.81 -18.01
CA VAL B 376 -7.59 -9.00 -18.61
C VAL B 376 -6.63 -10.18 -18.57
N THR B 377 -5.34 -9.95 -18.83
CA THR B 377 -4.38 -11.03 -18.82
C THR B 377 -3.65 -11.18 -17.49
N LYS B 378 -3.86 -10.26 -16.54
CA LYS B 378 -3.27 -10.36 -15.22
C LYS B 378 -1.76 -10.46 -15.33
N GLU B 379 -1.18 -9.65 -16.21
CA GLU B 379 0.24 -9.69 -16.54
C GLU B 379 0.84 -8.32 -16.34
N LEU B 380 2.10 -8.30 -15.87
CA LEU B 380 2.79 -7.04 -15.71
C LEU B 380 3.19 -6.54 -17.09
N THR B 381 2.36 -5.68 -17.68
CA THR B 381 2.65 -5.18 -19.02
C THR B 381 2.79 -3.67 -18.99
N HIS B 382 3.53 -3.17 -19.97
CA HIS B 382 3.76 -1.75 -20.14
C HIS B 382 2.70 -1.16 -21.05
N ILE B 383 1.91 -0.24 -20.50
CA ILE B 383 0.81 0.38 -21.24
C ILE B 383 1.21 1.81 -21.59
N TYR B 384 0.78 2.27 -22.76
CA TYR B 384 1.08 3.62 -23.23
C TYR B 384 0.37 4.64 -22.34
N ARG B 385 1.14 5.63 -21.87
CA ARG B 385 0.57 6.63 -20.96
C ARG B 385 -0.38 7.56 -21.69
N GLY B 386 -0.08 7.93 -22.92
CA GLY B 386 -0.96 8.79 -23.69
C GLY B 386 -0.54 10.24 -23.68
N GLU B 387 0.76 10.48 -23.75
CA GLU B 387 1.25 11.85 -23.75
C GLU B 387 2.41 12.06 -24.72
N TYR B 388 2.73 11.07 -25.56
CA TYR B 388 3.80 11.23 -26.54
C TYR B 388 3.36 12.12 -27.69
N TRP B 389 2.18 11.85 -28.27
CA TRP B 389 1.72 12.66 -29.40
C TRP B 389 1.43 14.10 -28.99
N GLU B 390 0.91 14.31 -27.78
CA GLU B 390 0.69 15.67 -27.32
C GLU B 390 2.00 16.44 -27.21
N CYS B 391 3.03 15.81 -26.63
CA CYS B 391 4.33 16.46 -26.52
C CYS B 391 4.99 16.62 -27.88
N LYS B 392 4.70 15.73 -28.82
CA LYS B 392 5.24 15.86 -30.17
C LYS B 392 4.60 17.03 -30.90
N GLU B 393 3.29 17.22 -30.69
CA GLU B 393 2.61 18.36 -31.29
C GLU B 393 3.10 19.67 -30.66
N LYS B 394 3.39 19.65 -29.36
CA LYS B 394 3.88 20.84 -28.67
C LYS B 394 5.40 20.98 -28.77
N GLN B 395 6.09 19.94 -29.21
CA GLN B 395 7.54 19.97 -29.43
C GLN B 395 8.29 20.33 -28.14
N ASP B 396 7.94 19.64 -27.06
CA ASP B 396 8.58 19.79 -25.76
C ASP B 396 9.26 18.48 -25.39
N TRP B 397 10.52 18.31 -25.81
CA TRP B 397 11.25 17.09 -25.52
C TRP B 397 12.20 17.31 -24.35
N SER B 398 13.51 17.31 -24.62
CA SER B 398 14.55 17.52 -23.61
C SER B 398 14.56 16.39 -22.57
N SER B 399 13.39 16.13 -21.97
CA SER B 399 13.17 15.02 -21.04
C SER B 399 13.98 13.80 -21.43
N CYS B 400 13.86 13.40 -22.70
CA CYS B 400 14.59 12.24 -23.22
C CYS B 400 16.09 12.41 -23.02
N PRO B 401 16.75 11.46 -22.36
CA PRO B 401 18.19 11.58 -22.12
C PRO B 401 19.00 11.48 -23.40
N ASP B 402 20.27 11.89 -23.28
CA ASP B 402 21.22 11.78 -24.38
C ASP B 402 21.58 10.33 -24.63
N ILE B 403 20.82 9.67 -25.50
CA ILE B 403 21.02 8.24 -25.73
C ILE B 403 22.05 8.01 -26.84
N PHE B 404 21.98 8.80 -27.90
CA PHE B 404 22.94 8.69 -28.99
C PHE B 404 24.07 9.69 -28.82
N PRO C 2 11.01 -40.28 11.06
CA PRO C 2 10.88 -38.82 10.99
C PRO C 2 11.97 -38.11 11.78
N ARG C 3 12.67 -37.19 11.12
CA ARG C 3 13.77 -36.48 11.75
C ARG C 3 13.22 -35.24 12.43
N THR C 4 13.55 -35.05 13.70
CA THR C 4 12.96 -33.99 14.50
C THR C 4 13.93 -32.87 14.86
N ARG C 5 15.23 -33.06 14.64
CA ARG C 5 16.20 -32.02 14.96
C ARG C 5 17.50 -32.28 14.20
N ILE C 6 17.99 -31.23 13.55
CA ILE C 6 19.25 -31.28 12.80
C ILE C 6 20.33 -30.61 13.64
N PRO C 7 21.61 -30.86 13.38
CA PRO C 7 22.67 -30.16 14.12
C PRO C 7 22.51 -28.65 14.00
N TYR C 8 22.96 -27.94 15.04
CA TYR C 8 22.71 -26.52 15.10
C TYR C 8 23.54 -25.78 14.05
N LYS C 9 23.13 -24.55 13.79
CA LYS C 9 23.79 -23.72 12.78
C LYS C 9 25.06 -23.11 13.40
N PRO C 10 26.23 -23.30 12.79
CA PRO C 10 27.45 -22.72 13.36
C PRO C 10 27.46 -21.21 13.19
N ASN C 11 28.27 -20.57 14.05
CA ASN C 11 28.39 -19.11 14.07
C ASN C 11 29.69 -18.73 13.39
N TYR C 12 29.61 -18.37 12.12
CA TYR C 12 30.75 -17.88 11.37
C TYR C 12 30.53 -16.42 11.03
N SER C 13 31.50 -15.57 11.37
CA SER C 13 31.41 -14.12 11.19
C SER C 13 31.84 -13.75 9.78
N LEU C 14 30.88 -13.74 8.86
CA LEU C 14 31.11 -13.34 7.47
C LEU C 14 30.15 -12.21 7.10
N ASN C 15 30.70 -11.06 6.75
CA ASN C 15 29.89 -9.90 6.37
C ASN C 15 29.25 -10.15 5.00
N LEU C 16 27.92 -10.19 4.96
CA LEU C 16 27.22 -10.42 3.71
C LEU C 16 27.35 -9.23 2.76
N TRP C 17 27.24 -8.01 3.30
CA TRP C 17 27.33 -6.81 2.47
C TRP C 17 28.69 -6.68 1.79
N SER C 18 29.74 -7.25 2.39
CA SER C 18 31.07 -7.15 1.80
C SER C 18 31.13 -7.86 0.45
N ILE C 19 30.33 -8.91 0.27
CA ILE C 19 30.34 -9.66 -0.98
C ILE C 19 29.44 -9.03 -2.02
N MET C 20 28.26 -8.54 -1.60
CA MET C 20 27.30 -7.95 -2.51
C MET C 20 27.45 -6.44 -2.65
N LYS C 21 28.56 -5.86 -2.16
CA LYS C 21 28.78 -4.43 -2.28
C LYS C 21 28.88 -4.01 -3.75
N ASN C 22 29.82 -4.61 -4.49
CA ASN C 22 30.00 -4.28 -5.90
C ASN C 22 29.12 -5.10 -6.82
N CYS C 23 28.41 -6.10 -6.29
CA CYS C 23 27.56 -6.96 -7.09
C CYS C 23 26.16 -6.36 -7.22
N ILE C 24 26.09 -5.09 -7.62
CA ILE C 24 24.81 -4.42 -7.79
C ILE C 24 24.31 -4.66 -9.21
N GLY C 25 23.06 -5.10 -9.33
CA GLY C 25 22.47 -5.37 -10.63
C GLY C 25 22.70 -6.76 -11.17
N LYS C 26 23.42 -7.62 -10.45
CA LYS C 26 23.70 -8.96 -10.94
C LYS C 26 22.64 -9.94 -10.46
N GLU C 27 22.58 -11.09 -11.14
CA GLU C 27 21.67 -12.16 -10.76
C GLU C 27 22.25 -12.97 -9.61
N LEU C 28 21.36 -13.48 -8.76
CA LEU C 28 21.81 -14.24 -7.58
C LEU C 28 22.60 -15.49 -7.96
N SER C 29 22.29 -16.10 -9.10
CA SER C 29 23.05 -17.28 -9.52
C SER C 29 24.47 -16.91 -9.90
N LYS C 30 24.68 -15.68 -10.37
CA LYS C 30 25.99 -15.19 -10.77
C LYS C 30 26.70 -14.43 -9.66
N ILE C 31 26.26 -14.59 -8.43
CA ILE C 31 26.85 -13.90 -7.28
C ILE C 31 27.81 -14.90 -6.59
N PRO C 32 29.12 -14.67 -6.66
CA PRO C 32 30.02 -15.62 -6.00
C PRO C 32 30.00 -15.44 -4.50
N MET C 33 29.38 -16.37 -3.80
CA MET C 33 29.27 -16.33 -2.36
C MET C 33 29.48 -17.72 -1.79
N PRO C 34 30.01 -17.83 -0.58
CA PRO C 34 30.21 -19.14 0.04
C PRO C 34 28.92 -19.76 0.56
N VAL C 35 29.07 -20.83 1.34
CA VAL C 35 27.94 -21.57 1.89
C VAL C 35 27.44 -20.99 3.20
N ASN C 36 28.06 -19.91 3.69
CA ASN C 36 27.72 -19.37 5.01
C ASN C 36 26.30 -18.82 5.07
N PHE C 37 25.75 -18.35 3.95
CA PHE C 37 24.43 -17.72 3.94
C PHE C 37 23.37 -18.64 3.34
N ASN C 38 23.59 -19.94 3.36
CA ASN C 38 22.66 -20.93 2.81
C ASN C 38 21.97 -21.69 3.93
N GLU C 39 21.00 -22.53 3.54
CA GLU C 39 20.37 -23.46 4.44
C GLU C 39 20.55 -24.88 3.91
N PRO C 40 20.65 -25.89 4.78
CA PRO C 40 20.95 -27.25 4.31
C PRO C 40 19.83 -27.89 3.51
N LEU C 41 19.24 -27.14 2.58
CA LEU C 41 18.18 -27.61 1.73
C LEU C 41 18.42 -27.12 0.31
N SER C 42 17.98 -27.92 -0.67
CA SER C 42 18.08 -27.51 -2.06
C SER C 42 16.84 -26.74 -2.47
N MET C 43 16.92 -26.08 -3.62
CA MET C 43 15.76 -25.36 -4.14
C MET C 43 14.62 -26.33 -4.45
N LEU C 44 14.95 -27.57 -4.79
CA LEU C 44 13.90 -28.57 -5.03
C LEU C 44 13.16 -28.91 -3.74
N GLN C 45 13.88 -29.03 -2.63
CA GLN C 45 13.23 -29.31 -1.35
C GLN C 45 12.42 -28.09 -0.88
N ARG C 46 12.98 -26.90 -1.08
CA ARG C 46 12.28 -25.68 -0.73
C ARG C 46 10.99 -25.55 -1.52
N LEU C 47 11.03 -25.92 -2.80
CA LEU C 47 9.82 -25.91 -3.61
C LEU C 47 8.85 -27.00 -3.20
N THR C 48 9.37 -28.16 -2.77
CA THR C 48 8.51 -29.23 -2.29
C THR C 48 7.81 -28.85 -1.01
N GLU C 49 8.33 -27.85 -0.29
CA GLU C 49 7.68 -27.41 0.94
C GLU C 49 6.31 -26.77 0.72
N ASP C 50 5.89 -26.57 -0.53
CA ASP C 50 4.54 -26.05 -0.77
C ASP C 50 3.47 -27.01 -0.24
N LEU C 51 3.78 -28.30 -0.16
CA LEU C 51 2.85 -29.31 0.34
C LEU C 51 2.81 -29.37 1.86
N GLU C 52 3.33 -28.35 2.55
CA GLU C 52 3.34 -28.37 4.02
C GLU C 52 1.92 -28.40 4.58
N TYR C 53 1.04 -27.58 4.03
CA TYR C 53 -0.36 -27.54 4.47
C TYR C 53 -1.26 -28.22 3.46
N HIS C 54 -0.92 -29.48 3.16
CA HIS C 54 -1.67 -30.28 2.21
C HIS C 54 -3.08 -30.62 2.72
N GLU C 55 -3.36 -30.43 4.01
CA GLU C 55 -4.71 -30.67 4.52
C GLU C 55 -5.74 -29.78 3.85
N LEU C 56 -5.31 -28.61 3.36
CA LEU C 56 -6.25 -27.72 2.68
C LEU C 56 -6.77 -28.34 1.39
N LEU C 57 -5.88 -28.94 0.60
CA LEU C 57 -6.31 -29.61 -0.62
C LEU C 57 -7.09 -30.89 -0.29
N ASP C 58 -6.71 -31.58 0.79
CA ASP C 58 -7.44 -32.77 1.20
C ASP C 58 -8.88 -32.44 1.55
N ARG C 59 -9.10 -31.33 2.27
CA ARG C 59 -10.47 -30.92 2.57
C ARG C 59 -11.15 -30.32 1.36
N ALA C 60 -10.39 -29.73 0.43
CA ALA C 60 -10.99 -29.17 -0.77
C ALA C 60 -11.54 -30.28 -1.66
N ALA C 61 -10.91 -31.45 -1.65
CA ALA C 61 -11.42 -32.57 -2.44
C ALA C 61 -12.78 -33.03 -1.95
N LYS C 62 -13.13 -32.74 -0.69
CA LYS C 62 -14.42 -33.12 -0.12
C LYS C 62 -15.42 -31.98 -0.10
N CYS C 63 -15.33 -31.06 -1.06
CA CYS C 63 -16.23 -29.91 -1.15
C CYS C 63 -17.14 -30.11 -2.35
N GLU C 64 -18.45 -30.19 -2.09
CA GLU C 64 -19.41 -30.35 -3.18
C GLU C 64 -19.52 -29.05 -3.97
N ASN C 65 -19.55 -27.92 -3.28
CA ASN C 65 -19.62 -26.61 -3.91
C ASN C 65 -18.27 -26.26 -4.53
N SER C 66 -18.28 -25.91 -5.82
CA SER C 66 -17.03 -25.54 -6.48
C SER C 66 -16.48 -24.24 -5.92
N LEU C 67 -17.35 -23.29 -5.58
CA LEU C 67 -16.90 -22.01 -5.05
C LEU C 67 -16.24 -22.17 -3.69
N GLU C 68 -16.82 -23.00 -2.82
CA GLU C 68 -16.21 -23.27 -1.51
C GLU C 68 -14.88 -24.00 -1.67
N GLN C 69 -14.77 -24.86 -2.69
CA GLN C 69 -13.51 -25.51 -2.96
C GLN C 69 -12.45 -24.49 -3.40
N LEU C 70 -12.86 -23.50 -4.20
CA LEU C 70 -11.93 -22.44 -4.55
C LEU C 70 -11.55 -21.62 -3.33
N CYS C 71 -12.46 -21.52 -2.37
CA CYS C 71 -12.15 -20.84 -1.11
C CYS C 71 -11.07 -21.58 -0.33
N TYR C 72 -11.10 -22.92 -0.37
CA TYR C 72 -10.01 -23.69 0.25
C TYR C 72 -8.69 -23.55 -0.53
N VAL C 73 -8.76 -23.59 -1.86
CA VAL C 73 -7.56 -23.50 -2.68
C VAL C 73 -6.87 -22.16 -2.48
N ALA C 74 -7.65 -21.09 -2.31
CA ALA C 74 -7.05 -19.78 -2.11
C ALA C 74 -6.22 -19.74 -0.84
N ALA C 75 -6.69 -20.39 0.23
CA ALA C 75 -5.89 -20.50 1.44
C ALA C 75 -4.65 -21.37 1.20
N PHE C 76 -4.76 -22.36 0.32
CA PHE C 76 -3.57 -23.16 0.04
C PHE C 76 -2.48 -22.33 -0.63
N THR C 77 -2.88 -21.37 -1.47
CA THR C 77 -1.87 -20.54 -2.13
C THR C 77 -1.11 -19.67 -1.13
N VAL C 78 -1.80 -19.15 -0.11
CA VAL C 78 -1.15 -18.29 0.87
C VAL C 78 -0.36 -19.10 1.89
N SER C 79 -0.75 -20.35 2.13
CA SER C 79 -0.09 -21.13 3.17
C SER C 79 1.40 -21.32 2.89
N SER C 80 1.80 -21.30 1.61
CA SER C 80 3.19 -21.55 1.27
C SER C 80 4.12 -20.45 1.77
N TYR C 81 3.62 -19.22 1.91
CA TYR C 81 4.47 -18.11 2.35
C TYR C 81 4.53 -17.97 3.86
N SER C 82 3.96 -18.91 4.61
CA SER C 82 4.02 -18.85 6.06
C SER C 82 5.41 -19.15 6.59
N THR C 83 6.23 -19.87 5.81
CA THR C 83 7.58 -20.21 6.23
C THR C 83 8.59 -19.11 5.96
N THR C 84 8.26 -18.14 5.10
CA THR C 84 9.18 -17.09 4.71
C THR C 84 9.35 -16.01 5.78
N VAL C 85 8.54 -16.03 6.83
CA VAL C 85 8.60 -14.96 7.84
C VAL C 85 9.94 -14.99 8.57
N PHE C 86 10.46 -16.18 8.85
CA PHE C 86 11.71 -16.30 9.59
C PHE C 86 12.88 -16.81 8.77
N ARG C 87 12.65 -17.73 7.83
CA ARG C 87 13.77 -18.31 7.07
C ARG C 87 14.24 -17.34 6.00
N THR C 88 15.41 -16.74 6.24
CA THR C 88 16.03 -15.82 5.30
C THR C 88 17.35 -16.42 4.81
N SER C 89 17.32 -17.66 4.38
CA SER C 89 18.50 -18.37 3.90
C SER C 89 18.29 -18.81 2.47
N LYS C 90 19.39 -18.87 1.72
CA LYS C 90 19.35 -19.21 0.30
C LYS C 90 19.44 -20.71 0.12
N PRO C 91 18.46 -21.37 -0.48
CA PRO C 91 18.60 -22.81 -0.76
C PRO C 91 19.68 -23.03 -1.81
N PHE C 92 20.28 -24.22 -1.76
CA PHE C 92 21.36 -24.55 -2.68
C PHE C 92 20.85 -24.52 -4.11
N ASN C 93 21.61 -23.86 -4.97
CA ASN C 93 21.31 -23.85 -6.41
C ASN C 93 21.51 -25.26 -6.95
N PRO C 94 20.45 -25.98 -7.31
CA PRO C 94 20.58 -27.40 -7.64
C PRO C 94 21.31 -27.60 -8.96
N LEU C 95 21.98 -28.76 -9.06
CA LEU C 95 22.70 -29.11 -10.29
C LEU C 95 21.72 -29.47 -11.40
N LEU C 96 22.27 -29.65 -12.60
CA LEU C 96 21.43 -29.82 -13.78
C LEU C 96 20.58 -31.07 -13.69
N GLY C 97 21.14 -32.19 -13.24
CA GLY C 97 20.40 -33.43 -13.13
C GLY C 97 19.81 -33.72 -11.77
N GLU C 98 19.92 -32.80 -10.82
CA GLU C 98 19.51 -33.07 -9.45
C GLU C 98 17.99 -33.26 -9.36
N THR C 99 17.58 -34.21 -8.53
CA THR C 99 16.17 -34.50 -8.28
C THR C 99 15.92 -34.50 -6.78
N PHE C 100 14.66 -34.69 -6.41
CA PHE C 100 14.27 -34.83 -5.01
C PHE C 100 12.91 -35.49 -4.93
N GLU C 101 12.82 -36.61 -4.20
CA GLU C 101 11.59 -37.36 -4.04
C GLU C 101 11.05 -37.21 -2.62
N LEU C 102 9.76 -37.48 -2.49
CA LEU C 102 9.08 -37.51 -1.18
C LEU C 102 7.91 -38.48 -1.31
N ASP C 103 8.18 -39.76 -1.04
CA ASP C 103 7.19 -40.84 -1.15
C ASP C 103 6.54 -41.03 0.21
N ARG C 104 5.59 -40.15 0.54
CA ARG C 104 4.95 -40.20 1.86
C ARG C 104 3.45 -40.39 1.65
N LEU C 105 3.07 -41.63 1.32
CA LEU C 105 1.67 -41.99 1.09
C LEU C 105 0.96 -42.38 2.37
N GLU C 106 1.59 -43.23 3.19
CA GLU C 106 0.97 -43.66 4.43
C GLU C 106 1.01 -42.56 5.49
N GLU C 107 2.06 -41.75 5.49
CA GLU C 107 2.24 -40.72 6.51
C GLU C 107 1.51 -39.43 6.16
N ASN C 108 1.57 -39.03 4.90
CA ASN C 108 0.93 -37.80 4.45
C ASN C 108 -0.15 -38.01 3.42
N GLY C 109 0.10 -38.85 2.43
CA GLY C 109 -0.86 -39.16 1.40
C GLY C 109 -0.49 -38.72 0.01
N TYR C 110 0.80 -38.57 -0.30
CA TYR C 110 1.18 -38.13 -1.63
C TYR C 110 2.60 -38.60 -1.97
N ARG C 111 2.90 -38.46 -3.25
CA ARG C 111 4.21 -38.76 -3.83
C ARG C 111 4.65 -37.51 -4.58
N SER C 112 5.67 -36.84 -4.05
CA SER C 112 6.25 -35.65 -4.64
C SER C 112 7.55 -35.99 -5.37
N LEU C 113 7.81 -35.29 -6.47
CA LEU C 113 9.04 -35.47 -7.23
C LEU C 113 9.37 -34.16 -7.93
N CYS C 114 10.59 -33.69 -7.74
CA CYS C 114 11.09 -32.50 -8.39
C CYS C 114 12.38 -32.82 -9.10
N GLU C 115 12.64 -32.09 -10.19
CA GLU C 115 13.89 -32.25 -10.92
C GLU C 115 14.27 -30.92 -11.54
N GLN C 116 15.55 -30.56 -11.41
CA GLN C 116 16.07 -29.39 -12.10
C GLN C 116 16.08 -29.66 -13.60
N VAL C 117 15.21 -28.99 -14.33
CA VAL C 117 15.06 -29.28 -15.75
C VAL C 117 16.10 -28.56 -16.60
N SER C 118 16.51 -27.35 -16.20
CA SER C 118 17.43 -26.57 -17.02
C SER C 118 18.22 -25.63 -16.14
N HIS C 119 19.36 -25.18 -16.66
CA HIS C 119 20.17 -24.20 -15.96
C HIS C 119 20.38 -22.92 -16.77
N HIS C 120 19.88 -22.87 -18.02
CA HIS C 120 20.05 -21.70 -18.88
C HIS C 120 18.79 -21.55 -19.74
N PRO C 121 17.74 -20.92 -19.19
CA PRO C 121 17.65 -20.36 -17.83
C PRO C 121 17.31 -21.43 -16.78
N PRO C 122 17.55 -21.13 -15.51
CA PRO C 122 17.24 -22.09 -14.45
C PRO C 122 15.75 -22.37 -14.37
N ALA C 123 15.41 -23.66 -14.35
CA ALA C 123 14.02 -24.10 -14.25
C ALA C 123 13.97 -25.41 -13.49
N ALA C 124 12.90 -25.59 -12.72
CA ALA C 124 12.72 -26.78 -11.89
C ALA C 124 11.28 -27.24 -12.02
N ALA C 125 11.08 -28.51 -12.38
CA ALA C 125 9.76 -29.08 -12.52
C ALA C 125 9.39 -29.87 -11.27
N HIS C 126 8.16 -29.69 -10.81
CA HIS C 126 7.66 -30.33 -9.60
C HIS C 126 6.31 -30.97 -9.90
N HIS C 127 6.12 -32.20 -9.42
CA HIS C 127 4.88 -32.92 -9.62
C HIS C 127 4.62 -33.79 -8.41
N ALA C 128 3.41 -33.74 -7.87
CA ALA C 128 3.07 -34.49 -6.67
C ALA C 128 1.64 -34.97 -6.80
N GLU C 129 1.45 -36.29 -6.78
CA GLU C 129 0.12 -36.87 -6.86
C GLU C 129 -0.31 -37.45 -5.52
N SER C 130 -1.57 -37.23 -5.17
CA SER C 130 -2.11 -37.65 -3.88
C SER C 130 -3.23 -38.64 -4.09
N LYS C 131 -3.41 -39.52 -3.10
CA LYS C 131 -4.47 -40.50 -3.08
C LYS C 131 -5.77 -39.96 -2.51
N ASN C 132 -5.79 -38.71 -2.07
CA ASN C 132 -6.98 -38.11 -1.48
C ASN C 132 -7.84 -37.39 -2.51
N GLY C 133 -7.47 -37.46 -3.80
CA GLY C 133 -8.27 -36.91 -4.86
C GLY C 133 -7.76 -35.63 -5.52
N TRP C 134 -6.47 -35.33 -5.40
CA TRP C 134 -5.92 -34.14 -6.05
C TRP C 134 -4.49 -34.41 -6.51
N THR C 135 -4.00 -33.52 -7.37
CA THR C 135 -2.63 -33.57 -7.85
C THR C 135 -2.15 -32.14 -8.07
N LEU C 136 -0.92 -31.87 -7.65
CA LEU C 136 -0.31 -30.54 -7.75
C LEU C 136 0.93 -30.62 -8.62
N ARG C 137 1.03 -29.72 -9.60
CA ARG C 137 2.20 -29.72 -10.48
C ARG C 137 2.54 -28.29 -10.87
N GLN C 138 3.80 -28.07 -11.23
CA GLN C 138 4.28 -26.73 -11.54
C GLN C 138 5.66 -26.81 -12.19
N GLU C 139 6.00 -25.74 -12.90
CA GLU C 139 7.36 -25.53 -13.39
C GLU C 139 7.77 -24.12 -12.98
N ILE C 140 8.80 -24.02 -12.13
CA ILE C 140 9.22 -22.74 -11.59
C ILE C 140 10.56 -22.38 -12.20
N LYS C 141 10.58 -21.27 -12.91
CA LYS C 141 11.81 -20.65 -13.40
C LYS C 141 12.07 -19.46 -12.49
N ILE C 142 13.10 -19.55 -11.66
CA ILE C 142 13.39 -18.51 -10.68
C ILE C 142 14.19 -17.41 -11.35
N THR C 143 13.68 -16.18 -11.30
CA THR C 143 14.45 -15.02 -11.73
C THR C 143 14.71 -14.15 -10.51
N SER C 144 15.87 -13.50 -10.49
CA SER C 144 16.23 -12.71 -9.33
C SER C 144 17.01 -11.49 -9.79
N LYS C 145 17.12 -10.52 -8.89
CA LYS C 145 17.84 -9.29 -9.19
C LYS C 145 18.16 -8.58 -7.88
N PHE C 146 19.42 -8.21 -7.70
CA PHE C 146 19.86 -7.49 -6.51
C PHE C 146 19.98 -6.02 -6.88
N ARG C 147 19.12 -5.19 -6.30
CA ARG C 147 19.09 -3.77 -6.61
C ARG C 147 19.72 -2.90 -5.53
N GLY C 148 20.32 -3.52 -4.51
CA GLY C 148 20.96 -2.75 -3.46
C GLY C 148 20.17 -2.73 -2.17
N LYS C 149 19.07 -1.98 -2.17
CA LYS C 149 18.24 -1.91 -0.98
C LYS C 149 17.61 -3.27 -0.66
N TYR C 150 17.22 -4.01 -1.69
CA TYR C 150 16.57 -5.30 -1.53
C TYR C 150 17.04 -6.23 -2.65
N LEU C 151 16.83 -7.53 -2.43
CA LEU C 151 17.10 -8.56 -3.43
C LEU C 151 15.74 -9.17 -3.79
N SER C 152 15.32 -8.95 -5.03
CA SER C 152 14.03 -9.42 -5.51
C SER C 152 14.12 -10.82 -6.10
N ILE C 153 13.17 -11.66 -5.73
CA ILE C 153 13.05 -13.03 -6.21
C ILE C 153 11.64 -13.19 -6.78
N MET C 154 11.57 -13.55 -8.06
CA MET C 154 10.32 -13.78 -8.77
C MET C 154 10.31 -15.22 -9.27
N PRO C 155 9.67 -16.13 -8.56
CA PRO C 155 9.52 -17.50 -9.07
C PRO C 155 8.51 -17.57 -10.21
N LEU C 156 8.95 -17.25 -11.43
CA LEU C 156 8.04 -17.28 -12.55
C LEU C 156 7.55 -18.69 -12.81
N GLY C 157 6.36 -18.80 -13.36
CA GLY C 157 5.74 -20.08 -13.65
C GLY C 157 4.30 -20.14 -13.24
N THR C 158 3.64 -21.20 -13.68
CA THR C 158 2.23 -21.43 -13.42
C THR C 158 2.07 -22.74 -12.67
N ILE C 159 1.27 -22.72 -11.61
CA ILE C 159 1.02 -23.87 -10.76
C ILE C 159 -0.38 -24.38 -11.05
N HIS C 160 -0.51 -25.70 -11.16
CA HIS C 160 -1.76 -26.37 -11.47
C HIS C 160 -2.13 -27.26 -10.29
N CYS C 161 -3.43 -27.39 -10.05
CA CYS C 161 -3.96 -28.26 -9.02
C CYS C 161 -5.24 -28.85 -9.58
N ILE C 162 -5.20 -30.15 -9.89
CA ILE C 162 -6.33 -30.83 -10.51
C ILE C 162 -6.99 -31.73 -9.50
N PHE C 163 -8.32 -31.80 -9.59
CA PHE C 163 -9.16 -32.69 -8.79
C PHE C 163 -9.81 -33.64 -9.80
N HIS C 164 -9.35 -34.90 -9.76
CA HIS C 164 -9.75 -35.90 -10.74
C HIS C 164 -11.22 -36.29 -10.61
N ALA C 165 -11.75 -36.27 -9.39
CA ALA C 165 -13.12 -36.72 -9.17
C ALA C 165 -14.11 -35.82 -9.90
N THR C 166 -13.89 -34.51 -9.83
CA THR C 166 -14.76 -33.54 -10.46
C THR C 166 -14.12 -32.94 -11.71
N GLY C 167 -12.82 -33.15 -11.91
CA GLY C 167 -12.13 -32.57 -13.05
C GLY C 167 -11.73 -31.14 -12.87
N HIS C 168 -11.82 -30.59 -11.66
CA HIS C 168 -11.51 -29.18 -11.47
C HIS C 168 -10.02 -28.91 -11.66
N HIS C 169 -9.69 -27.95 -12.52
CA HIS C 169 -8.30 -27.65 -12.84
C HIS C 169 -8.03 -26.19 -12.46
N TYR C 170 -7.42 -25.98 -11.30
CA TYR C 170 -7.06 -24.65 -10.84
C TYR C 170 -5.66 -24.30 -11.30
N THR C 171 -5.47 -23.04 -11.69
CA THR C 171 -4.17 -22.56 -12.13
C THR C 171 -3.91 -21.19 -11.52
N TRP C 172 -2.67 -20.94 -11.10
CA TRP C 172 -2.34 -19.65 -10.53
C TRP C 172 -0.83 -19.44 -10.59
N LYS C 173 -0.43 -18.18 -10.61
CA LYS C 173 0.98 -17.80 -10.58
C LYS C 173 1.39 -17.43 -9.16
N LYS C 174 2.71 -17.35 -8.94
CA LYS C 174 3.23 -17.00 -7.63
C LYS C 174 3.31 -15.48 -7.48
N VAL C 175 3.74 -15.03 -6.31
CA VAL C 175 3.81 -13.62 -5.99
C VAL C 175 5.27 -13.23 -5.77
N THR C 176 5.56 -11.94 -5.93
CA THR C 176 6.93 -11.46 -5.83
C THR C 176 7.39 -11.42 -4.37
N THR C 177 8.62 -11.88 -4.15
CA THR C 177 9.21 -11.99 -2.81
C THR C 177 10.45 -11.10 -2.79
N THR C 178 10.61 -10.31 -1.74
CA THR C 178 11.80 -9.47 -1.64
C THR C 178 12.44 -9.66 -0.28
N VAL C 179 13.77 -9.74 -0.26
CA VAL C 179 14.53 -9.86 0.99
C VAL C 179 15.32 -8.57 1.14
N HIS C 180 15.11 -7.88 2.26
CA HIS C 180 15.63 -6.54 2.49
C HIS C 180 16.71 -6.55 3.57
N ASN C 181 17.31 -5.37 3.77
CA ASN C 181 18.27 -5.13 4.84
C ASN C 181 19.52 -5.97 4.58
N ILE C 182 20.17 -5.73 3.45
CA ILE C 182 21.35 -6.49 3.06
C ILE C 182 22.63 -5.89 3.62
N ILE C 183 22.67 -4.56 3.79
CA ILE C 183 23.89 -3.90 4.23
C ILE C 183 24.27 -4.34 5.64
N VAL C 184 23.28 -4.45 6.52
CA VAL C 184 23.50 -4.89 7.88
C VAL C 184 23.00 -6.32 8.00
N GLY C 185 23.68 -7.09 8.86
CA GLY C 185 23.40 -8.49 9.10
C GLY C 185 21.96 -8.96 9.07
N LYS C 186 21.12 -8.44 9.97
CA LYS C 186 19.78 -8.95 10.15
C LYS C 186 18.86 -8.73 8.96
N LEU C 187 18.50 -9.84 8.30
CA LEU C 187 17.67 -9.88 7.10
C LEU C 187 16.19 -10.09 7.45
N TRP C 188 15.31 -9.55 6.60
CA TRP C 188 13.89 -9.77 6.74
C TRP C 188 13.24 -9.82 5.36
N ILE C 189 12.15 -10.56 5.24
CA ILE C 189 11.51 -10.83 3.95
C ILE C 189 10.12 -10.20 3.93
N ASP C 190 9.64 -9.91 2.72
CA ASP C 190 8.31 -9.35 2.52
C ASP C 190 7.78 -9.79 1.16
N GLN C 191 6.53 -10.22 1.15
CA GLN C 191 5.84 -10.62 -0.08
C GLN C 191 4.90 -9.50 -0.51
N SER C 192 4.72 -9.35 -1.83
CA SER C 192 3.84 -8.28 -2.29
C SER C 192 3.35 -8.57 -3.70
N GLY C 193 2.09 -8.24 -3.98
CA GLY C 193 1.60 -8.44 -5.34
C GLY C 193 0.20 -9.01 -5.34
N GLU C 194 -0.14 -9.71 -6.42
CA GLU C 194 -1.47 -10.29 -6.55
C GLU C 194 -1.40 -11.70 -7.13
N ILE C 195 -2.19 -12.60 -6.55
CA ILE C 195 -2.36 -13.97 -7.01
C ILE C 195 -3.73 -14.09 -7.66
N ASP C 196 -3.76 -14.64 -8.87
CA ASP C 196 -4.98 -14.74 -9.67
C ASP C 196 -5.26 -16.22 -9.95
N ILE C 197 -6.19 -16.80 -9.19
CA ILE C 197 -6.57 -18.20 -9.36
C ILE C 197 -7.73 -18.30 -10.34
N VAL C 198 -7.64 -19.28 -11.24
CA VAL C 198 -8.66 -19.51 -12.26
C VAL C 198 -8.95 -21.00 -12.32
N ASN C 199 -10.23 -21.36 -12.27
CA ASN C 199 -10.69 -22.73 -12.46
C ASN C 199 -11.15 -22.90 -13.91
N HIS C 200 -10.47 -23.78 -14.64
CA HIS C 200 -10.78 -23.93 -16.07
C HIS C 200 -11.99 -24.83 -16.33
N LYS C 201 -12.43 -25.63 -15.36
CA LYS C 201 -13.61 -26.45 -15.61
C LYS C 201 -14.88 -25.64 -15.36
N THR C 202 -14.92 -24.91 -14.25
CA THR C 202 -16.01 -23.99 -13.92
C THR C 202 -15.43 -22.58 -13.90
N GLY C 203 -16.00 -21.69 -14.69
CA GLY C 203 -15.46 -20.36 -14.91
C GLY C 203 -15.24 -19.43 -13.73
N ASP C 204 -15.40 -19.90 -12.50
CA ASP C 204 -15.21 -19.05 -11.34
C ASP C 204 -13.75 -18.69 -11.14
N LYS C 205 -13.50 -17.50 -10.57
CA LYS C 205 -12.17 -16.98 -10.35
C LYS C 205 -11.98 -16.50 -8.92
N CYS C 206 -10.72 -16.27 -8.55
CA CYS C 206 -10.39 -15.77 -7.21
C CYS C 206 -9.19 -14.83 -7.33
N ASN C 207 -9.26 -13.71 -6.61
CA ASN C 207 -8.21 -12.70 -6.64
C ASN C 207 -7.73 -12.43 -5.23
N LEU C 208 -6.44 -12.62 -5.00
CA LEU C 208 -5.79 -12.34 -3.72
C LEU C 208 -4.79 -11.19 -3.89
N LYS C 209 -4.81 -10.27 -2.94
CA LYS C 209 -3.99 -9.07 -2.92
C LYS C 209 -3.07 -9.13 -1.71
N PHE C 210 -1.77 -9.19 -1.95
CA PHE C 210 -0.72 -9.12 -0.93
C PHE C 210 -0.24 -7.68 -0.81
N VAL C 211 -0.48 -7.09 0.35
CA VAL C 211 -0.13 -5.69 0.61
C VAL C 211 1.34 -5.62 1.00
N PRO C 212 2.13 -4.74 0.38
CA PRO C 212 3.54 -4.64 0.77
C PRO C 212 3.69 -4.00 2.15
N TYR C 213 4.78 -4.35 2.82
CA TYR C 213 5.10 -3.74 4.10
C TYR C 213 5.65 -2.34 3.83
N SER C 214 5.11 -1.35 4.53
CA SER C 214 5.49 0.05 4.33
C SER C 214 6.09 0.62 5.61
N TYR C 215 6.89 1.69 5.43
CA TYR C 215 7.58 2.29 6.57
C TYR C 215 6.58 2.78 7.60
N PHE C 216 5.53 3.45 7.16
CA PHE C 216 4.43 3.89 8.02
C PHE C 216 3.14 3.55 7.30
N SER C 217 2.50 2.45 7.69
CA SER C 217 1.24 2.02 7.11
C SER C 217 0.26 1.71 8.24
N ARG C 218 -0.98 2.16 8.07
CA ARG C 218 -1.98 1.92 9.11
C ARG C 218 -2.78 0.66 8.89
N ASP C 219 -2.40 -0.17 7.92
CA ASP C 219 -3.04 -1.46 7.76
C ASP C 219 -2.31 -2.48 8.63
N VAL C 220 -2.89 -3.67 8.74
CA VAL C 220 -2.22 -4.73 9.48
C VAL C 220 -0.97 -5.13 8.69
N ALA C 221 0.06 -5.56 9.40
CA ALA C 221 1.30 -5.90 8.70
C ALA C 221 1.12 -7.19 7.91
N ARG C 222 1.61 -7.17 6.67
CA ARG C 222 1.63 -8.35 5.79
C ARG C 222 0.24 -8.95 5.57
N LYS C 223 -0.76 -8.07 5.43
CA LYS C 223 -2.14 -8.51 5.26
C LYS C 223 -2.43 -8.89 3.81
N VAL C 224 -3.34 -9.84 3.64
CA VAL C 224 -3.77 -10.36 2.35
C VAL C 224 -5.29 -10.36 2.30
N THR C 225 -5.84 -9.72 1.28
CA THR C 225 -7.29 -9.67 1.05
C THR C 225 -7.63 -10.45 -0.23
N GLY C 226 -8.85 -10.96 -0.31
CA GLY C 226 -9.21 -11.78 -1.46
C GLY C 226 -10.69 -11.86 -1.68
N GLU C 227 -11.05 -12.24 -2.92
CA GLU C 227 -12.44 -12.40 -3.32
C GLU C 227 -12.58 -13.63 -4.20
N VAL C 228 -13.66 -14.39 -3.96
CA VAL C 228 -14.03 -15.56 -4.75
C VAL C 228 -15.32 -15.22 -5.48
N THR C 229 -15.26 -15.23 -6.81
CA THR C 229 -16.36 -14.83 -7.69
C THR C 229 -16.75 -16.02 -8.58
N ASP C 230 -18.02 -16.06 -8.93
CA ASP C 230 -18.55 -17.10 -9.82
C ASP C 230 -18.27 -16.77 -11.28
N PRO C 231 -18.47 -17.73 -12.18
CA PRO C 231 -18.26 -17.46 -13.61
C PRO C 231 -19.18 -16.35 -14.12
N SER C 232 -18.56 -15.30 -14.66
CA SER C 232 -19.28 -14.16 -15.22
C SER C 232 -20.22 -13.52 -14.20
N GLY C 233 -19.87 -13.61 -12.92
CA GLY C 233 -20.63 -13.02 -11.84
C GLY C 233 -19.72 -12.17 -10.98
N LYS C 234 -19.89 -12.31 -9.67
CA LYS C 234 -19.10 -11.52 -8.73
C LYS C 234 -19.13 -12.18 -7.36
N VAL C 235 -18.42 -11.56 -6.42
CA VAL C 235 -18.15 -12.03 -5.06
C VAL C 235 -19.20 -12.96 -4.46
N HIS C 236 -18.85 -14.23 -4.33
CA HIS C 236 -19.61 -15.19 -3.52
C HIS C 236 -18.98 -15.40 -2.17
N PHE C 237 -17.65 -15.42 -2.11
CA PHE C 237 -16.93 -15.50 -0.84
C PHE C 237 -15.91 -14.38 -0.78
N ALA C 238 -15.54 -14.01 0.44
CA ALA C 238 -14.49 -13.02 0.62
C ALA C 238 -13.55 -13.55 1.69
N LEU C 239 -12.24 -13.41 1.46
CA LEU C 239 -11.27 -13.97 2.39
C LEU C 239 -10.29 -12.89 2.78
N LEU C 240 -9.83 -12.95 4.01
CA LEU C 240 -8.86 -11.98 4.48
C LEU C 240 -8.04 -12.61 5.60
N GLY C 241 -6.85 -12.04 5.81
CA GLY C 241 -5.98 -12.56 6.85
C GLY C 241 -4.59 -12.02 6.65
N THR C 242 -3.62 -12.70 7.25
CA THR C 242 -2.23 -12.32 7.07
C THR C 242 -1.39 -13.56 6.82
N TRP C 243 -0.50 -13.49 5.84
CA TRP C 243 0.35 -14.65 5.58
C TRP C 243 1.37 -14.92 6.69
N ASP C 244 1.32 -14.17 7.81
CA ASP C 244 2.18 -14.44 8.95
C ASP C 244 1.58 -15.46 9.90
N GLU C 245 0.26 -15.59 9.94
CA GLU C 245 -0.39 -16.47 10.91
C GLU C 245 -1.60 -17.19 10.31
N LYS C 246 -2.70 -16.45 10.12
CA LYS C 246 -3.98 -17.07 9.82
C LYS C 246 -4.55 -16.49 8.52
N MET C 247 -5.58 -17.18 8.03
CA MET C 247 -6.28 -16.78 6.81
C MET C 247 -7.70 -17.30 6.92
N GLU C 248 -8.69 -16.41 6.81
CA GLU C 248 -10.07 -16.80 7.00
C GLU C 248 -10.86 -16.49 5.74
N CYS C 249 -11.83 -17.33 5.44
CA CYS C 249 -12.66 -17.19 4.24
C CYS C 249 -14.12 -17.15 4.69
N PHE C 250 -14.75 -16.00 4.56
CA PHE C 250 -16.13 -15.76 4.93
C PHE C 250 -17.01 -15.78 3.67
N LYS C 251 -18.31 -15.70 3.90
CA LYS C 251 -19.32 -15.66 2.86
C LYS C 251 -20.01 -14.31 2.92
N VAL C 252 -20.46 -13.81 1.78
CA VAL C 252 -21.05 -12.48 1.74
C VAL C 252 -22.54 -12.61 1.45
N GLN C 253 -23.31 -11.69 2.03
CA GLN C 253 -24.76 -11.64 1.84
C GLN C 253 -25.21 -10.20 1.93
N PRO C 254 -25.09 -9.42 0.84
CA PRO C 254 -25.54 -8.02 0.92
C PRO C 254 -27.06 -7.90 0.97
N HIS C 268 -24.22 -9.88 14.30
CA HIS C 268 -23.65 -11.16 14.69
C HIS C 268 -22.13 -11.07 14.81
N GLU C 269 -21.51 -12.15 15.28
CA GLU C 269 -20.07 -12.17 15.51
C GLU C 269 -19.33 -12.65 14.27
N ALA C 270 -18.19 -13.29 14.46
CA ALA C 270 -17.34 -13.71 13.35
C ALA C 270 -17.62 -15.15 12.93
N GLU C 271 -17.95 -16.03 13.87
CA GLU C 271 -18.08 -17.45 13.55
C GLU C 271 -19.26 -17.72 12.62
N GLU C 272 -20.29 -16.87 12.67
CA GLU C 272 -21.53 -17.17 11.95
C GLU C 272 -21.33 -17.17 10.44
N SER C 273 -20.51 -16.26 9.93
CA SER C 273 -20.34 -16.04 8.50
C SER C 273 -19.02 -16.58 7.97
N ARG C 274 -18.31 -17.40 8.74
CA ARG C 274 -17.01 -17.92 8.37
C ARG C 274 -17.09 -19.41 8.12
N VAL C 275 -16.59 -19.83 6.95
CA VAL C 275 -16.70 -21.22 6.50
C VAL C 275 -15.37 -21.95 6.61
N MET C 276 -14.24 -21.28 6.35
CA MET C 276 -12.94 -21.95 6.29
C MET C 276 -11.83 -21.11 6.91
N LEU C 277 -11.19 -21.62 7.95
CA LEU C 277 -10.02 -20.98 8.54
C LEU C 277 -8.77 -21.83 8.36
N TRP C 278 -7.63 -21.15 8.15
CA TRP C 278 -6.32 -21.79 8.04
C TRP C 278 -5.40 -21.14 9.06
N LYS C 279 -4.83 -21.95 9.96
CA LYS C 279 -3.84 -21.50 10.93
C LYS C 279 -2.53 -22.27 10.74
N ARG C 280 -1.42 -21.54 10.70
CA ARG C 280 -0.12 -22.19 10.50
C ARG C 280 0.33 -22.90 11.77
N ASN C 281 0.93 -24.07 11.59
CA ASN C 281 1.50 -24.79 12.73
C ASN C 281 2.80 -24.13 13.18
N PRO C 282 2.99 -23.93 14.48
CA PRO C 282 4.19 -23.22 14.95
C PRO C 282 5.46 -24.03 14.74
N LEU C 283 6.58 -23.31 14.76
CA LEU C 283 7.88 -23.94 14.59
C LEU C 283 8.22 -24.81 15.79
N PRO C 284 8.95 -25.92 15.58
CA PRO C 284 9.32 -26.79 16.72
C PRO C 284 10.30 -26.14 17.67
N LYS C 285 10.63 -26.85 18.74
CA LYS C 285 11.50 -26.31 19.78
C LYS C 285 12.92 -26.09 19.24
N ASN C 286 13.55 -25.03 19.75
CA ASN C 286 14.92 -24.66 19.38
C ASN C 286 15.07 -24.45 17.88
N ALA C 287 14.01 -23.99 17.21
CA ALA C 287 14.13 -23.70 15.79
C ALA C 287 14.97 -22.47 15.52
N GLU C 288 15.35 -21.71 16.55
CA GLU C 288 16.18 -20.53 16.36
C GLU C 288 17.56 -20.90 15.83
N ASN C 289 18.07 -22.06 16.20
CA ASN C 289 19.40 -22.51 15.80
C ASN C 289 19.36 -23.55 14.69
N MET C 290 18.18 -23.91 14.20
CA MET C 290 18.04 -24.87 13.11
C MET C 290 17.52 -24.19 11.85
N TYR C 291 18.08 -23.02 11.53
CA TYR C 291 17.73 -22.26 10.33
C TYR C 291 16.25 -21.93 10.25
N TYR C 292 15.56 -21.92 11.40
CA TYR C 292 14.11 -21.68 11.46
C TYR C 292 13.33 -22.64 10.57
N PHE C 293 13.82 -23.88 10.47
CA PHE C 293 13.15 -24.89 9.67
C PHE C 293 11.81 -25.26 10.29
N SER C 294 10.81 -25.50 9.45
CA SER C 294 9.53 -25.99 9.93
C SER C 294 9.66 -27.44 10.40
N GLU C 295 8.58 -27.95 10.99
CA GLU C 295 8.56 -29.34 11.40
C GLU C 295 8.67 -30.26 10.19
N LEU C 296 8.14 -29.83 9.05
CA LEU C 296 8.25 -30.59 7.82
C LEU C 296 9.59 -30.37 7.15
N ALA C 297 10.16 -29.16 7.26
CA ALA C 297 11.43 -28.86 6.62
C ALA C 297 12.59 -29.65 7.20
N LEU C 298 12.47 -30.10 8.46
CA LEU C 298 13.55 -30.88 9.07
C LEU C 298 13.66 -32.25 8.42
N THR C 299 12.53 -32.88 8.10
CA THR C 299 12.53 -34.23 7.56
C THR C 299 12.86 -34.30 6.08
N LEU C 300 13.13 -33.18 5.40
CA LEU C 300 13.36 -33.25 3.95
C LEU C 300 14.74 -33.80 3.63
N ASN C 301 15.78 -33.31 4.28
CA ASN C 301 17.12 -33.74 3.95
C ASN C 301 17.63 -34.87 4.83
N ALA C 302 16.72 -35.66 5.42
CA ALA C 302 17.15 -36.84 6.15
C ALA C 302 17.41 -37.95 5.16
N TRP C 303 18.52 -38.67 5.37
CA TRP C 303 18.91 -39.70 4.42
C TRP C 303 17.85 -40.80 4.35
N GLU C 304 17.56 -41.22 3.13
CA GLU C 304 16.54 -42.23 2.86
C GLU C 304 17.11 -43.25 1.90
N SER C 305 16.67 -44.50 2.06
CA SER C 305 17.12 -45.59 1.21
C SER C 305 16.18 -45.77 0.03
N GLY C 306 16.74 -46.21 -1.09
CA GLY C 306 15.96 -46.48 -2.28
C GLY C 306 15.68 -45.28 -3.17
N THR C 307 16.38 -44.17 -2.97
CA THR C 307 16.19 -42.98 -3.79
C THR C 307 17.12 -43.01 -5.01
N ALA C 308 16.84 -42.12 -5.96
CA ALA C 308 17.66 -42.01 -7.15
C ALA C 308 19.04 -41.45 -6.79
N PRO C 309 20.07 -41.78 -7.58
CA PRO C 309 21.42 -41.28 -7.28
C PRO C 309 21.56 -39.77 -7.40
N THR C 310 20.59 -39.08 -8.02
CA THR C 310 20.63 -37.64 -8.16
C THR C 310 19.74 -36.92 -7.15
N ASP C 311 19.29 -37.61 -6.12
CA ASP C 311 18.42 -36.98 -5.13
C ASP C 311 19.21 -35.98 -4.29
N SER C 312 18.52 -34.94 -3.82
CA SER C 312 19.16 -33.88 -3.05
C SER C 312 19.70 -34.37 -1.71
N ARG C 313 19.17 -35.49 -1.20
CA ARG C 313 19.65 -36.03 0.07
C ARG C 313 21.09 -36.50 -0.03
N LEU C 314 21.58 -36.76 -1.24
CA LEU C 314 22.94 -37.24 -1.47
C LEU C 314 23.92 -36.15 -1.86
N ARG C 315 23.48 -34.90 -1.93
CA ARG C 315 24.38 -33.81 -2.29
C ARG C 315 25.44 -33.62 -1.22
N PRO C 316 26.73 -33.64 -1.57
CA PRO C 316 27.77 -33.53 -0.54
C PRO C 316 27.79 -32.17 0.15
N ASP C 317 27.55 -31.08 -0.58
CA ASP C 317 27.63 -29.75 0.03
C ASP C 317 26.62 -29.60 1.16
N GLN C 318 25.39 -30.06 0.94
CA GLN C 318 24.35 -29.95 1.96
C GLN C 318 24.66 -30.81 3.18
N ARG C 319 25.09 -32.06 2.98
CA ARG C 319 25.41 -32.90 4.14
C ARG C 319 26.62 -32.36 4.89
N LEU C 320 27.59 -31.80 4.17
CA LEU C 320 28.75 -31.21 4.85
C LEU C 320 28.38 -29.96 5.62
N MET C 321 27.40 -29.20 5.15
CA MET C 321 26.99 -27.99 5.85
C MET C 321 26.02 -28.30 6.97
N GLU C 322 25.19 -29.34 6.82
CA GLU C 322 24.23 -29.71 7.85
C GLU C 322 24.94 -30.20 9.11
N ASN C 323 26.05 -30.93 8.94
CA ASN C 323 26.82 -31.45 10.05
C ASN C 323 27.84 -30.45 10.59
N GLY C 324 27.81 -29.21 10.10
CA GLY C 324 28.66 -28.14 10.60
C GLY C 324 30.03 -28.02 9.95
N ARG C 325 30.33 -28.85 8.95
CA ARG C 325 31.62 -28.79 8.26
C ARG C 325 31.52 -27.85 7.06
N TRP C 326 31.48 -26.54 7.36
CA TRP C 326 31.23 -25.55 6.33
C TRP C 326 32.43 -25.35 5.40
N ASP C 327 33.64 -25.37 5.93
CA ASP C 327 34.81 -25.10 5.09
C ASP C 327 34.95 -26.16 4.00
N GLU C 328 34.72 -27.42 4.37
CA GLU C 328 34.76 -28.49 3.39
C GLU C 328 33.55 -28.40 2.47
N ALA C 329 32.45 -27.84 2.96
CA ALA C 329 31.30 -27.65 2.09
C ALA C 329 31.58 -26.60 1.03
N ASN C 330 32.35 -25.57 1.37
CA ASN C 330 32.75 -24.58 0.36
C ASN C 330 33.65 -25.21 -0.69
N ALA C 331 34.63 -26.00 -0.25
CA ALA C 331 35.51 -26.63 -1.23
C ALA C 331 34.74 -27.60 -2.11
N GLU C 332 33.82 -28.36 -1.51
CA GLU C 332 33.03 -29.34 -2.25
C GLU C 332 32.05 -28.67 -3.20
N LYS C 333 31.47 -27.53 -2.81
CA LYS C 333 30.60 -26.82 -3.73
C LYS C 333 31.38 -26.28 -4.91
N GLN C 334 32.61 -25.80 -4.67
CA GLN C 334 33.40 -25.34 -5.80
C GLN C 334 33.69 -26.51 -6.73
N ARG C 335 33.96 -27.68 -6.16
CA ARG C 335 34.21 -28.88 -6.99
C ARG C 335 32.97 -29.27 -7.78
N LEU C 336 31.80 -29.29 -7.14
CA LEU C 336 30.58 -29.70 -7.82
C LEU C 336 30.21 -28.73 -8.93
N GLU C 337 30.33 -27.43 -8.68
CA GLU C 337 30.01 -26.46 -9.73
C GLU C 337 31.02 -26.53 -10.86
N GLU C 338 32.30 -26.79 -10.55
CA GLU C 338 33.27 -26.93 -11.63
C GLU C 338 33.02 -28.20 -12.45
N LYS C 339 32.58 -29.29 -11.80
CA LYS C 339 32.21 -30.47 -12.58
C LYS C 339 31.04 -30.20 -13.49
N GLN C 340 30.02 -29.49 -12.98
CA GLN C 340 28.88 -29.16 -13.84
C GLN C 340 29.30 -28.25 -14.99
N ARG C 341 30.22 -27.31 -14.73
CA ARG C 341 30.67 -26.41 -15.79
C ARG C 341 31.47 -27.16 -16.84
N LEU C 342 32.34 -28.08 -16.42
CA LEU C 342 33.12 -28.88 -17.37
C LEU C 342 32.21 -29.80 -18.18
N SER C 343 31.17 -30.36 -17.55
CA SER C 343 30.24 -31.19 -18.30
C SER C 343 29.47 -30.37 -19.33
N ARG C 344 29.12 -29.12 -18.97
CA ARG C 344 28.42 -28.27 -19.92
C ARG C 344 29.33 -27.87 -21.07
N LYS C 345 30.60 -27.59 -20.79
CA LYS C 345 31.55 -27.29 -21.87
C LYS C 345 31.78 -28.51 -22.76
N LYS C 346 31.77 -29.71 -22.18
CA LYS C 346 31.91 -30.91 -23.00
C LYS C 346 30.70 -31.10 -23.92
N ARG C 347 29.49 -30.83 -23.41
CA ARG C 347 28.33 -30.89 -24.28
C ARG C 347 28.41 -29.83 -25.38
N GLU C 348 28.91 -28.64 -25.05
CA GLU C 348 29.05 -27.60 -26.06
C GLU C 348 30.07 -27.99 -27.13
N ALA C 349 31.15 -28.66 -26.73
CA ALA C 349 32.14 -29.11 -27.69
C ALA C 349 31.58 -30.22 -28.58
N GLU C 350 30.80 -31.13 -28.00
CA GLU C 350 30.15 -32.16 -28.82
C GLU C 350 29.20 -31.52 -29.82
N ALA C 351 28.44 -30.52 -29.40
CA ALA C 351 27.52 -29.84 -30.31
C ALA C 351 28.28 -29.09 -31.38
N MET C 352 29.44 -28.53 -31.04
CA MET C 352 30.23 -27.78 -32.02
C MET C 352 30.83 -28.71 -33.08
N LYS C 353 31.32 -29.88 -32.65
CA LYS C 353 31.84 -30.83 -33.63
C LYS C 353 30.73 -31.39 -34.49
N ALA C 354 29.57 -31.68 -33.89
CA ALA C 354 28.46 -32.19 -34.69
C ALA C 354 27.94 -31.13 -35.64
N THR C 355 28.08 -29.86 -35.25
CA THR C 355 27.64 -28.75 -36.09
C THR C 355 28.61 -28.51 -37.25
N GLU C 356 29.89 -28.82 -37.05
CA GLU C 356 30.84 -28.63 -38.15
C GLU C 356 30.87 -29.82 -39.09
N ASP C 357 30.77 -31.04 -38.54
CA ASP C 357 30.78 -32.24 -39.37
C ASP C 357 29.42 -32.57 -39.98
N GLY C 358 28.35 -31.91 -39.56
CA GLY C 358 27.03 -32.29 -40.02
C GLY C 358 26.47 -33.51 -39.33
N THR C 359 27.21 -34.10 -38.40
CA THR C 359 26.77 -35.29 -37.71
C THR C 359 25.60 -34.96 -36.78
N PRO C 360 24.67 -35.88 -36.59
CA PRO C 360 23.56 -35.62 -35.66
C PRO C 360 24.04 -35.48 -34.22
N TYR C 361 23.29 -34.68 -33.46
CA TYR C 361 23.58 -34.39 -32.07
C TYR C 361 22.32 -34.55 -31.24
N ASP C 362 22.44 -35.23 -30.10
CA ASP C 362 21.31 -35.38 -29.19
C ASP C 362 21.48 -34.39 -28.05
N PRO C 363 20.64 -33.35 -27.97
CA PRO C 363 20.82 -32.34 -26.92
C PRO C 363 20.42 -32.87 -25.56
N TYR C 364 20.59 -32.07 -24.52
CA TYR C 364 20.21 -32.51 -23.19
C TYR C 364 18.69 -32.54 -23.07
N LYS C 365 18.17 -33.61 -22.49
CA LYS C 365 16.76 -33.74 -22.22
C LYS C 365 16.56 -34.17 -20.77
N ALA C 366 15.47 -33.68 -20.18
CA ALA C 366 15.16 -34.04 -18.80
C ALA C 366 14.85 -35.52 -18.70
N LEU C 367 15.12 -36.10 -17.53
CA LEU C 367 14.96 -37.54 -17.34
C LEU C 367 13.51 -37.89 -17.02
N TRP C 368 12.96 -37.28 -15.97
CA TRP C 368 11.63 -37.62 -15.50
C TRP C 368 10.56 -36.62 -15.92
N PHE C 369 10.92 -35.60 -16.70
CA PHE C 369 9.94 -34.63 -17.18
C PHE C 369 10.11 -34.41 -18.68
N GLU C 370 8.99 -34.18 -19.36
CA GLU C 370 8.98 -33.93 -20.78
C GLU C 370 8.38 -32.56 -21.06
N ARG C 371 9.01 -31.81 -21.97
CA ARG C 371 8.55 -30.47 -22.31
C ARG C 371 7.47 -30.53 -23.37
N LYS C 372 6.21 -30.47 -22.95
CA LYS C 372 5.09 -30.41 -23.86
C LYS C 372 4.26 -29.17 -23.57
N LYS C 373 3.38 -28.83 -24.52
CA LYS C 373 2.48 -27.71 -24.39
C LYS C 373 1.29 -28.12 -23.51
N ASP C 374 1.07 -27.39 -22.44
CA ASP C 374 -0.07 -27.68 -21.56
C ASP C 374 -1.36 -27.36 -22.29
N PRO C 375 -2.32 -28.29 -22.34
CA PRO C 375 -3.54 -28.05 -23.14
C PRO C 375 -4.45 -26.97 -22.60
N VAL C 376 -4.32 -26.57 -21.34
CA VAL C 376 -5.21 -25.57 -20.76
C VAL C 376 -4.53 -24.21 -20.66
N THR C 377 -3.26 -24.16 -20.29
CA THR C 377 -2.53 -22.90 -20.17
C THR C 377 -1.75 -22.52 -21.41
N LYS C 378 -1.68 -23.41 -22.40
CA LYS C 378 -1.03 -23.13 -23.69
C LYS C 378 0.42 -22.70 -23.51
N GLU C 379 1.13 -23.32 -22.56
CA GLU C 379 2.51 -22.97 -22.28
C GLU C 379 3.38 -24.22 -22.31
N LEU C 380 4.58 -24.07 -22.86
CA LEU C 380 5.51 -25.19 -22.91
C LEU C 380 6.08 -25.46 -21.53
N THR C 381 5.49 -26.40 -20.80
CA THR C 381 5.95 -26.71 -19.46
C THR C 381 6.36 -28.17 -19.38
N HIS C 382 7.21 -28.47 -18.40
CA HIS C 382 7.68 -29.83 -18.19
C HIS C 382 6.68 -30.59 -17.32
N ILE C 383 6.10 -31.63 -17.91
CA ILE C 383 5.10 -32.46 -17.24
C ILE C 383 5.76 -33.79 -16.92
N TYR C 384 5.39 -34.36 -15.77
CA TYR C 384 5.97 -35.61 -15.32
C TYR C 384 5.49 -36.79 -16.18
N ARG C 385 6.44 -37.49 -16.79
CA ARG C 385 6.17 -38.74 -17.48
C ARG C 385 6.15 -39.84 -16.43
N GLY C 386 4.97 -40.38 -16.12
CA GLY C 386 4.84 -41.41 -15.10
C GLY C 386 5.82 -42.56 -15.14
N GLU C 387 7.10 -42.30 -14.81
CA GLU C 387 8.12 -43.36 -14.81
C GLU C 387 9.07 -43.33 -13.62
N TYR C 388 8.92 -42.40 -12.67
CA TYR C 388 9.88 -42.37 -11.57
C TYR C 388 9.60 -43.45 -10.53
N TRP C 389 8.36 -43.52 -10.05
CA TRP C 389 8.00 -44.49 -9.00
C TRP C 389 8.10 -45.92 -9.49
N GLU C 390 7.72 -46.16 -10.74
CA GLU C 390 7.85 -47.50 -11.32
C GLU C 390 9.32 -47.92 -11.35
N CYS C 391 10.21 -47.01 -11.77
CA CYS C 391 11.64 -47.32 -11.75
C CYS C 391 12.18 -47.44 -10.34
N LYS C 392 11.55 -46.74 -9.38
CA LYS C 392 12.00 -46.83 -7.99
C LYS C 392 11.70 -48.21 -7.40
N GLU C 393 10.56 -48.80 -7.78
CA GLU C 393 10.28 -50.15 -7.27
C GLU C 393 11.26 -51.17 -7.82
N LYS C 394 11.67 -51.03 -9.09
CA LYS C 394 12.62 -51.99 -9.66
C LYS C 394 14.07 -51.61 -9.37
N GLN C 395 14.32 -50.37 -8.95
CA GLN C 395 15.64 -49.92 -8.51
C GLN C 395 16.72 -50.08 -9.58
N ASP C 396 16.42 -49.59 -10.79
CA ASP C 396 17.42 -49.48 -11.85
C ASP C 396 17.58 -47.99 -12.15
N TRP C 397 18.81 -47.50 -12.14
CA TRP C 397 19.08 -46.08 -12.29
C TRP C 397 20.19 -45.84 -13.30
N SER C 398 19.82 -45.34 -14.48
CA SER C 398 20.78 -44.98 -15.52
C SER C 398 20.75 -43.45 -15.65
N SER C 399 21.29 -42.79 -14.63
CA SER C 399 21.34 -41.35 -14.51
C SER C 399 22.76 -40.84 -14.77
N CYS C 400 23.11 -39.73 -14.13
CA CYS C 400 24.37 -39.02 -14.29
C CYS C 400 25.19 -38.99 -13.01
N PRO C 401 26.48 -38.64 -13.11
CA PRO C 401 27.31 -38.56 -11.89
C PRO C 401 27.62 -37.12 -11.48
N ASP C 402 26.58 -36.28 -11.44
CA ASP C 402 26.73 -34.89 -11.03
C ASP C 402 27.07 -34.72 -9.56
N ILE C 403 26.51 -35.55 -8.69
CA ILE C 403 26.69 -35.40 -7.25
C ILE C 403 27.92 -36.17 -6.78
N PRO D 2 -28.03 -11.42 41.54
CA PRO D 2 -27.41 -10.13 41.25
C PRO D 2 -26.99 -9.39 42.53
N ARG D 3 -26.01 -8.49 42.41
CA ARG D 3 -25.50 -7.78 43.57
C ARG D 3 -26.30 -6.52 43.83
N THR D 4 -26.80 -6.38 45.06
CA THR D 4 -27.63 -5.25 45.43
C THR D 4 -27.02 -4.36 46.51
N ARG D 5 -25.87 -4.75 47.07
CA ARG D 5 -25.27 -3.96 48.14
C ARG D 5 -23.79 -4.24 48.21
N ILE D 6 -23.00 -3.18 48.14
CA ILE D 6 -21.55 -3.23 48.21
C ILE D 6 -21.09 -2.71 49.56
N PRO D 7 -19.88 -3.09 50.01
CA PRO D 7 -19.36 -2.52 51.27
C PRO D 7 -19.24 -1.01 51.22
N TYR D 8 -19.42 -0.39 52.38
CA TYR D 8 -19.46 1.07 52.49
C TYR D 8 -18.07 1.67 52.33
N LYS D 9 -18.04 2.99 52.08
CA LYS D 9 -16.82 3.76 51.92
C LYS D 9 -16.26 4.19 53.27
N PRO D 10 -14.99 3.89 53.56
CA PRO D 10 -14.41 4.34 54.83
C PRO D 10 -14.15 5.84 54.86
N ASN D 11 -14.01 6.36 56.07
CA ASN D 11 -13.80 7.80 56.31
C ASN D 11 -12.33 8.07 56.62
N TYR D 12 -11.60 8.57 55.62
CA TYR D 12 -10.19 8.95 55.76
C TYR D 12 -10.06 10.46 55.63
N SER D 13 -9.37 11.08 56.59
CA SER D 13 -9.20 12.53 56.59
C SER D 13 -7.99 12.90 55.74
N LEU D 14 -8.24 13.04 54.44
CA LEU D 14 -7.22 13.48 53.49
C LEU D 14 -7.77 14.66 52.69
N ASN D 15 -7.15 15.83 52.85
CA ASN D 15 -7.59 17.01 52.12
C ASN D 15 -7.19 16.89 50.66
N LEU D 16 -8.18 16.92 49.77
CA LEU D 16 -7.88 16.79 48.33
C LEU D 16 -7.10 17.99 47.83
N TRP D 17 -7.44 19.19 48.31
CA TRP D 17 -6.76 20.40 47.86
C TRP D 17 -5.28 20.36 48.20
N SER D 18 -4.89 19.60 49.23
CA SER D 18 -3.48 19.49 49.58
C SER D 18 -2.68 18.81 48.48
N ILE D 19 -3.30 17.90 47.72
CA ILE D 19 -2.60 17.20 46.66
C ILE D 19 -2.64 17.98 45.35
N MET D 20 -3.77 18.59 45.03
CA MET D 20 -3.92 19.36 43.79
C MET D 20 -3.61 20.84 43.97
N LYS D 21 -2.97 21.22 45.08
CA LYS D 21 -2.62 22.61 45.31
C LYS D 21 -1.70 23.13 44.21
N ASN D 22 -0.57 22.46 44.00
CA ASN D 22 0.44 22.89 43.05
C ASN D 22 0.23 22.31 41.66
N CYS D 23 -0.68 21.34 41.51
CA CYS D 23 -0.90 20.68 40.22
C CYS D 23 -1.94 21.40 39.38
N ILE D 24 -1.80 22.71 39.24
CA ILE D 24 -2.70 23.52 38.43
C ILE D 24 -2.15 23.58 37.01
N GLY D 25 -3.02 23.33 36.03
CA GLY D 25 -2.63 23.32 34.64
C GLY D 25 -2.17 21.97 34.13
N LYS D 26 -2.13 20.96 34.99
CA LYS D 26 -1.73 19.62 34.61
C LYS D 26 -2.93 18.79 34.22
N GLU D 27 -2.67 17.69 33.52
CA GLU D 27 -3.70 16.74 33.16
C GLU D 27 -4.01 15.83 34.34
N LEU D 28 -5.27 15.39 34.43
CA LEU D 28 -5.66 14.51 35.53
C LEU D 28 -4.87 13.21 35.53
N SER D 29 -4.43 12.76 34.35
CA SER D 29 -3.65 11.53 34.27
C SER D 29 -2.25 11.71 34.86
N LYS D 30 -1.70 12.92 34.79
CA LYS D 30 -0.36 13.20 35.30
C LYS D 30 -0.35 13.77 36.71
N ILE D 31 -1.47 13.70 37.43
CA ILE D 31 -1.58 14.21 38.78
C ILE D 31 -1.48 13.00 39.74
N PRO D 32 -0.45 12.91 40.56
CA PRO D 32 -0.30 11.75 41.45
C PRO D 32 -1.31 11.80 42.59
N MET D 33 -2.22 10.84 42.61
CA MET D 33 -3.27 10.79 43.62
C MET D 33 -3.41 9.39 44.18
N PRO D 34 -3.77 9.26 45.45
CA PRO D 34 -4.06 7.94 46.02
C PRO D 34 -5.43 7.44 45.61
N VAL D 35 -5.89 6.36 46.24
CA VAL D 35 -7.20 5.79 45.93
C VAL D 35 -8.31 6.40 46.76
N ASN D 36 -7.99 7.36 47.63
CA ASN D 36 -8.99 7.91 48.54
C ASN D 36 -10.10 8.62 47.79
N PHE D 37 -9.81 9.19 46.62
CA PHE D 37 -10.79 9.95 45.85
C PHE D 37 -11.29 9.19 44.64
N ASN D 38 -11.21 7.86 44.67
CA ASN D 38 -11.67 7.02 43.58
C ASN D 38 -12.94 6.27 43.99
N GLU D 39 -13.53 5.59 43.02
CA GLU D 39 -14.67 4.71 43.23
C GLU D 39 -14.33 3.29 42.78
N PRO D 40 -14.94 2.26 43.41
CA PRO D 40 -14.55 0.88 43.10
C PRO D 40 -14.98 0.42 41.72
N LEU D 41 -14.79 1.27 40.71
CA LEU D 41 -15.13 0.97 39.33
C LEU D 41 -14.01 1.50 38.43
N SER D 42 -13.80 0.82 37.32
CA SER D 42 -12.82 1.28 36.34
C SER D 42 -13.49 2.21 35.33
N MET D 43 -12.67 2.92 34.57
CA MET D 43 -13.21 3.80 33.55
C MET D 43 -13.98 3.02 32.48
N LEU D 44 -13.60 1.77 32.23
CA LEU D 44 -14.37 0.96 31.29
C LEU D 44 -15.76 0.65 31.82
N GLN D 45 -15.86 0.36 33.12
CA GLN D 45 -17.16 0.11 33.73
C GLN D 45 -17.99 1.39 33.79
N ARG D 46 -17.34 2.50 34.12
CA ARG D 46 -18.03 3.79 34.14
C ARG D 46 -18.56 4.15 32.77
N LEU D 47 -17.79 3.84 31.72
CA LEU D 47 -18.25 4.09 30.37
C LEU D 47 -19.35 3.12 29.97
N THR D 48 -19.28 1.87 30.46
CA THR D 48 -20.34 0.91 30.18
C THR D 48 -21.64 1.32 30.84
N GLU D 49 -21.58 2.20 31.84
CA GLU D 49 -22.81 2.66 32.47
C GLU D 49 -23.70 3.49 31.54
N ASP D 50 -23.26 3.81 30.32
CA ASP D 50 -24.14 4.49 29.38
C ASP D 50 -25.37 3.65 29.04
N LEU D 51 -25.25 2.33 29.11
CA LEU D 51 -26.35 1.42 28.81
C LEU D 51 -27.33 1.27 29.97
N GLU D 52 -27.30 2.17 30.95
CA GLU D 52 -28.21 2.06 32.09
C GLU D 52 -29.66 2.18 31.65
N TYR D 53 -29.96 3.12 30.76
CA TYR D 53 -31.31 3.31 30.24
C TYR D 53 -31.41 2.78 28.81
N HIS D 54 -31.04 1.50 28.65
CA HIS D 54 -31.08 0.85 27.35
C HIS D 54 -32.50 0.68 26.83
N GLU D 55 -33.52 0.84 27.69
CA GLU D 55 -34.90 0.76 27.24
C GLU D 55 -35.22 1.85 26.23
N LEU D 56 -34.49 2.96 26.24
CA LEU D 56 -34.72 4.02 25.27
C LEU D 56 -34.40 3.55 23.86
N LEU D 57 -33.27 2.85 23.67
CA LEU D 57 -32.97 2.29 22.37
C LEU D 57 -33.89 1.13 22.04
N ASP D 58 -34.31 0.36 23.06
CA ASP D 58 -35.24 -0.74 22.82
C ASP D 58 -36.55 -0.23 22.24
N ARG D 59 -37.07 0.87 22.80
CA ARG D 59 -38.28 1.47 22.25
C ARG D 59 -38.01 2.23 20.96
N ALA D 60 -36.78 2.74 20.78
CA ALA D 60 -36.46 3.46 19.56
C ALA D 60 -36.42 2.53 18.34
N ALA D 61 -36.02 1.27 18.54
CA ALA D 61 -36.00 0.32 17.43
C ALA D 61 -37.40 0.03 16.91
N LYS D 62 -38.43 0.26 17.72
CA LYS D 62 -39.82 0.02 17.33
C LYS D 62 -40.54 1.31 16.93
N CYS D 63 -39.80 2.28 16.39
CA CYS D 63 -40.35 3.55 15.94
C CYS D 63 -40.26 3.60 14.42
N GLU D 64 -41.42 3.75 13.76
CA GLU D 64 -41.44 3.80 12.30
C GLU D 64 -40.86 5.11 11.78
N ASN D 65 -41.26 6.23 12.39
CA ASN D 65 -40.77 7.54 11.97
C ASN D 65 -39.35 7.76 12.46
N SER D 66 -38.47 8.15 11.53
CA SER D 66 -37.08 8.39 11.88
C SER D 66 -36.94 9.58 12.83
N LEU D 67 -37.77 10.61 12.65
CA LEU D 67 -37.70 11.78 13.53
C LEU D 67 -38.18 11.45 14.93
N GLU D 68 -39.28 10.72 15.05
CA GLU D 68 -39.77 10.30 16.36
C GLU D 68 -38.79 9.35 17.04
N GLN D 69 -38.09 8.55 16.25
CA GLN D 69 -37.03 7.70 16.78
C GLN D 69 -35.84 8.53 17.25
N LEU D 70 -35.53 9.59 16.51
CA LEU D 70 -34.44 10.48 16.90
C LEU D 70 -34.74 11.16 18.22
N CYS D 71 -36.03 11.37 18.53
CA CYS D 71 -36.33 11.92 19.84
C CYS D 71 -35.92 10.96 20.96
N TYR D 72 -36.14 9.66 20.76
CA TYR D 72 -35.70 8.67 21.74
C TYR D 72 -34.18 8.63 21.83
N VAL D 73 -33.51 8.70 20.68
CA VAL D 73 -32.04 8.67 20.69
C VAL D 73 -31.48 9.89 21.42
N ALA D 74 -32.11 11.06 21.20
CA ALA D 74 -31.67 12.27 21.88
C ALA D 74 -31.87 12.17 23.37
N ALA D 75 -32.98 11.55 23.80
CA ALA D 75 -33.17 11.35 25.23
C ALA D 75 -32.13 10.37 25.78
N PHE D 76 -31.71 9.39 24.98
CA PHE D 76 -30.67 8.48 25.43
C PHE D 76 -29.34 9.19 25.61
N THR D 77 -29.05 10.18 24.78
CA THR D 77 -27.78 10.90 24.94
C THR D 77 -27.73 11.64 26.28
N VAL D 78 -28.87 12.17 26.73
CA VAL D 78 -28.91 12.88 28.01
C VAL D 78 -28.99 11.92 29.17
N SER D 79 -29.55 10.72 28.97
CA SER D 79 -29.77 9.81 30.09
C SER D 79 -28.47 9.39 30.77
N SER D 80 -27.35 9.39 30.03
CA SER D 80 -26.09 8.95 30.63
C SER D 80 -25.60 9.89 31.73
N TYR D 81 -26.01 11.15 31.69
CA TYR D 81 -25.57 12.14 32.68
C TYR D 81 -26.44 12.17 33.92
N SER D 82 -27.36 11.22 34.07
CA SER D 82 -28.18 11.18 35.27
C SER D 82 -27.39 10.73 36.50
N THR D 83 -26.31 9.98 36.31
CA THR D 83 -25.51 9.50 37.43
C THR D 83 -24.49 10.51 37.93
N THR D 84 -24.18 11.54 37.14
CA THR D 84 -23.14 12.50 37.52
C THR D 84 -23.59 13.51 38.56
N VAL D 85 -24.88 13.56 38.88
CA VAL D 85 -25.38 14.59 39.80
C VAL D 85 -24.81 14.39 41.20
N PHE D 86 -24.71 13.14 41.65
CA PHE D 86 -24.18 12.84 42.98
C PHE D 86 -22.83 12.17 42.97
N ARG D 87 -22.53 11.38 41.94
CA ARG D 87 -21.31 10.60 41.86
C ARG D 87 -20.15 11.53 41.48
N THR D 88 -19.32 11.85 42.46
CA THR D 88 -18.18 12.73 42.22
C THR D 88 -16.85 12.02 42.52
N SER D 89 -16.68 10.81 41.98
CA SER D 89 -15.47 10.03 42.22
C SER D 89 -14.81 9.67 40.89
N LYS D 90 -13.49 9.53 40.94
CA LYS D 90 -12.71 9.24 39.74
C LYS D 90 -12.60 7.73 39.56
N PRO D 91 -13.08 7.16 38.44
CA PRO D 91 -12.86 5.74 38.19
C PRO D 91 -11.39 5.44 37.96
N PHE D 92 -11.00 4.21 38.26
CA PHE D 92 -9.61 3.81 38.12
C PHE D 92 -9.15 3.93 36.68
N ASN D 93 -7.97 4.53 36.49
CA ASN D 93 -7.35 4.63 35.17
C ASN D 93 -6.99 3.25 34.66
N PRO D 94 -7.66 2.77 33.62
CA PRO D 94 -7.48 1.37 33.22
C PRO D 94 -6.10 1.12 32.64
N LEU D 95 -5.61 -0.10 32.83
CA LEU D 95 -4.32 -0.50 32.33
C LEU D 95 -4.38 -0.73 30.82
N LEU D 96 -3.21 -0.95 30.21
CA LEU D 96 -3.12 -1.01 28.76
C LEU D 96 -3.96 -2.17 28.19
N GLY D 97 -3.89 -3.33 28.82
CA GLY D 97 -4.64 -4.48 28.35
C GLY D 97 -5.97 -4.71 29.03
N GLU D 98 -6.40 -3.82 29.91
CA GLU D 98 -7.62 -4.05 30.69
C GLU D 98 -8.85 -4.05 29.80
N THR D 99 -9.78 -4.96 30.09
CA THR D 99 -11.04 -5.07 29.38
C THR D 99 -12.17 -5.14 30.41
N PHE D 100 -13.41 -5.17 29.92
CA PHE D 100 -14.57 -5.36 30.78
C PHE D 100 -15.74 -5.82 29.93
N GLU D 101 -16.33 -6.95 30.30
CA GLU D 101 -17.46 -7.51 29.56
C GLU D 101 -18.75 -7.39 30.36
N LEU D 102 -19.87 -7.47 29.64
CA LEU D 102 -21.21 -7.44 30.23
C LEU D 102 -22.11 -8.26 29.30
N ASP D 103 -22.17 -9.57 29.56
CA ASP D 103 -22.95 -10.50 28.74
C ASP D 103 -24.34 -10.62 29.37
N ARG D 104 -25.19 -9.63 29.11
CA ARG D 104 -26.53 -9.63 29.70
C ARG D 104 -27.53 -9.63 28.56
N LEU D 105 -27.68 -10.80 27.93
CA LEU D 105 -28.58 -10.96 26.80
C LEU D 105 -30.00 -11.30 27.22
N GLU D 106 -30.16 -12.28 28.11
CA GLU D 106 -31.50 -12.65 28.56
C GLU D 106 -32.07 -11.66 29.57
N GLU D 107 -31.21 -11.03 30.37
CA GLU D 107 -31.70 -10.14 31.43
C GLU D 107 -32.02 -8.76 30.91
N ASN D 108 -31.19 -8.23 30.02
CA ASN D 108 -31.31 -6.89 29.46
C ASN D 108 -31.48 -6.90 27.95
N GLY D 109 -30.70 -7.71 27.24
CA GLY D 109 -30.83 -7.79 25.79
C GLY D 109 -29.61 -7.33 25.04
N TYR D 110 -28.43 -7.38 25.65
CA TYR D 110 -27.24 -6.94 24.94
C TYR D 110 -25.99 -7.61 25.48
N ARG D 111 -24.93 -7.48 24.68
CA ARG D 111 -23.59 -7.93 25.03
C ARG D 111 -22.66 -6.73 24.84
N SER D 112 -22.14 -6.23 25.96
CA SER D 112 -21.24 -5.10 26.02
C SER D 112 -19.80 -5.57 26.23
N LEU D 113 -18.86 -4.86 25.64
CA LEU D 113 -17.44 -5.15 25.79
C LEU D 113 -16.66 -3.86 25.63
N CYS D 114 -15.78 -3.58 26.58
CA CYS D 114 -14.91 -2.41 26.52
C CYS D 114 -13.47 -2.86 26.67
N GLU D 115 -12.56 -2.11 26.05
CA GLU D 115 -11.14 -2.39 26.15
C GLU D 115 -10.37 -1.08 26.09
N GLN D 116 -9.42 -0.92 26.99
CA GLN D 116 -8.51 0.22 26.92
C GLN D 116 -7.61 -0.05 25.72
N VAL D 117 -7.85 0.66 24.62
CA VAL D 117 -7.10 0.39 23.40
C VAL D 117 -5.75 1.06 23.39
N SER D 118 -5.59 2.17 24.10
CA SER D 118 -4.32 2.86 24.08
C SER D 118 -4.07 3.54 25.41
N HIS D 119 -2.80 3.66 25.75
CA HIS D 119 -2.33 4.44 26.89
C HIS D 119 -1.32 5.40 26.32
N HIS D 120 -1.30 6.63 26.83
CA HIS D 120 -0.47 7.70 26.31
C HIS D 120 -0.78 7.91 24.82
N PRO D 121 -1.88 8.59 24.49
CA PRO D 121 -2.89 9.12 25.41
C PRO D 121 -3.90 8.04 25.80
N PRO D 122 -4.61 8.23 26.92
CA PRO D 122 -5.63 7.26 27.33
C PRO D 122 -6.80 7.21 26.35
N ALA D 123 -7.16 6.00 25.93
CA ALA D 123 -8.28 5.81 25.02
C ALA D 123 -8.97 4.50 25.34
N ALA D 124 -10.30 4.48 25.19
CA ALA D 124 -11.08 3.30 25.53
C ALA D 124 -12.15 3.08 24.47
N ALA D 125 -12.18 1.87 23.90
CA ALA D 125 -13.18 1.49 22.92
C ALA D 125 -14.27 0.68 23.58
N HIS D 126 -15.52 0.99 23.24
CA HIS D 126 -16.69 0.34 23.81
C HIS D 126 -17.61 -0.09 22.68
N HIS D 127 -18.14 -1.32 22.79
CA HIS D 127 -19.01 -1.87 21.77
C HIS D 127 -20.05 -2.78 22.41
N ALA D 128 -21.31 -2.61 22.01
CA ALA D 128 -22.41 -3.36 22.59
C ALA D 128 -23.43 -3.68 21.51
N GLU D 129 -23.67 -4.96 21.28
CA GLU D 129 -24.67 -5.37 20.32
C GLU D 129 -25.90 -5.89 21.04
N SER D 130 -27.07 -5.52 20.55
CA SER D 130 -28.32 -5.89 21.20
C SER D 130 -29.16 -6.73 20.25
N LYS D 131 -29.97 -7.61 20.82
CA LYS D 131 -30.88 -8.44 20.05
C LYS D 131 -32.20 -7.76 19.78
N ASN D 132 -32.38 -6.53 20.26
CA ASN D 132 -33.60 -5.78 20.05
C ASN D 132 -33.55 -4.92 18.79
N GLY D 133 -32.47 -5.00 18.03
CA GLY D 133 -32.35 -4.31 16.76
C GLY D 133 -31.43 -3.11 16.73
N TRP D 134 -30.49 -2.99 17.67
CA TRP D 134 -29.58 -1.85 17.68
C TRP D 134 -28.20 -2.26 18.14
N THR D 135 -27.24 -1.37 17.88
CA THR D 135 -25.86 -1.56 18.28
C THR D 135 -25.27 -0.21 18.64
N LEU D 136 -24.54 -0.16 19.75
CA LEU D 136 -23.93 1.08 20.24
C LEU D 136 -22.43 0.90 20.32
N ARG D 137 -21.67 1.83 19.74
CA ARG D 137 -20.23 1.74 19.83
C ARG D 137 -19.63 3.14 19.95
N GLN D 138 -18.42 3.20 20.48
CA GLN D 138 -17.77 4.49 20.71
C GLN D 138 -16.29 4.27 21.00
N GLU D 139 -15.50 5.31 20.76
CA GLU D 139 -14.11 5.35 21.23
C GLU D 139 -13.91 6.69 21.92
N ILE D 140 -13.65 6.63 23.22
CA ILE D 140 -13.55 7.83 24.05
C ILE D 140 -12.10 8.02 24.48
N LYS D 141 -11.54 9.16 24.09
CA LYS D 141 -10.24 9.62 24.55
C LYS D 141 -10.48 10.69 25.60
N ILE D 142 -10.14 10.38 26.85
CA ILE D 142 -10.40 11.30 27.95
C ILE D 142 -9.25 12.30 28.02
N THR D 143 -9.56 13.58 27.83
CA THR D 143 -8.62 14.67 28.06
C THR D 143 -9.16 15.56 29.17
N SER D 144 -8.26 16.14 29.96
CA SER D 144 -8.68 16.95 31.09
C SER D 144 -7.67 18.07 31.32
N LYS D 145 -8.06 19.01 32.16
CA LYS D 145 -7.20 20.13 32.52
C LYS D 145 -7.73 20.75 33.81
N PHE D 146 -6.82 20.95 34.77
CA PHE D 146 -7.17 21.53 36.06
C PHE D 146 -6.81 23.01 36.04
N ARG D 147 -7.83 23.87 36.12
CA ARG D 147 -7.67 25.31 36.05
C ARG D 147 -7.70 25.98 37.42
N GLY D 148 -7.76 25.18 38.49
CA GLY D 148 -7.78 25.72 39.84
C GLY D 148 -9.14 25.65 40.50
N LYS D 149 -10.04 26.55 40.10
CA LYS D 149 -11.39 26.54 40.66
C LYS D 149 -12.15 25.28 40.26
N TYR D 150 -11.96 24.81 39.03
CA TYR D 150 -12.69 23.66 38.52
C TYR D 150 -11.74 22.78 37.71
N LEU D 151 -12.19 21.55 37.49
CA LEU D 151 -11.51 20.55 36.67
C LEU D 151 -12.34 20.31 35.43
N SER D 152 -11.82 20.71 34.27
CA SER D 152 -12.53 20.54 33.01
C SER D 152 -12.15 19.18 32.43
N ILE D 153 -13.15 18.41 32.01
CA ILE D 153 -12.97 17.10 31.42
C ILE D 153 -13.75 17.06 30.11
N MET D 154 -13.06 16.76 29.02
CA MET D 154 -13.67 16.71 27.70
C MET D 154 -13.53 15.30 27.16
N PRO D 155 -14.55 14.45 27.30
CA PRO D 155 -14.46 13.10 26.74
C PRO D 155 -14.54 13.10 25.22
N LEU D 156 -13.41 13.31 24.55
CA LEU D 156 -13.41 13.37 23.09
C LEU D 156 -13.79 12.01 22.50
N GLY D 157 -14.36 12.05 21.31
CA GLY D 157 -14.76 10.84 20.63
C GLY D 157 -16.14 10.93 20.00
N THR D 158 -16.47 9.96 19.15
CA THR D 158 -17.74 9.91 18.45
C THR D 158 -18.46 8.62 18.80
N ILE D 159 -19.75 8.73 19.11
CA ILE D 159 -20.57 7.58 19.47
C ILE D 159 -21.51 7.29 18.30
N HIS D 160 -21.63 6.01 17.97
CA HIS D 160 -22.45 5.51 16.88
C HIS D 160 -23.56 4.63 17.44
N CYS D 161 -24.70 4.66 16.76
CA CYS D 161 -25.87 3.85 17.13
C CYS D 161 -26.51 3.38 15.84
N ILE D 162 -26.46 2.08 15.58
CA ILE D 162 -26.94 1.48 14.34
C ILE D 162 -28.26 0.78 14.62
N PHE D 163 -29.18 0.87 13.66
CA PHE D 163 -30.45 0.14 13.68
C PHE D 163 -30.50 -0.77 12.47
N HIS D 164 -30.42 -2.08 12.71
CA HIS D 164 -30.27 -3.04 11.62
C HIS D 164 -31.49 -3.08 10.71
N ALA D 165 -32.68 -2.86 11.25
CA ALA D 165 -33.89 -2.98 10.45
C ALA D 165 -33.96 -1.91 9.36
N THR D 166 -33.65 -0.66 9.72
CA THR D 166 -33.75 0.45 8.78
C THR D 166 -32.40 0.95 8.27
N GLY D 167 -31.30 0.57 8.90
CA GLY D 167 -30.01 1.07 8.48
C GLY D 167 -29.68 2.44 9.03
N HIS D 168 -30.48 2.95 9.96
CA HIS D 168 -30.24 4.27 10.53
C HIS D 168 -28.97 4.26 11.36
N HIS D 169 -28.07 5.20 11.06
CA HIS D 169 -26.78 5.33 11.71
C HIS D 169 -26.73 6.71 12.37
N TYR D 170 -26.97 6.76 13.67
CA TYR D 170 -26.90 8.00 14.42
C TYR D 170 -25.49 8.17 14.96
N THR D 171 -24.99 9.41 14.91
CA THR D 171 -23.65 9.72 15.41
C THR D 171 -23.70 11.01 16.21
N TRP D 172 -22.98 11.04 17.32
CA TRP D 172 -22.93 12.24 18.13
C TRP D 172 -21.71 12.22 19.03
N LYS D 173 -21.24 13.40 19.40
CA LYS D 173 -20.11 13.54 20.30
C LYS D 173 -20.62 13.78 21.72
N LYS D 174 -19.72 13.64 22.69
CA LYS D 174 -20.11 13.88 24.07
C LYS D 174 -19.99 15.37 24.39
N VAL D 175 -20.36 15.75 25.61
CA VAL D 175 -20.34 17.14 26.03
C VAL D 175 -19.34 17.28 27.17
N THR D 176 -18.80 18.50 27.33
CA THR D 176 -17.78 18.73 28.35
C THR D 176 -18.40 18.82 29.73
N THR D 177 -17.71 18.18 30.69
CA THR D 177 -18.14 18.03 32.07
C THR D 177 -17.10 18.69 32.97
N THR D 178 -17.56 19.49 33.93
CA THR D 178 -16.65 20.17 34.83
C THR D 178 -17.01 19.89 36.27
N VAL D 179 -15.98 19.68 37.09
CA VAL D 179 -16.13 19.39 38.51
C VAL D 179 -15.60 20.57 39.31
N HIS D 180 -16.44 21.13 40.18
CA HIS D 180 -16.10 22.34 40.90
C HIS D 180 -15.89 22.07 42.37
N ASN D 181 -15.39 23.10 43.06
CA ASN D 181 -15.27 23.12 44.52
C ASN D 181 -14.30 22.04 45.01
N ILE D 182 -13.06 22.13 44.56
CA ILE D 182 -12.03 21.19 44.99
C ILE D 182 -11.34 21.69 46.25
N ILE D 183 -11.23 23.00 46.43
CA ILE D 183 -10.52 23.55 47.57
C ILE D 183 -11.22 23.19 48.87
N VAL D 184 -12.55 23.30 48.90
CA VAL D 184 -13.31 22.99 50.11
C VAL D 184 -13.33 21.49 50.35
N GLY D 185 -13.78 20.73 49.37
CA GLY D 185 -13.90 19.30 49.52
C GLY D 185 -15.24 18.82 49.03
N LYS D 186 -16.27 19.65 49.20
CA LYS D 186 -17.62 19.30 48.76
C LYS D 186 -17.63 19.40 47.23
N LEU D 187 -17.68 18.26 46.54
CA LEU D 187 -17.63 18.29 45.08
C LEU D 187 -19.02 18.33 44.45
N TRP D 188 -19.12 19.01 43.31
CA TRP D 188 -20.33 19.01 42.51
C TRP D 188 -19.95 19.13 41.04
N ILE D 189 -20.78 18.54 40.19
CA ILE D 189 -20.48 18.43 38.77
C ILE D 189 -21.51 19.19 37.95
N ASP D 190 -21.10 19.63 36.76
CA ASP D 190 -21.99 20.34 35.86
C ASP D 190 -21.53 20.11 34.42
N GLN D 191 -22.48 19.84 33.53
CA GLN D 191 -22.20 19.70 32.11
C GLN D 191 -22.58 20.98 31.38
N SER D 192 -21.87 21.23 30.27
CA SER D 192 -22.15 22.45 29.52
C SER D 192 -21.75 22.24 28.07
N GLY D 193 -22.57 22.74 27.14
CA GLY D 193 -22.17 22.59 25.75
C GLY D 193 -23.33 22.18 24.88
N GLU D 194 -23.00 21.55 23.76
CA GLU D 194 -24.01 21.11 22.80
C GLU D 194 -23.69 19.72 22.27
N ILE D 195 -24.73 18.90 22.15
CA ILE D 195 -24.67 17.59 21.54
C ILE D 195 -25.39 17.67 20.20
N ASP D 196 -24.72 17.25 19.13
CA ASP D 196 -25.27 17.35 17.79
C ASP D 196 -25.38 15.95 17.18
N ILE D 197 -26.60 15.42 17.14
CA ILE D 197 -26.86 14.11 16.58
C ILE D 197 -27.20 14.26 15.10
N VAL D 198 -26.68 13.34 14.28
CA VAL D 198 -26.91 13.31 12.84
C VAL D 198 -27.22 11.89 12.42
N ASN D 199 -28.31 11.74 11.65
CA ASN D 199 -28.67 10.46 11.04
C ASN D 199 -28.16 10.49 9.60
N HIS D 200 -27.22 9.61 9.29
CA HIS D 200 -26.59 9.62 7.98
C HIS D 200 -27.41 8.89 6.91
N LYS D 201 -28.36 8.05 7.32
CA LYS D 201 -29.18 7.33 6.34
C LYS D 201 -30.33 8.19 5.83
N THR D 202 -30.95 8.99 6.69
CA THR D 202 -32.08 9.82 6.29
C THR D 202 -31.76 11.30 6.19
N GLY D 203 -30.76 11.78 6.92
CA GLY D 203 -30.45 13.19 6.95
C GLY D 203 -31.10 13.98 8.06
N ASP D 204 -31.79 13.33 9.01
CA ASP D 204 -32.36 14.06 10.13
C ASP D 204 -31.26 14.54 11.07
N LYS D 205 -31.50 15.67 11.73
CA LYS D 205 -30.54 16.22 12.65
C LYS D 205 -31.22 16.56 13.97
N CYS D 206 -30.40 16.68 15.02
CA CYS D 206 -30.89 17.03 16.35
C CYS D 206 -29.83 17.82 17.08
N ASN D 207 -30.26 18.89 17.76
CA ASN D 207 -29.35 19.76 18.49
C ASN D 207 -29.82 19.87 19.94
N LEU D 208 -28.96 19.50 20.88
CA LEU D 208 -29.21 19.59 22.31
C LEU D 208 -28.25 20.59 22.94
N LYS D 209 -28.79 21.46 23.79
CA LYS D 209 -28.02 22.50 24.48
C LYS D 209 -28.11 22.27 25.98
N PHE D 210 -26.95 22.02 26.59
CA PHE D 210 -26.76 21.90 28.03
C PHE D 210 -26.29 23.24 28.59
N VAL D 211 -27.10 23.87 29.42
CA VAL D 211 -26.78 25.17 30.00
C VAL D 211 -25.96 25.00 31.29
N PRO D 212 -24.83 25.70 31.41
CA PRO D 212 -24.04 25.62 32.64
C PRO D 212 -24.70 26.35 33.81
N TYR D 213 -24.26 25.98 35.02
CA TYR D 213 -24.76 26.62 36.23
C TYR D 213 -24.24 28.06 36.35
N SER D 214 -25.18 28.99 36.55
CA SER D 214 -24.86 30.38 36.81
C SER D 214 -25.53 30.80 38.11
N TYR D 215 -24.93 31.78 38.79
CA TYR D 215 -25.50 32.23 40.05
C TYR D 215 -26.84 32.93 39.85
N PHE D 216 -26.95 33.76 38.81
CA PHE D 216 -28.21 34.45 38.49
C PHE D 216 -29.34 33.49 38.09
N SER D 217 -29.08 32.18 38.20
CA SER D 217 -30.02 31.10 37.92
C SER D 217 -31.11 31.44 36.91
N ARG D 218 -30.79 31.29 35.62
CA ARG D 218 -31.77 31.57 34.57
C ARG D 218 -32.71 30.38 34.52
N ASP D 219 -33.86 30.51 35.18
CA ASP D 219 -34.91 29.48 35.17
C ASP D 219 -34.41 28.22 35.88
N VAL D 220 -34.75 27.05 35.36
CA VAL D 220 -34.36 25.79 36.01
C VAL D 220 -32.87 25.53 35.90
N ALA D 221 -32.33 24.91 36.96
CA ALA D 221 -30.96 24.45 37.01
C ALA D 221 -30.79 23.16 36.23
N ARG D 222 -29.65 23.00 35.55
CA ARG D 222 -29.34 21.78 34.79
C ARG D 222 -30.35 21.55 33.67
N LYS D 223 -30.75 22.64 33.02
CA LYS D 223 -31.75 22.58 31.96
C LYS D 223 -31.13 22.12 30.65
N VAL D 224 -31.91 21.40 29.85
CA VAL D 224 -31.49 20.91 28.55
C VAL D 224 -32.60 21.24 27.56
N THR D 225 -32.24 21.97 26.50
CA THR D 225 -33.17 22.32 25.44
C THR D 225 -32.75 21.61 24.15
N GLY D 226 -33.71 21.35 23.27
CA GLY D 226 -33.37 20.62 22.07
C GLY D 226 -34.34 20.83 20.93
N GLU D 227 -33.86 20.53 19.73
CA GLU D 227 -34.69 20.62 18.53
C GLU D 227 -34.34 19.45 17.61
N VAL D 228 -35.37 18.84 17.04
CA VAL D 228 -35.23 17.75 16.08
C VAL D 228 -35.76 18.23 14.73
N THR D 229 -34.86 18.30 13.75
CA THR D 229 -35.12 18.89 12.44
C THR D 229 -34.93 17.86 11.33
N ASP D 230 -35.68 18.05 10.25
CA ASP D 230 -35.56 17.22 9.06
C ASP D 230 -34.44 17.74 8.18
N PRO D 231 -34.02 16.97 7.16
CA PRO D 231 -32.95 17.46 6.28
C PRO D 231 -33.29 18.76 5.56
N SER D 232 -34.56 19.07 5.36
CA SER D 232 -34.97 20.33 4.75
C SER D 232 -34.64 21.50 5.67
N GLY D 233 -35.42 21.65 6.73
CA GLY D 233 -35.17 22.71 7.69
C GLY D 233 -36.25 22.85 8.72
N LYS D 234 -37.22 21.93 8.72
CA LYS D 234 -38.36 22.11 9.60
C LYS D 234 -38.10 21.45 10.95
N VAL D 235 -38.57 22.12 12.00
CA VAL D 235 -38.36 21.68 13.38
C VAL D 235 -39.53 20.81 13.75
N HIS D 236 -39.65 19.64 13.10
CA HIS D 236 -40.68 18.69 13.44
C HIS D 236 -40.84 18.53 14.95
N PHE D 237 -39.81 18.08 15.65
CA PHE D 237 -39.96 17.88 17.09
C PHE D 237 -39.15 18.89 17.91
N ALA D 238 -39.59 19.05 19.16
CA ALA D 238 -38.94 19.94 20.12
C ALA D 238 -38.69 19.17 21.39
N LEU D 239 -37.59 19.47 22.07
CA LEU D 239 -37.15 18.73 23.24
C LEU D 239 -36.93 19.66 24.42
N LEU D 240 -37.31 19.21 25.61
CA LEU D 240 -37.06 20.02 26.80
C LEU D 240 -36.94 19.10 27.99
N GLY D 241 -36.19 19.55 28.99
CA GLY D 241 -36.08 18.78 30.21
C GLY D 241 -34.88 19.23 31.02
N THR D 242 -34.50 18.36 31.96
CA THR D 242 -33.32 18.61 32.78
C THR D 242 -32.56 17.29 32.93
N TRP D 243 -31.24 17.34 32.75
CA TRP D 243 -30.45 16.12 32.95
C TRP D 243 -30.37 15.74 34.41
N ASP D 244 -31.06 16.47 35.29
CA ASP D 244 -31.13 16.14 36.71
C ASP D 244 -32.26 15.15 37.00
N GLU D 245 -33.31 15.12 36.19
CA GLU D 245 -34.43 14.26 36.51
C GLU D 245 -35.04 13.64 35.25
N LYS D 246 -35.76 14.45 34.47
CA LYS D 246 -36.57 13.95 33.37
C LYS D 246 -36.20 14.64 32.05
N MET D 247 -36.72 14.09 30.95
CA MET D 247 -36.50 14.63 29.60
C MET D 247 -37.65 14.23 28.70
N GLU D 248 -38.34 15.21 28.12
CA GLU D 248 -39.52 14.95 27.31
C GLU D 248 -39.39 15.58 25.92
N CYS D 249 -40.05 14.95 24.95
CA CYS D 249 -40.03 15.35 23.55
C CYS D 249 -41.46 15.65 23.10
N PHE D 250 -41.72 16.93 22.80
CA PHE D 250 -43.02 17.37 22.33
C PHE D 250 -42.99 17.60 20.82
N LYS D 251 -44.17 17.90 20.28
CA LYS D 251 -44.38 18.12 18.86
C LYS D 251 -44.82 19.54 18.60
N VAL D 252 -44.38 20.09 17.47
CA VAL D 252 -44.68 21.47 17.09
C VAL D 252 -45.56 21.47 15.85
N GLN D 253 -46.34 22.54 15.70
CA GLN D 253 -47.23 22.68 14.56
C GLN D 253 -47.24 24.12 14.06
N SER D 273 -47.94 15.81 21.64
CA SER D 273 -47.28 16.81 22.50
C SER D 273 -46.40 16.14 23.54
N ARG D 274 -46.21 14.83 23.40
CA ARG D 274 -45.35 14.04 24.28
C ARG D 274 -45.21 12.65 23.68
N VAL D 275 -44.01 12.29 23.22
CA VAL D 275 -43.77 11.03 22.54
C VAL D 275 -42.73 10.18 23.25
N MET D 276 -41.70 10.81 23.78
CA MET D 276 -40.56 10.08 24.32
C MET D 276 -40.16 10.74 25.62
N LEU D 277 -40.54 10.07 26.70
CA LEU D 277 -40.29 10.55 28.04
C LEU D 277 -39.24 9.67 28.69
N TRP D 278 -38.30 10.31 29.36
CA TRP D 278 -37.23 9.62 30.03
C TRP D 278 -37.31 10.02 31.50
N LYS D 279 -37.42 9.04 32.37
CA LYS D 279 -37.44 9.26 33.80
C LYS D 279 -36.23 8.58 34.41
N ARG D 280 -35.52 9.32 35.26
CA ARG D 280 -34.32 8.78 35.88
C ARG D 280 -34.69 7.76 36.95
N ASN D 281 -33.96 6.66 36.97
CA ASN D 281 -34.17 5.67 38.02
C ASN D 281 -33.53 6.16 39.32
N PRO D 282 -34.24 6.13 40.44
CA PRO D 282 -33.67 6.63 41.69
C PRO D 282 -32.58 5.71 42.19
N LEU D 283 -31.72 6.26 43.06
CA LEU D 283 -30.64 5.47 43.62
C LEU D 283 -31.22 4.45 44.61
N PRO D 284 -30.58 3.27 44.72
CA PRO D 284 -31.10 2.24 45.64
C PRO D 284 -30.97 2.64 47.10
N LYS D 285 -31.48 1.79 47.99
CA LYS D 285 -31.47 2.11 49.42
C LYS D 285 -30.04 2.16 49.95
N ASN D 286 -29.81 3.09 50.87
CA ASN D 286 -28.51 3.29 51.51
C ASN D 286 -27.39 3.52 50.50
N ALA D 287 -27.73 4.09 49.34
CA ALA D 287 -26.72 4.43 48.36
C ALA D 287 -25.90 5.65 48.77
N GLU D 288 -26.27 6.33 49.86
CA GLU D 288 -25.54 7.51 50.30
C GLU D 288 -24.12 7.15 50.73
N ASN D 289 -23.93 5.95 51.26
CA ASN D 289 -22.61 5.50 51.71
C ASN D 289 -21.95 4.53 50.74
N MET D 290 -22.58 4.25 49.60
CA MET D 290 -22.01 3.33 48.61
C MET D 290 -21.58 4.09 47.36
N TYR D 291 -20.86 5.21 47.55
CA TYR D 291 -20.35 6.03 46.46
C TYR D 291 -21.45 6.55 45.54
N TYR D 292 -22.69 6.63 46.06
CA TYR D 292 -23.85 7.06 45.29
C TYR D 292 -24.03 6.24 44.02
N PHE D 293 -23.69 4.96 44.08
CA PHE D 293 -23.82 4.09 42.92
C PHE D 293 -25.29 3.87 42.56
N SER D 294 -25.57 3.84 41.27
CA SER D 294 -26.90 3.51 40.80
C SER D 294 -27.18 2.02 41.03
N GLU D 295 -28.42 1.63 40.73
CA GLU D 295 -28.79 0.22 40.87
C GLU D 295 -28.00 -0.65 39.92
N LEU D 296 -27.61 -0.12 38.76
CA LEU D 296 -26.79 -0.86 37.82
C LEU D 296 -25.30 -0.80 38.18
N ALA D 297 -24.85 0.32 38.73
CA ALA D 297 -23.43 0.48 39.06
C ALA D 297 -22.97 -0.47 40.14
N LEU D 298 -23.88 -0.97 40.98
CA LEU D 298 -23.49 -1.89 42.04
C LEU D 298 -23.09 -3.23 41.47
N THR D 299 -23.83 -3.73 40.49
CA THR D 299 -23.62 -5.05 39.90
C THR D 299 -22.48 -5.09 38.90
N LEU D 300 -21.77 -3.97 38.70
CA LEU D 300 -20.75 -3.92 37.65
C LEU D 300 -19.48 -4.67 38.08
N ASN D 301 -19.02 -4.45 39.31
CA ASN D 301 -17.79 -5.06 39.80
C ASN D 301 -18.05 -6.34 40.59
N ALA D 302 -19.16 -7.02 40.33
CA ALA D 302 -19.43 -8.31 40.94
C ALA D 302 -18.73 -9.43 40.17
N TRP D 303 -18.18 -10.38 40.90
CA TRP D 303 -17.40 -11.46 40.28
C TRP D 303 -18.27 -12.26 39.32
N GLU D 304 -17.69 -12.57 38.15
CA GLU D 304 -18.39 -13.32 37.11
C GLU D 304 -17.48 -14.42 36.58
N SER D 305 -18.08 -15.53 36.20
CA SER D 305 -17.36 -16.69 35.70
C SER D 305 -17.22 -16.65 34.18
N GLY D 306 -16.11 -17.22 33.70
CA GLY D 306 -15.88 -17.31 32.27
C GLY D 306 -15.31 -16.05 31.65
N THR D 307 -14.80 -15.13 32.46
CA THR D 307 -14.28 -13.88 31.98
C THR D 307 -12.80 -13.97 31.62
N ALA D 308 -12.33 -12.97 30.88
CA ALA D 308 -10.93 -12.86 30.52
C ALA D 308 -10.09 -12.52 31.75
N PRO D 309 -8.82 -12.93 31.77
CA PRO D 309 -7.96 -12.58 32.92
C PRO D 309 -7.65 -11.09 33.03
N THR D 310 -7.94 -10.30 32.00
CA THR D 310 -7.69 -8.86 32.02
C THR D 310 -8.95 -8.05 32.30
N ASP D 311 -10.02 -8.69 32.74
CA ASP D 311 -11.26 -7.97 33.02
C ASP D 311 -11.12 -7.11 34.27
N SER D 312 -11.89 -6.03 34.31
CA SER D 312 -11.80 -5.10 35.43
C SER D 312 -12.22 -5.74 36.76
N ARG D 313 -13.03 -6.80 36.71
CA ARG D 313 -13.40 -7.49 37.94
C ARG D 313 -12.22 -8.16 38.62
N LEU D 314 -11.14 -8.43 37.89
CA LEU D 314 -9.94 -9.07 38.44
C LEU D 314 -8.84 -8.08 38.77
N ARG D 315 -9.08 -6.78 38.61
CA ARG D 315 -8.06 -5.78 38.91
C ARG D 315 -7.80 -5.79 40.42
N PRO D 316 -6.55 -6.02 40.87
CA PRO D 316 -6.31 -6.21 42.30
C PRO D 316 -6.50 -4.95 43.16
N ASP D 317 -5.94 -3.82 42.74
CA ASP D 317 -6.05 -2.61 43.56
C ASP D 317 -7.49 -2.15 43.66
N GLN D 318 -8.25 -2.26 42.57
CA GLN D 318 -9.64 -1.81 42.56
C GLN D 318 -10.47 -2.64 43.55
N ARG D 319 -10.32 -3.96 43.52
CA ARG D 319 -11.05 -4.79 44.48
C ARG D 319 -10.53 -4.58 45.90
N LEU D 320 -9.24 -4.30 46.05
CA LEU D 320 -8.70 -4.00 47.36
C LEU D 320 -9.28 -2.72 47.93
N MET D 321 -9.62 -1.77 47.05
CA MET D 321 -10.22 -0.53 47.53
C MET D 321 -11.71 -0.70 47.75
N GLU D 322 -12.35 -1.59 47.00
CA GLU D 322 -13.79 -1.80 47.16
C GLU D 322 -14.13 -2.33 48.54
N ASN D 323 -13.28 -3.21 49.08
CA ASN D 323 -13.51 -3.80 50.39
C ASN D 323 -13.00 -2.93 51.53
N GLY D 324 -12.59 -1.70 51.26
CA GLY D 324 -12.15 -0.78 52.29
C GLY D 324 -10.68 -0.86 52.62
N ARG D 325 -9.91 -1.68 51.90
CA ARG D 325 -8.48 -1.86 52.14
C ARG D 325 -7.72 -0.83 51.31
N TRP D 326 -7.84 0.43 51.74
CA TRP D 326 -7.29 1.54 50.98
C TRP D 326 -5.75 1.57 51.07
N ASP D 327 -5.23 1.72 52.29
CA ASP D 327 -3.78 1.80 52.49
C ASP D 327 -3.01 0.76 51.66
N GLU D 328 -3.50 -0.47 51.58
CA GLU D 328 -2.85 -1.49 50.77
C GLU D 328 -3.16 -1.31 49.28
N ALA D 329 -4.32 -0.74 48.97
CA ALA D 329 -4.69 -0.48 47.58
C ALA D 329 -3.76 0.53 46.94
N ASN D 330 -3.26 1.50 47.72
CA ASN D 330 -2.32 2.46 47.15
C ASN D 330 -1.04 1.77 46.70
N ALA D 331 -0.51 0.86 47.53
CA ALA D 331 0.70 0.14 47.17
C ALA D 331 0.44 -0.78 45.99
N GLU D 332 -0.74 -1.40 45.93
CA GLU D 332 -1.04 -2.27 44.80
C GLU D 332 -1.17 -1.48 43.50
N LYS D 333 -1.73 -0.27 43.57
CA LYS D 333 -1.78 0.56 42.38
C LYS D 333 -0.38 0.98 41.95
N GLN D 334 0.50 1.26 42.93
CA GLN D 334 1.87 1.58 42.57
C GLN D 334 2.55 0.40 41.87
N ARG D 335 2.27 -0.83 42.34
CA ARG D 335 2.85 -2.01 41.71
C ARG D 335 2.34 -2.17 40.27
N LEU D 336 1.04 -2.03 40.07
CA LEU D 336 0.49 -2.17 38.72
C LEU D 336 1.03 -1.09 37.79
N GLU D 337 1.15 0.15 38.28
CA GLU D 337 1.66 1.21 37.43
C GLU D 337 3.12 0.98 37.06
N GLU D 338 3.93 0.49 38.02
CA GLU D 338 5.34 0.23 37.71
C GLU D 338 5.51 -0.96 36.77
N LYS D 339 4.64 -1.97 36.91
CA LYS D 339 4.64 -3.12 36.00
C LYS D 339 4.33 -2.67 34.58
N GLN D 340 3.30 -1.84 34.43
CA GLN D 340 2.94 -1.34 33.11
C GLN D 340 4.05 -0.46 32.55
N ARG D 341 4.72 0.30 33.42
CA ARG D 341 5.84 1.13 32.97
C ARG D 341 6.99 0.28 32.47
N LEU D 342 7.31 -0.80 33.18
CA LEU D 342 8.39 -1.68 32.73
C LEU D 342 8.03 -2.35 31.40
N SER D 343 6.77 -2.72 31.23
CA SER D 343 6.36 -3.28 29.94
C SER D 343 6.49 -2.26 28.82
N ARG D 344 6.17 -1.00 29.10
CA ARG D 344 6.31 0.04 28.06
C ARG D 344 7.78 0.30 27.75
N LYS D 345 8.64 0.28 28.77
CA LYS D 345 10.06 0.43 28.53
C LYS D 345 10.62 -0.73 27.71
N LYS D 346 10.09 -1.94 27.92
CA LYS D 346 10.50 -3.07 27.09
C LYS D 346 10.07 -2.88 25.64
N ARG D 347 8.86 -2.35 25.45
CA ARG D 347 8.39 -2.07 24.09
C ARG D 347 9.29 -1.04 23.40
N GLU D 348 9.67 0.00 24.15
CA GLU D 348 10.54 1.04 23.60
C GLU D 348 11.92 0.50 23.28
N ALA D 349 12.43 -0.40 24.13
CA ALA D 349 13.74 -0.99 23.86
C ALA D 349 13.70 -1.88 22.63
N GLU D 350 12.60 -2.63 22.45
CA GLU D 350 12.44 -3.43 21.24
C GLU D 350 12.43 -2.53 20.00
N ALA D 351 11.74 -1.39 20.08
CA ALA D 351 11.71 -0.49 18.94
C ALA D 351 13.10 0.13 18.68
N MET D 352 13.85 0.41 19.74
CA MET D 352 15.18 0.99 19.57
C MET D 352 16.14 -0.02 18.96
N LYS D 353 16.01 -1.31 19.33
CA LYS D 353 16.83 -2.33 18.69
C LYS D 353 16.44 -2.50 17.22
N ALA D 354 15.13 -2.50 16.93
CA ALA D 354 14.68 -2.72 15.56
C ALA D 354 15.07 -1.56 14.63
N THR D 355 15.12 -0.33 15.15
CA THR D 355 15.47 0.78 14.26
C THR D 355 16.96 0.81 13.92
N GLU D 356 17.83 0.35 14.81
CA GLU D 356 19.26 0.32 14.52
C GLU D 356 19.68 -0.93 13.76
N ASP D 357 19.05 -2.07 14.03
CA ASP D 357 19.38 -3.29 13.29
C ASP D 357 18.77 -3.31 11.90
N GLY D 358 17.89 -2.37 11.57
CA GLY D 358 17.19 -2.35 10.31
C GLY D 358 16.02 -3.29 10.19
N THR D 359 15.75 -4.10 11.21
CA THR D 359 14.61 -5.00 11.16
C THR D 359 13.31 -4.21 11.34
N PRO D 360 12.23 -4.64 10.71
CA PRO D 360 10.94 -3.96 10.89
C PRO D 360 10.42 -4.09 12.31
N TYR D 361 9.60 -3.12 12.70
CA TYR D 361 9.02 -3.10 14.03
C TYR D 361 7.51 -2.91 13.93
N ASP D 362 6.76 -3.81 14.58
CA ASP D 362 5.32 -3.74 14.65
C ASP D 362 4.88 -3.29 16.05
N PRO D 363 4.32 -2.10 16.21
CA PRO D 363 3.98 -1.61 17.56
C PRO D 363 2.81 -2.32 18.20
N TYR D 364 2.42 -1.86 19.40
CA TYR D 364 1.32 -2.47 20.13
C TYR D 364 0.00 -2.21 19.42
N LYS D 365 -0.82 -3.26 19.36
CA LYS D 365 -2.15 -3.18 18.76
C LYS D 365 -3.19 -3.75 19.72
N ALA D 366 -4.40 -3.20 19.63
CA ALA D 366 -5.48 -3.66 20.49
C ALA D 366 -5.83 -5.11 20.20
N LEU D 367 -6.36 -5.80 21.22
CA LEU D 367 -6.62 -7.23 21.10
C LEU D 367 -7.99 -7.50 20.47
N TRP D 368 -9.05 -6.95 21.05
CA TRP D 368 -10.41 -7.23 20.61
C TRP D 368 -10.99 -6.13 19.74
N PHE D 369 -10.21 -5.10 19.43
CA PHE D 369 -10.64 -4.02 18.56
C PHE D 369 -9.57 -3.77 17.51
N GLU D 370 -10.01 -3.37 16.32
CA GLU D 370 -9.12 -3.07 15.20
C GLU D 370 -9.30 -1.59 14.85
N ARG D 371 -8.18 -0.89 14.69
CA ARG D 371 -8.21 0.54 14.43
C ARG D 371 -8.30 0.75 12.92
N LYS D 372 -9.51 0.95 12.42
CA LYS D 372 -9.72 1.19 11.00
C LYS D 372 -10.46 2.50 10.78
N LYS D 373 -10.49 2.90 9.51
CA LYS D 373 -11.20 4.11 9.11
C LYS D 373 -12.71 3.83 9.04
N ASP D 374 -13.48 4.59 9.79
CA ASP D 374 -14.93 4.42 9.79
C ASP D 374 -15.51 4.89 8.46
N PRO D 375 -16.34 4.07 7.80
CA PRO D 375 -16.82 4.46 6.46
C PRO D 375 -17.80 5.63 6.47
N VAL D 376 -18.41 5.97 7.60
CA VAL D 376 -19.40 7.04 7.64
C VAL D 376 -18.82 8.33 8.22
N THR D 377 -17.98 8.24 9.26
CA THR D 377 -17.40 9.42 9.87
C THR D 377 -16.02 9.75 9.33
N LYS D 378 -15.44 8.87 8.52
CA LYS D 378 -14.14 9.10 7.86
C LYS D 378 -13.05 9.41 8.88
N GLU D 379 -13.10 8.74 10.04
CA GLU D 379 -12.14 8.97 11.11
C GLU D 379 -11.59 7.64 11.61
N LEU D 380 -10.33 7.67 12.03
CA LEU D 380 -9.61 6.50 12.52
C LEU D 380 -10.17 6.07 13.88
N THR D 381 -11.08 5.10 13.88
CA THR D 381 -11.67 4.63 15.13
C THR D 381 -11.46 3.13 15.30
N HIS D 382 -11.57 2.69 16.56
CA HIS D 382 -11.45 1.29 16.92
C HIS D 382 -12.82 0.61 16.81
N ILE D 383 -12.92 -0.38 15.92
CA ILE D 383 -14.15 -1.13 15.70
C ILE D 383 -13.97 -2.53 16.29
N TYR D 384 -15.05 -3.05 16.88
CA TYR D 384 -15.00 -4.39 17.47
C TYR D 384 -14.82 -5.43 16.38
N ARG D 385 -13.80 -6.29 16.53
CA ARG D 385 -13.55 -7.29 15.50
C ARG D 385 -14.55 -8.44 15.53
N GLY D 386 -15.07 -8.80 16.71
CA GLY D 386 -16.05 -9.87 16.76
C GLY D 386 -15.48 -11.20 17.17
N GLU D 387 -14.60 -11.22 18.17
CA GLU D 387 -13.95 -12.45 18.57
C GLU D 387 -13.92 -12.66 20.08
N TYR D 388 -14.52 -11.77 20.87
CA TYR D 388 -14.48 -11.95 22.32
C TYR D 388 -15.49 -13.00 22.76
N TRP D 389 -16.73 -12.90 22.30
CA TRP D 389 -17.75 -13.85 22.71
C TRP D 389 -17.44 -15.26 22.22
N GLU D 390 -16.89 -15.39 21.02
CA GLU D 390 -16.48 -16.70 20.51
C GLU D 390 -15.42 -17.33 21.40
N CYS D 391 -14.41 -16.53 21.78
CA CYS D 391 -13.36 -17.05 22.67
C CYS D 391 -13.90 -17.33 24.06
N LYS D 392 -14.94 -16.59 24.48
CA LYS D 392 -15.58 -16.87 25.76
C LYS D 392 -16.34 -18.18 25.68
N GLU D 393 -16.92 -18.47 24.51
CA GLU D 393 -17.60 -19.74 24.30
C GLU D 393 -16.61 -20.89 24.35
N LYS D 394 -15.41 -20.69 23.80
CA LYS D 394 -14.41 -21.75 23.82
C LYS D 394 -13.53 -21.73 25.07
N GLN D 395 -13.54 -20.64 25.83
CA GLN D 395 -12.85 -20.56 27.13
C GLN D 395 -11.36 -20.90 26.99
N ASP D 396 -10.69 -20.14 26.13
CA ASP D 396 -9.26 -20.31 25.91
C ASP D 396 -8.44 -19.14 26.43
N TRP D 397 -8.75 -17.91 26.03
CA TRP D 397 -8.02 -16.71 26.43
C TRP D 397 -6.52 -16.91 26.30
N SER D 398 -5.81 -16.86 27.44
CA SER D 398 -4.37 -17.04 27.51
C SER D 398 -3.64 -15.98 26.71
N SER D 399 -3.88 -15.92 25.39
CA SER D 399 -3.36 -14.90 24.48
C SER D 399 -3.31 -13.49 25.07
N CYS D 400 -3.99 -13.26 26.19
CA CYS D 400 -4.04 -11.93 26.81
C CYS D 400 -2.85 -11.74 27.73
N PRO D 401 -2.26 -10.54 27.73
CA PRO D 401 -1.08 -10.30 28.58
C PRO D 401 -1.41 -10.40 30.06
N ASP D 402 -0.36 -10.56 30.84
CA ASP D 402 -0.47 -10.62 32.30
C ASP D 402 -0.51 -9.16 32.76
N ILE D 403 -1.71 -8.62 32.87
CA ILE D 403 -1.89 -7.21 33.18
C ILE D 403 -1.95 -6.95 34.68
N PHE D 404 -2.61 -7.83 35.42
CA PHE D 404 -2.75 -7.64 36.87
C PHE D 404 -1.62 -8.32 37.63
#